data_3A7M
# 
_entry.id   3A7M 
# 
_audit_conform.dict_name       mmcif_pdbx.dic 
_audit_conform.dict_version    5.397 
_audit_conform.dict_location   http://mmcif.pdb.org/dictionaries/ascii/mmcif_pdbx.dic 
# 
loop_
_database_2.database_id 
_database_2.database_code 
_database_2.pdbx_database_accession 
_database_2.pdbx_DOI 
PDB   3A7M         pdb_00003a7m 10.2210/pdb3a7m/pdb 
RCSB  RCSB028912   ?            ?                   
WWPDB D_1000028912 ?            ?                   
# 
loop_
_pdbx_audit_revision_history.ordinal 
_pdbx_audit_revision_history.data_content_type 
_pdbx_audit_revision_history.major_revision 
_pdbx_audit_revision_history.minor_revision 
_pdbx_audit_revision_history.revision_date 
1 'Structure model' 1 0 2010-04-28 
2 'Structure model' 1 1 2011-07-13 
3 'Structure model' 1 2 2024-10-16 
# 
_pdbx_audit_revision_details.ordinal             1 
_pdbx_audit_revision_details.revision_ordinal    1 
_pdbx_audit_revision_details.data_content_type   'Structure model' 
_pdbx_audit_revision_details.provider            repository 
_pdbx_audit_revision_details.type                'Initial release' 
_pdbx_audit_revision_details.description         ? 
_pdbx_audit_revision_details.details             ? 
# 
loop_
_pdbx_audit_revision_group.ordinal 
_pdbx_audit_revision_group.revision_ordinal 
_pdbx_audit_revision_group.data_content_type 
_pdbx_audit_revision_group.group 
1 2 'Structure model' 'Version format compliance' 
2 3 'Structure model' 'Data collection'           
3 3 'Structure model' 'Database references'       
4 3 'Structure model' 'Derived calculations'      
5 3 'Structure model' 'Structure summary'         
# 
loop_
_pdbx_audit_revision_category.ordinal 
_pdbx_audit_revision_category.revision_ordinal 
_pdbx_audit_revision_category.data_content_type 
_pdbx_audit_revision_category.category 
1 3 'Structure model' chem_comp_atom            
2 3 'Structure model' chem_comp_bond            
3 3 'Structure model' database_2                
4 3 'Structure model' pdbx_entry_details        
5 3 'Structure model' pdbx_modification_feature 
6 3 'Structure model' struct_conn               
# 
loop_
_pdbx_audit_revision_item.ordinal 
_pdbx_audit_revision_item.revision_ordinal 
_pdbx_audit_revision_item.data_content_type 
_pdbx_audit_revision_item.item 
1 3 'Structure model' '_database_2.pdbx_DOI'                
2 3 'Structure model' '_database_2.pdbx_database_accession' 
3 3 'Structure model' '_struct_conn.pdbx_leaving_atom_flag' 
# 
_pdbx_database_status.status_code                     REL 
_pdbx_database_status.entry_id                        3A7M 
_pdbx_database_status.recvd_initial_deposition_date   2009-09-29 
_pdbx_database_status.deposit_site                    PDBJ 
_pdbx_database_status.process_site                    PDBJ 
_pdbx_database_status.status_code_sf                  REL 
_pdbx_database_status.status_code_mr                  ? 
_pdbx_database_status.SG_entry                        ? 
_pdbx_database_status.pdb_format_compatible           Y 
_pdbx_database_status.status_code_cs                  ? 
_pdbx_database_status.status_code_nmr_data            ? 
_pdbx_database_status.methods_development_category    ? 
# 
loop_
_audit_author.name 
_audit_author.pdbx_ordinal 
_audit_author.identifier_ORCID 
'Imada, K.'     1 ? 
'Minamino, T.'  2 ? 
'Kinoshita, M.' 3 ? 
'Namba, K.'     4 ? 
# 
_citation.id                        primary 
_citation.title                     
;Structural insight into the regulatory mechanisms of interactions of the flagellar type III chaperone FliT with its binding partners.
;
_citation.journal_abbrev            Proc.Natl.Acad.Sci.USA 
_citation.journal_volume            107 
_citation.page_first                8812 
_citation.page_last                 8817 
_citation.year                      2010 
_citation.journal_id_ASTM           PNASA6 
_citation.country                   US 
_citation.journal_id_ISSN           0027-8424 
_citation.journal_id_CSD            0040 
_citation.book_publisher            ? 
_citation.pdbx_database_id_PubMed   20421493 
_citation.pdbx_database_id_DOI      10.1073/pnas.1001866107 
# 
loop_
_citation_author.citation_id 
_citation_author.name 
_citation_author.ordinal 
_citation_author.identifier_ORCID 
primary 'Imada, K.'     1 ? 
primary 'Minamino, T.'  2 ? 
primary 'Kinoshita, M.' 3 ? 
primary 'Furukawa, Y.'  4 ? 
primary 'Namba, K.'     5 ? 
# 
_entity.id                         1 
_entity.type                       polymer 
_entity.src_method                 man 
_entity.pdbx_description           'Flagellar protein fliT' 
_entity.formula_weight             13903.202 
_entity.pdbx_number_of_molecules   2 
_entity.pdbx_ec                    ? 
_entity.pdbx_mutation              ? 
_entity.pdbx_fragment              ? 
_entity.details                    ? 
# 
_entity_poly.entity_id                      1 
_entity_poly.type                           'polypeptide(L)' 
_entity_poly.nstd_linkage                   no 
_entity_poly.nstd_monomer                   yes 
_entity_poly.pdbx_seq_one_letter_code       
;(MSE)TSTVEFINRWQRIALLSQSLLELAQRGEWDLLLQQEVSYLQSIETV(MSE)EKQTPPGITRSIQD(MSE)VAGYI
KQTLDNEQLLKGLLQQRLDELSSLIGQSTRQKSLNNAYGRLSG(MSE)LLVPDAPGAS
;
_entity_poly.pdbx_seq_one_letter_code_can   
;MTSTVEFINRWQRIALLSQSLLELAQRGEWDLLLQQEVSYLQSIETVMEKQTPPGITRSIQDMVAGYIKQTLDNEQLLKG
LLQQRLDELSSLIGQSTRQKSLNNAYGRLSGMLLVPDAPGAS
;
_entity_poly.pdbx_strand_id                 A,B 
_entity_poly.pdbx_target_identifier         ? 
# 
loop_
_entity_poly_seq.entity_id 
_entity_poly_seq.num 
_entity_poly_seq.mon_id 
_entity_poly_seq.hetero 
1 1   MSE n 
1 2   THR n 
1 3   SER n 
1 4   THR n 
1 5   VAL n 
1 6   GLU n 
1 7   PHE n 
1 8   ILE n 
1 9   ASN n 
1 10  ARG n 
1 11  TRP n 
1 12  GLN n 
1 13  ARG n 
1 14  ILE n 
1 15  ALA n 
1 16  LEU n 
1 17  LEU n 
1 18  SER n 
1 19  GLN n 
1 20  SER n 
1 21  LEU n 
1 22  LEU n 
1 23  GLU n 
1 24  LEU n 
1 25  ALA n 
1 26  GLN n 
1 27  ARG n 
1 28  GLY n 
1 29  GLU n 
1 30  TRP n 
1 31  ASP n 
1 32  LEU n 
1 33  LEU n 
1 34  LEU n 
1 35  GLN n 
1 36  GLN n 
1 37  GLU n 
1 38  VAL n 
1 39  SER n 
1 40  TYR n 
1 41  LEU n 
1 42  GLN n 
1 43  SER n 
1 44  ILE n 
1 45  GLU n 
1 46  THR n 
1 47  VAL n 
1 48  MSE n 
1 49  GLU n 
1 50  LYS n 
1 51  GLN n 
1 52  THR n 
1 53  PRO n 
1 54  PRO n 
1 55  GLY n 
1 56  ILE n 
1 57  THR n 
1 58  ARG n 
1 59  SER n 
1 60  ILE n 
1 61  GLN n 
1 62  ASP n 
1 63  MSE n 
1 64  VAL n 
1 65  ALA n 
1 66  GLY n 
1 67  TYR n 
1 68  ILE n 
1 69  LYS n 
1 70  GLN n 
1 71  THR n 
1 72  LEU n 
1 73  ASP n 
1 74  ASN n 
1 75  GLU n 
1 76  GLN n 
1 77  LEU n 
1 78  LEU n 
1 79  LYS n 
1 80  GLY n 
1 81  LEU n 
1 82  LEU n 
1 83  GLN n 
1 84  GLN n 
1 85  ARG n 
1 86  LEU n 
1 87  ASP n 
1 88  GLU n 
1 89  LEU n 
1 90  SER n 
1 91  SER n 
1 92  LEU n 
1 93  ILE n 
1 94  GLY n 
1 95  GLN n 
1 96  SER n 
1 97  THR n 
1 98  ARG n 
1 99  GLN n 
1 100 LYS n 
1 101 SER n 
1 102 LEU n 
1 103 ASN n 
1 104 ASN n 
1 105 ALA n 
1 106 TYR n 
1 107 GLY n 
1 108 ARG n 
1 109 LEU n 
1 110 SER n 
1 111 GLY n 
1 112 MSE n 
1 113 LEU n 
1 114 LEU n 
1 115 VAL n 
1 116 PRO n 
1 117 ASP n 
1 118 ALA n 
1 119 PRO n 
1 120 GLY n 
1 121 ALA n 
1 122 SER n 
# 
_entity_src_gen.entity_id                          1 
_entity_src_gen.pdbx_src_id                        1 
_entity_src_gen.pdbx_alt_source_flag               sample 
_entity_src_gen.pdbx_seq_type                      ? 
_entity_src_gen.pdbx_beg_seq_num                   ? 
_entity_src_gen.pdbx_end_seq_num                   ? 
_entity_src_gen.gene_src_common_name               ? 
_entity_src_gen.gene_src_genus                     ? 
_entity_src_gen.pdbx_gene_src_gene                 'fliT, STM1962' 
_entity_src_gen.gene_src_species                   ? 
_entity_src_gen.gene_src_strain                    SJW1103 
_entity_src_gen.gene_src_tissue                    ? 
_entity_src_gen.gene_src_tissue_fraction           ? 
_entity_src_gen.gene_src_details                   ? 
_entity_src_gen.pdbx_gene_src_fragment             ? 
_entity_src_gen.pdbx_gene_src_scientific_name      'Salmonella typhimurium' 
_entity_src_gen.pdbx_gene_src_ncbi_taxonomy_id     90371 
_entity_src_gen.pdbx_gene_src_variant              ? 
_entity_src_gen.pdbx_gene_src_cell_line            ? 
_entity_src_gen.pdbx_gene_src_atcc                 ? 
_entity_src_gen.pdbx_gene_src_organ                ? 
_entity_src_gen.pdbx_gene_src_organelle            ? 
_entity_src_gen.pdbx_gene_src_cell                 ? 
_entity_src_gen.pdbx_gene_src_cellular_location    ? 
_entity_src_gen.host_org_common_name               ? 
_entity_src_gen.pdbx_host_org_scientific_name      'Escherichia coli' 
_entity_src_gen.pdbx_host_org_ncbi_taxonomy_id     562 
_entity_src_gen.host_org_genus                     ? 
_entity_src_gen.pdbx_host_org_gene                 ? 
_entity_src_gen.pdbx_host_org_organ                ? 
_entity_src_gen.host_org_species                   ? 
_entity_src_gen.pdbx_host_org_tissue               ? 
_entity_src_gen.pdbx_host_org_tissue_fraction      ? 
_entity_src_gen.pdbx_host_org_strain               'BL21(DE3) pLysS' 
_entity_src_gen.pdbx_host_org_variant              ? 
_entity_src_gen.pdbx_host_org_cell_line            ? 
_entity_src_gen.pdbx_host_org_atcc                 ? 
_entity_src_gen.pdbx_host_org_culture_collection   ? 
_entity_src_gen.pdbx_host_org_cell                 ? 
_entity_src_gen.pdbx_host_org_organelle            ? 
_entity_src_gen.pdbx_host_org_cellular_location    ? 
_entity_src_gen.pdbx_host_org_vector_type          plasmid 
_entity_src_gen.pdbx_host_org_vector               ? 
_entity_src_gen.host_org_details                   ? 
_entity_src_gen.expression_system_id               ? 
_entity_src_gen.plasmid_name                       PET3c 
_entity_src_gen.plasmid_details                    ? 
_entity_src_gen.pdbx_description                   ? 
# 
loop_
_chem_comp.id 
_chem_comp.type 
_chem_comp.mon_nstd_flag 
_chem_comp.name 
_chem_comp.pdbx_synonyms 
_chem_comp.formula 
_chem_comp.formula_weight 
ALA 'L-peptide linking' y ALANINE          ? 'C3 H7 N O2'     89.093  
ARG 'L-peptide linking' y ARGININE         ? 'C6 H15 N4 O2 1' 175.209 
ASN 'L-peptide linking' y ASPARAGINE       ? 'C4 H8 N2 O3'    132.118 
ASP 'L-peptide linking' y 'ASPARTIC ACID'  ? 'C4 H7 N O4'     133.103 
GLN 'L-peptide linking' y GLUTAMINE        ? 'C5 H10 N2 O3'   146.144 
GLU 'L-peptide linking' y 'GLUTAMIC ACID'  ? 'C5 H9 N O4'     147.129 
GLY 'peptide linking'   y GLYCINE          ? 'C2 H5 N O2'     75.067  
ILE 'L-peptide linking' y ISOLEUCINE       ? 'C6 H13 N O2'    131.173 
LEU 'L-peptide linking' y LEUCINE          ? 'C6 H13 N O2'    131.173 
LYS 'L-peptide linking' y LYSINE           ? 'C6 H15 N2 O2 1' 147.195 
MSE 'L-peptide linking' n SELENOMETHIONINE ? 'C5 H11 N O2 Se' 196.106 
PHE 'L-peptide linking' y PHENYLALANINE    ? 'C9 H11 N O2'    165.189 
PRO 'L-peptide linking' y PROLINE          ? 'C5 H9 N O2'     115.130 
SER 'L-peptide linking' y SERINE           ? 'C3 H7 N O3'     105.093 
THR 'L-peptide linking' y THREONINE        ? 'C4 H9 N O3'     119.119 
TRP 'L-peptide linking' y TRYPTOPHAN       ? 'C11 H12 N2 O2'  204.225 
TYR 'L-peptide linking' y TYROSINE         ? 'C9 H11 N O3'    181.189 
VAL 'L-peptide linking' y VALINE           ? 'C5 H11 N O2'    117.146 
# 
loop_
_pdbx_poly_seq_scheme.asym_id 
_pdbx_poly_seq_scheme.entity_id 
_pdbx_poly_seq_scheme.seq_id 
_pdbx_poly_seq_scheme.mon_id 
_pdbx_poly_seq_scheme.ndb_seq_num 
_pdbx_poly_seq_scheme.pdb_seq_num 
_pdbx_poly_seq_scheme.auth_seq_num 
_pdbx_poly_seq_scheme.pdb_mon_id 
_pdbx_poly_seq_scheme.auth_mon_id 
_pdbx_poly_seq_scheme.pdb_strand_id 
_pdbx_poly_seq_scheme.pdb_ins_code 
_pdbx_poly_seq_scheme.hetero 
A 1 1   MSE 1   1   ?   ?   ?   A . n 
A 1 2   THR 2   2   2   THR THR A . n 
A 1 3   SER 3   3   3   SER SER A . n 
A 1 4   THR 4   4   4   THR THR A . n 
A 1 5   VAL 5   5   5   VAL VAL A . n 
A 1 6   GLU 6   6   6   GLU GLU A . n 
A 1 7   PHE 7   7   7   PHE PHE A . n 
A 1 8   ILE 8   8   8   ILE ILE A . n 
A 1 9   ASN 9   9   9   ASN ASN A . n 
A 1 10  ARG 10  10  10  ARG ARG A . n 
A 1 11  TRP 11  11  11  TRP TRP A . n 
A 1 12  GLN 12  12  12  GLN GLN A . n 
A 1 13  ARG 13  13  13  ARG ARG A . n 
A 1 14  ILE 14  14  14  ILE ILE A . n 
A 1 15  ALA 15  15  15  ALA ALA A . n 
A 1 16  LEU 16  16  16  LEU LEU A . n 
A 1 17  LEU 17  17  17  LEU LEU A . n 
A 1 18  SER 18  18  18  SER SER A . n 
A 1 19  GLN 19  19  19  GLN GLN A . n 
A 1 20  SER 20  20  20  SER SER A . n 
A 1 21  LEU 21  21  21  LEU LEU A . n 
A 1 22  LEU 22  22  22  LEU LEU A . n 
A 1 23  GLU 23  23  23  GLU GLU A . n 
A 1 24  LEU 24  24  24  LEU LEU A . n 
A 1 25  ALA 25  25  25  ALA ALA A . n 
A 1 26  GLN 26  26  26  GLN GLN A . n 
A 1 27  ARG 27  27  27  ARG ARG A . n 
A 1 28  GLY 28  28  28  GLY GLY A . n 
A 1 29  GLU 29  29  29  GLU GLU A . n 
A 1 30  TRP 30  30  30  TRP TRP A . n 
A 1 31  ASP 31  31  31  ASP ASP A . n 
A 1 32  LEU 32  32  32  LEU LEU A . n 
A 1 33  LEU 33  33  33  LEU LEU A . n 
A 1 34  LEU 34  34  34  LEU LEU A . n 
A 1 35  GLN 35  35  35  GLN GLN A . n 
A 1 36  GLN 36  36  36  GLN GLN A . n 
A 1 37  GLU 37  37  37  GLU GLU A . n 
A 1 38  VAL 38  38  38  VAL VAL A . n 
A 1 39  SER 39  39  39  SER SER A . n 
A 1 40  TYR 40  40  40  TYR TYR A . n 
A 1 41  LEU 41  41  41  LEU LEU A . n 
A 1 42  GLN 42  42  42  GLN GLN A . n 
A 1 43  SER 43  43  43  SER SER A . n 
A 1 44  ILE 44  44  44  ILE ILE A . n 
A 1 45  GLU 45  45  45  GLU GLU A . n 
A 1 46  THR 46  46  46  THR THR A . n 
A 1 47  VAL 47  47  47  VAL VAL A . n 
A 1 48  MSE 48  48  48  MSE MSE A . n 
A 1 49  GLU 49  49  49  GLU GLU A . n 
A 1 50  LYS 50  50  50  LYS LYS A . n 
A 1 51  GLN 51  51  51  GLN GLN A . n 
A 1 52  THR 52  52  52  THR THR A . n 
A 1 53  PRO 53  53  53  PRO PRO A . n 
A 1 54  PRO 54  54  54  PRO PRO A . n 
A 1 55  GLY 55  55  55  GLY GLY A . n 
A 1 56  ILE 56  56  56  ILE ILE A . n 
A 1 57  THR 57  57  57  THR THR A . n 
A 1 58  ARG 58  58  58  ARG ARG A . n 
A 1 59  SER 59  59  59  SER SER A . n 
A 1 60  ILE 60  60  60  ILE ILE A . n 
A 1 61  GLN 61  61  61  GLN GLN A . n 
A 1 62  ASP 62  62  62  ASP ASP A . n 
A 1 63  MSE 63  63  63  MSE MSE A . n 
A 1 64  VAL 64  64  64  VAL VAL A . n 
A 1 65  ALA 65  65  65  ALA ALA A . n 
A 1 66  GLY 66  66  66  GLY GLY A . n 
A 1 67  TYR 67  67  67  TYR TYR A . n 
A 1 68  ILE 68  68  68  ILE ILE A . n 
A 1 69  LYS 69  69  69  LYS LYS A . n 
A 1 70  GLN 70  70  70  GLN GLN A . n 
A 1 71  THR 71  71  71  THR THR A . n 
A 1 72  LEU 72  72  72  LEU LEU A . n 
A 1 73  ASP 73  73  73  ASP ASP A . n 
A 1 74  ASN 74  74  74  ASN ASN A . n 
A 1 75  GLU 75  75  75  GLU GLU A . n 
A 1 76  GLN 76  76  76  GLN GLN A . n 
A 1 77  LEU 77  77  77  LEU LEU A . n 
A 1 78  LEU 78  78  78  LEU LEU A . n 
A 1 79  LYS 79  79  79  LYS LYS A . n 
A 1 80  GLY 80  80  80  GLY GLY A . n 
A 1 81  LEU 81  81  81  LEU LEU A . n 
A 1 82  LEU 82  82  82  LEU LEU A . n 
A 1 83  GLN 83  83  83  GLN GLN A . n 
A 1 84  GLN 84  84  84  GLN GLN A . n 
A 1 85  ARG 85  85  85  ARG ARG A . n 
A 1 86  LEU 86  86  86  LEU LEU A . n 
A 1 87  ASP 87  87  87  ASP ASP A . n 
A 1 88  GLU 88  88  88  GLU GLU A . n 
A 1 89  LEU 89  89  89  LEU LEU A . n 
A 1 90  SER 90  90  90  SER SER A . n 
A 1 91  SER 91  91  91  SER SER A . n 
A 1 92  LEU 92  92  92  LEU LEU A . n 
A 1 93  ILE 93  93  93  ILE ILE A . n 
A 1 94  GLY 94  94  94  GLY GLY A . n 
A 1 95  GLN 95  95  95  GLN GLN A . n 
A 1 96  SER 96  96  96  SER SER A . n 
A 1 97  THR 97  97  97  THR THR A . n 
A 1 98  ARG 98  98  98  ARG ARG A . n 
A 1 99  GLN 99  99  99  GLN GLN A . n 
A 1 100 LYS 100 100 100 LYS LYS A . n 
A 1 101 SER 101 101 101 SER SER A . n 
A 1 102 LEU 102 102 102 LEU LEU A . n 
A 1 103 ASN 103 103 103 ASN ASN A . n 
A 1 104 ASN 104 104 104 ASN ASN A . n 
A 1 105 ALA 105 105 105 ALA ALA A . n 
A 1 106 TYR 106 106 106 TYR TYR A . n 
A 1 107 GLY 107 107 107 GLY GLY A . n 
A 1 108 ARG 108 108 108 ARG ARG A . n 
A 1 109 LEU 109 109 109 LEU LEU A . n 
A 1 110 SER 110 110 110 SER SER A . n 
A 1 111 GLY 111 111 111 GLY GLY A . n 
A 1 112 MSE 112 112 112 MSE MSE A . n 
A 1 113 LEU 113 113 113 LEU LEU A . n 
A 1 114 LEU 114 114 114 LEU LEU A . n 
A 1 115 VAL 115 115 115 VAL VAL A . n 
A 1 116 PRO 116 116 116 PRO PRO A . n 
A 1 117 ASP 117 117 ?   ?   ?   A . n 
A 1 118 ALA 118 118 ?   ?   ?   A . n 
A 1 119 PRO 119 119 ?   ?   ?   A . n 
A 1 120 GLY 120 120 ?   ?   ?   A . n 
A 1 121 ALA 121 121 ?   ?   ?   A . n 
A 1 122 SER 122 122 ?   ?   ?   A . n 
B 1 1   MSE 1   1   ?   ?   ?   B . n 
B 1 2   THR 2   2   2   THR THR B . n 
B 1 3   SER 3   3   3   SER SER B . n 
B 1 4   THR 4   4   4   THR THR B . n 
B 1 5   VAL 5   5   5   VAL VAL B . n 
B 1 6   GLU 6   6   6   GLU GLU B . n 
B 1 7   PHE 7   7   7   PHE PHE B . n 
B 1 8   ILE 8   8   8   ILE ILE B . n 
B 1 9   ASN 9   9   9   ASN ASN B . n 
B 1 10  ARG 10  10  10  ARG ARG B . n 
B 1 11  TRP 11  11  11  TRP TRP B . n 
B 1 12  GLN 12  12  12  GLN GLN B . n 
B 1 13  ARG 13  13  13  ARG ARG B . n 
B 1 14  ILE 14  14  14  ILE ILE B . n 
B 1 15  ALA 15  15  15  ALA ALA B . n 
B 1 16  LEU 16  16  16  LEU LEU B . n 
B 1 17  LEU 17  17  17  LEU LEU B . n 
B 1 18  SER 18  18  18  SER SER B . n 
B 1 19  GLN 19  19  19  GLN GLN B . n 
B 1 20  SER 20  20  20  SER SER B . n 
B 1 21  LEU 21  21  21  LEU LEU B . n 
B 1 22  LEU 22  22  22  LEU LEU B . n 
B 1 23  GLU 23  23  23  GLU GLU B . n 
B 1 24  LEU 24  24  24  LEU LEU B . n 
B 1 25  ALA 25  25  25  ALA ALA B . n 
B 1 26  GLN 26  26  26  GLN GLN B . n 
B 1 27  ARG 27  27  27  ARG ARG B . n 
B 1 28  GLY 28  28  28  GLY GLY B . n 
B 1 29  GLU 29  29  29  GLU GLU B . n 
B 1 30  TRP 30  30  30  TRP TRP B . n 
B 1 31  ASP 31  31  31  ASP ASP B . n 
B 1 32  LEU 32  32  32  LEU LEU B . n 
B 1 33  LEU 33  33  33  LEU LEU B . n 
B 1 34  LEU 34  34  34  LEU LEU B . n 
B 1 35  GLN 35  35  35  GLN GLN B . n 
B 1 36  GLN 36  36  36  GLN GLN B . n 
B 1 37  GLU 37  37  37  GLU GLU B . n 
B 1 38  VAL 38  38  38  VAL VAL B . n 
B 1 39  SER 39  39  39  SER SER B . n 
B 1 40  TYR 40  40  40  TYR TYR B . n 
B 1 41  LEU 41  41  41  LEU LEU B . n 
B 1 42  GLN 42  42  42  GLN GLN B . n 
B 1 43  SER 43  43  43  SER SER B . n 
B 1 44  ILE 44  44  44  ILE ILE B . n 
B 1 45  GLU 45  45  45  GLU GLU B . n 
B 1 46  THR 46  46  46  THR THR B . n 
B 1 47  VAL 47  47  47  VAL VAL B . n 
B 1 48  MSE 48  48  48  MSE MSE B . n 
B 1 49  GLU 49  49  49  GLU GLU B . n 
B 1 50  LYS 50  50  50  LYS LYS B . n 
B 1 51  GLN 51  51  51  GLN GLN B . n 
B 1 52  THR 52  52  52  THR THR B . n 
B 1 53  PRO 53  53  53  PRO PRO B . n 
B 1 54  PRO 54  54  54  PRO PRO B . n 
B 1 55  GLY 55  55  55  GLY GLY B . n 
B 1 56  ILE 56  56  56  ILE ILE B . n 
B 1 57  THR 57  57  57  THR THR B . n 
B 1 58  ARG 58  58  58  ARG ARG B . n 
B 1 59  SER 59  59  59  SER SER B . n 
B 1 60  ILE 60  60  60  ILE ILE B . n 
B 1 61  GLN 61  61  61  GLN GLN B . n 
B 1 62  ASP 62  62  62  ASP ASP B . n 
B 1 63  MSE 63  63  63  MSE MSE B . n 
B 1 64  VAL 64  64  64  VAL VAL B . n 
B 1 65  ALA 65  65  65  ALA ALA B . n 
B 1 66  GLY 66  66  66  GLY GLY B . n 
B 1 67  TYR 67  67  67  TYR TYR B . n 
B 1 68  ILE 68  68  68  ILE ILE B . n 
B 1 69  LYS 69  69  69  LYS LYS B . n 
B 1 70  GLN 70  70  70  GLN GLN B . n 
B 1 71  THR 71  71  71  THR THR B . n 
B 1 72  LEU 72  72  72  LEU LEU B . n 
B 1 73  ASP 73  73  73  ASP ASP B . n 
B 1 74  ASN 74  74  74  ASN ASN B . n 
B 1 75  GLU 75  75  75  GLU GLU B . n 
B 1 76  GLN 76  76  76  GLN GLN B . n 
B 1 77  LEU 77  77  77  LEU LEU B . n 
B 1 78  LEU 78  78  78  LEU LEU B . n 
B 1 79  LYS 79  79  79  LYS LYS B . n 
B 1 80  GLY 80  80  80  GLY GLY B . n 
B 1 81  LEU 81  81  81  LEU LEU B . n 
B 1 82  LEU 82  82  82  LEU LEU B . n 
B 1 83  GLN 83  83  83  GLN GLN B . n 
B 1 84  GLN 84  84  84  GLN GLN B . n 
B 1 85  ARG 85  85  85  ARG ARG B . n 
B 1 86  LEU 86  86  86  LEU LEU B . n 
B 1 87  ASP 87  87  87  ASP ASP B . n 
B 1 88  GLU 88  88  88  GLU GLU B . n 
B 1 89  LEU 89  89  89  LEU LEU B . n 
B 1 90  SER 90  90  90  SER SER B . n 
B 1 91  SER 91  91  91  SER SER B . n 
B 1 92  LEU 92  92  92  LEU LEU B . n 
B 1 93  ILE 93  93  93  ILE ILE B . n 
B 1 94  GLY 94  94  94  GLY GLY B . n 
B 1 95  GLN 95  95  95  GLN GLN B . n 
B 1 96  SER 96  96  96  SER SER B . n 
B 1 97  THR 97  97  97  THR THR B . n 
B 1 98  ARG 98  98  98  ARG ARG B . n 
B 1 99  GLN 99  99  99  GLN GLN B . n 
B 1 100 LYS 100 100 100 LYS LYS B . n 
B 1 101 SER 101 101 101 SER SER B . n 
B 1 102 LEU 102 102 102 LEU LEU B . n 
B 1 103 ASN 103 103 103 ASN ASN B . n 
B 1 104 ASN 104 104 104 ASN ASN B . n 
B 1 105 ALA 105 105 105 ALA ALA B . n 
B 1 106 TYR 106 106 106 TYR TYR B . n 
B 1 107 GLY 107 107 107 GLY GLY B . n 
B 1 108 ARG 108 108 108 ARG ARG B . n 
B 1 109 LEU 109 109 109 LEU LEU B . n 
B 1 110 SER 110 110 110 SER SER B . n 
B 1 111 GLY 111 111 111 GLY GLY B . n 
B 1 112 MSE 112 112 112 MSE MSE B . n 
B 1 113 LEU 113 113 113 LEU LEU B . n 
B 1 114 LEU 114 114 114 LEU LEU B . n 
B 1 115 VAL 115 115 115 VAL VAL B . n 
B 1 116 PRO 116 116 116 PRO PRO B . n 
B 1 117 ASP 117 117 117 ASP ASP B . n 
B 1 118 ALA 118 118 118 ALA ALA B . n 
B 1 119 PRO 119 119 ?   ?   ?   B . n 
B 1 120 GLY 120 120 ?   ?   ?   B . n 
B 1 121 ALA 121 121 ?   ?   ?   B . n 
B 1 122 SER 122 122 ?   ?   ?   B . n 
# 
loop_
_software.name 
_software.classification 
_software.version 
_software.citation_id 
_software.pdbx_ordinal 
ADSC   'data collection' Quantum ? 1 
SOLVE  phasing           .       ? 2 
CNS    refinement        1.1     ? 3 
MOSFLM 'data reduction'  .       ? 4 
SCALA  'data scaling'    .       ? 5 
# 
_cell.entry_id           3A7M 
_cell.length_a           121.340 
_cell.length_b           121.340 
_cell.length_c           58.700 
_cell.angle_alpha        90.00 
_cell.angle_beta         90.00 
_cell.angle_gamma        120.00 
_cell.Z_PDB              12 
_cell.pdbx_unique_axis   ? 
_cell.length_a_esd       ? 
_cell.length_b_esd       ? 
_cell.length_c_esd       ? 
_cell.angle_alpha_esd    ? 
_cell.angle_beta_esd     ? 
_cell.angle_gamma_esd    ? 
# 
_symmetry.entry_id                         3A7M 
_symmetry.space_group_name_H-M             'P 31 2 1' 
_symmetry.pdbx_full_space_group_name_H-M   ? 
_symmetry.cell_setting                     ? 
_symmetry.Int_Tables_number                152 
_symmetry.space_group_name_Hall            ? 
# 
_exptl.entry_id          3A7M 
_exptl.method            'X-RAY DIFFRACTION' 
_exptl.crystals_number   1 
# 
_exptl_crystal.id                    1 
_exptl_crystal.density_meas          ? 
_exptl_crystal.density_Matthews      4.49 
_exptl_crystal.density_percent_sol   72.58 
_exptl_crystal.description           ? 
_exptl_crystal.F_000                 ? 
_exptl_crystal.preparation           ? 
# 
_exptl_crystal_grow.crystal_id      1 
_exptl_crystal_grow.method          'VAPOR DIFFUSION, SITTING DROP' 
_exptl_crystal_grow.temp            277 
_exptl_crystal_grow.temp_details    ? 
_exptl_crystal_grow.pH              9.5 
_exptl_crystal_grow.pdbx_details    
'1M Potassium sodium tartrate, 0.1M CHES, 0.2M Li2SO4, pH9.5, VAPOR DIFFUSION, SITTING DROP, temperature 277K' 
_exptl_crystal_grow.pdbx_pH_range   . 
# 
_diffrn.id                     1 
_diffrn.ambient_temp           35 
_diffrn.ambient_temp_details   'He gas cooling cryo system' 
_diffrn.crystal_id             1 
# 
_diffrn_detector.diffrn_id              1 
_diffrn_detector.detector               CCD 
_diffrn_detector.type                   'ADSC QUANTUM 315' 
_diffrn_detector.pdbx_collection_date   2008-01-01 
_diffrn_detector.details                ? 
# 
_diffrn_radiation.diffrn_id                        1 
_diffrn_radiation.wavelength_id                    1 
_diffrn_radiation.pdbx_monochromatic_or_laue_m_l   M 
_diffrn_radiation.monochromator                    'Double-crystal monochromator' 
_diffrn_radiation.pdbx_diffrn_protocol             'SINGLE WAVELENGTH' 
_diffrn_radiation.pdbx_scattering_type             x-ray 
# 
_diffrn_radiation_wavelength.id           1 
_diffrn_radiation_wavelength.wavelength   0.97915 
_diffrn_radiation_wavelength.wt           1.0 
# 
_diffrn_source.diffrn_id                   1 
_diffrn_source.source                      SYNCHROTRON 
_diffrn_source.type                        'SPRING-8 BEAMLINE BL41XU' 
_diffrn_source.pdbx_synchrotron_site       SPring-8 
_diffrn_source.pdbx_synchrotron_beamline   BL41XU 
_diffrn_source.pdbx_wavelength             ? 
_diffrn_source.pdbx_wavelength_list        0.97915 
# 
_reflns.entry_id                     3A7M 
_reflns.observed_criterion_sigma_I   0 
_reflns.observed_criterion_sigma_F   0 
_reflns.d_resolution_low             42.2 
_reflns.d_resolution_high            3.2 
_reflns.number_obs                   8390 
_reflns.number_all                   8390 
_reflns.percent_possible_obs         99.3 
_reflns.pdbx_Rmerge_I_obs            ? 
_reflns.pdbx_Rsym_value              0.101 
_reflns.B_iso_Wilson_estimate        70.1 
_reflns.pdbx_redundancy              3.9 
_reflns.pdbx_netI_over_sigmaI        11.1 
_reflns.R_free_details               ? 
_reflns.limit_h_max                  ? 
_reflns.limit_h_min                  ? 
_reflns.limit_k_max                  ? 
_reflns.limit_k_min                  ? 
_reflns.limit_l_max                  ? 
_reflns.limit_l_min                  ? 
_reflns.observed_criterion_F_max     ? 
_reflns.observed_criterion_F_min     ? 
_reflns.pdbx_chi_squared             ? 
_reflns.pdbx_scaling_rejects         ? 
_reflns.pdbx_diffrn_id               1 
_reflns.pdbx_ordinal                 1 
# 
_reflns_shell.d_res_high             3.2 
_reflns_shell.d_res_low              3.37 
_reflns_shell.percent_possible_all   99.9 
_reflns_shell.Rmerge_I_obs           ? 
_reflns_shell.pdbx_Rsym_value        0.402 
_reflns_shell.meanI_over_sigI_obs    2.6 
_reflns_shell.pdbx_redundancy        4 
_reflns_shell.percent_possible_obs   ? 
_reflns_shell.number_unique_all      1219 
_reflns_shell.number_measured_all    ? 
_reflns_shell.number_measured_obs    ? 
_reflns_shell.number_unique_obs      ? 
_reflns_shell.pdbx_chi_squared       ? 
_reflns_shell.pdbx_diffrn_id         ? 
_reflns_shell.pdbx_ordinal           1 
# 
_refine.entry_id                                 3A7M 
_refine.ls_number_reflns_obs                     8376 
_refine.ls_number_reflns_all                     ? 
_refine.pdbx_ls_sigma_I                          ? 
_refine.pdbx_ls_sigma_F                          0.0 
_refine.pdbx_data_cutoff_high_absF               1423711.61 
_refine.pdbx_data_cutoff_low_absF                0.000000 
_refine.pdbx_data_cutoff_high_rms_absF           ? 
_refine.ls_d_res_low                             42.19 
_refine.ls_d_res_high                            3.20 
_refine.ls_percent_reflns_obs                    99.1 
_refine.ls_R_factor_obs                          0.252 
_refine.ls_R_factor_all                          ? 
_refine.ls_R_factor_R_work                       0.252 
_refine.ls_R_factor_R_free                       0.286 
_refine.ls_R_factor_R_free_error                 0.010 
_refine.ls_R_factor_R_free_error_details         ? 
_refine.ls_percent_reflns_R_free                 9.9 
_refine.ls_number_reflns_R_free                  826 
_refine.ls_number_parameters                     ? 
_refine.ls_number_restraints                     ? 
_refine.occupancy_min                            ? 
_refine.occupancy_max                            ? 
_refine.correlation_coeff_Fo_to_Fc               ? 
_refine.correlation_coeff_Fo_to_Fc_free          ? 
_refine.B_iso_mean                               52.5 
_refine.aniso_B[1][1]                            0.83 
_refine.aniso_B[2][2]                            0.83 
_refine.aniso_B[3][3]                            -1.67 
_refine.aniso_B[1][2]                            16.45 
_refine.aniso_B[1][3]                            0.00 
_refine.aniso_B[2][3]                            0.00 
_refine.solvent_model_details                    'FLAT MODEL' 
_refine.solvent_model_param_ksol                 0.403934 
_refine.solvent_model_param_bsol                 61.7012 
_refine.pdbx_solvent_vdw_probe_radii             ? 
_refine.pdbx_solvent_ion_probe_radii             ? 
_refine.pdbx_solvent_shrinkage_radii             ? 
_refine.pdbx_ls_cross_valid_method               THROUGHOUT 
_refine.details                                  ? 
_refine.pdbx_starting_model                      ? 
_refine.pdbx_method_to_determine_struct          SAD 
_refine.pdbx_isotropic_thermal_model             RESTRAINED 
_refine.pdbx_stereochemistry_target_values       'Engh & Huber' 
_refine.pdbx_stereochem_target_val_spec_case     ? 
_refine.pdbx_R_Free_selection_details            RANDOM 
_refine.pdbx_overall_ESU_R_Free                  ? 
_refine.overall_SU_ML                            ? 
_refine.overall_SU_B                             ? 
_refine.ls_redundancy_reflns_obs                 ? 
_refine.B_iso_min                                ? 
_refine.B_iso_max                                ? 
_refine.overall_SU_R_Cruickshank_DPI             ? 
_refine.overall_SU_R_free                        ? 
_refine.ls_wR_factor_R_free                      ? 
_refine.ls_wR_factor_R_work                      ? 
_refine.overall_FOM_free_R_set                   ? 
_refine.overall_FOM_work_R_set                   ? 
_refine.pdbx_refine_id                           'X-RAY DIFFRACTION' 
_refine.pdbx_overall_phase_error                 ? 
_refine.pdbx_overall_ESU_R                       ? 
_refine.pdbx_diffrn_id                           1 
_refine.pdbx_TLS_residual_ADP_flag               ? 
_refine.pdbx_overall_SU_R_free_Cruickshank_DPI   ? 
_refine.pdbx_overall_SU_R_Blow_DPI               ? 
_refine.pdbx_overall_SU_R_free_Blow_DPI          ? 
# 
_refine_analyze.entry_id                        3A7M 
_refine_analyze.Luzzati_coordinate_error_obs    0.40 
_refine_analyze.Luzzati_sigma_a_obs             0.48 
_refine_analyze.Luzzati_d_res_low_obs           5.00 
_refine_analyze.Luzzati_coordinate_error_free   0.50 
_refine_analyze.Luzzati_sigma_a_free            0.58 
_refine_analyze.Luzzati_d_res_low_free          ? 
_refine_analyze.number_disordered_residues      ? 
_refine_analyze.occupancy_sum_hydrogen          ? 
_refine_analyze.occupancy_sum_non_hydrogen      ? 
_refine_analyze.pdbx_Luzzati_d_res_high_obs     ? 
_refine_analyze.pdbx_refine_id                  'X-RAY DIFFRACTION' 
# 
_refine_hist.pdbx_refine_id                   'X-RAY DIFFRACTION' 
_refine_hist.cycle_id                         LAST 
_refine_hist.pdbx_number_atoms_protein        1847 
_refine_hist.pdbx_number_atoms_nucleic_acid   0 
_refine_hist.pdbx_number_atoms_ligand         0 
_refine_hist.number_atoms_solvent             0 
_refine_hist.number_atoms_total               1847 
_refine_hist.d_res_high                       3.20 
_refine_hist.d_res_low                        42.19 
# 
loop_
_refine_ls_restr.type 
_refine_ls_restr.dev_ideal 
_refine_ls_restr.dev_ideal_target 
_refine_ls_restr.weight 
_refine_ls_restr.number 
_refine_ls_restr.pdbx_refine_id 
_refine_ls_restr.pdbx_restraint_function 
c_bond_d                0.010 ?    ? ? 'X-RAY DIFFRACTION' ? 
c_bond_d_na             ?     ?    ? ? 'X-RAY DIFFRACTION' ? 
c_bond_d_prot           ?     ?    ? ? 'X-RAY DIFFRACTION' ? 
c_angle_d               ?     ?    ? ? 'X-RAY DIFFRACTION' ? 
c_angle_d_na            ?     ?    ? ? 'X-RAY DIFFRACTION' ? 
c_angle_d_prot          ?     ?    ? ? 'X-RAY DIFFRACTION' ? 
c_angle_deg             1.5   ?    ? ? 'X-RAY DIFFRACTION' ? 
c_angle_deg_na          ?     ?    ? ? 'X-RAY DIFFRACTION' ? 
c_angle_deg_prot        ?     ?    ? ? 'X-RAY DIFFRACTION' ? 
c_dihedral_angle_d      20.2  ?    ? ? 'X-RAY DIFFRACTION' ? 
c_dihedral_angle_d_na   ?     ?    ? ? 'X-RAY DIFFRACTION' ? 
c_dihedral_angle_d_prot ?     ?    ? ? 'X-RAY DIFFRACTION' ? 
c_improper_angle_d      0.85  ?    ? ? 'X-RAY DIFFRACTION' ? 
c_improper_angle_d_na   ?     ?    ? ? 'X-RAY DIFFRACTION' ? 
c_improper_angle_d_prot ?     ?    ? ? 'X-RAY DIFFRACTION' ? 
c_mcbond_it             1.37  1.50 ? ? 'X-RAY DIFFRACTION' ? 
c_mcangle_it            2.44  2.00 ? ? 'X-RAY DIFFRACTION' ? 
c_scbond_it             1.92  2.00 ? ? 'X-RAY DIFFRACTION' ? 
c_scangle_it            3.12  2.50 ? ? 'X-RAY DIFFRACTION' ? 
# 
_refine_ls_shell.pdbx_total_number_of_bins_used   6 
_refine_ls_shell.d_res_high                       3.20 
_refine_ls_shell.d_res_low                        3.40 
_refine_ls_shell.number_reflns_R_work             1237 
_refine_ls_shell.R_factor_R_work                  0.317 
_refine_ls_shell.percent_reflns_obs               99.5 
_refine_ls_shell.R_factor_R_free                  0.359 
_refine_ls_shell.R_factor_R_free_error            0.031 
_refine_ls_shell.percent_reflns_R_free            9.6 
_refine_ls_shell.number_reflns_R_free             132 
_refine_ls_shell.number_reflns_all                ? 
_refine_ls_shell.R_factor_all                     ? 
_refine_ls_shell.number_reflns_obs                ? 
_refine_ls_shell.redundancy_reflns_obs            ? 
_refine_ls_shell.pdbx_refine_id                   'X-RAY DIFFRACTION' 
# 
loop_
_pdbx_xplor_file.pdbx_refine_id 
_pdbx_xplor_file.serial_no 
_pdbx_xplor_file.param_file 
_pdbx_xplor_file.topol_file 
'X-RAY DIFFRACTION' 1 protein_rep.param protein.top 
'X-RAY DIFFRACTION' 2 water_rep.param   water.top   
# 
_struct.entry_id                  3A7M 
_struct.title                     'Structure of FliT, the flagellar type III chaperone for FliD' 
_struct.pdbx_model_details        ? 
_struct.pdbx_CASP_flag            ? 
_struct.pdbx_model_type_details   ? 
# 
_struct_keywords.entry_id        3A7M 
_struct_keywords.pdbx_keywords   'GENE REGULATION, CHAPERONE' 
_struct_keywords.text            
;Up-down helix bundle, Bacterial flagellum biogenesis, Chaperone, Cytoplasm, Repressor, Transcription, Transcription regulation, GENE REGULATION
;
# 
loop_
_struct_asym.id 
_struct_asym.pdbx_blank_PDB_chainid_flag 
_struct_asym.pdbx_modified 
_struct_asym.entity_id 
_struct_asym.details 
A N N 1 ? 
B N N 1 ? 
# 
_struct_ref.id                         1 
_struct_ref.db_name                    UNP 
_struct_ref.db_code                    FLIT_SALTY 
_struct_ref.pdbx_db_accession          P0A1N2 
_struct_ref.entity_id                  1 
_struct_ref.pdbx_seq_one_letter_code   
;MTSTVEFINRWQRIALLSQSLLELAQRGEWDLLLQQEVSYLQSIETVMEKQTPPGITRSIQDMVAGYIKQTLDNEQLLKG
LLQQRLDELSSLIGQSTRQKSLNNAYGRLSGMLLVPDAPGAS
;
_struct_ref.pdbx_align_begin           1 
_struct_ref.pdbx_db_isoform            ? 
# 
loop_
_struct_ref_seq.align_id 
_struct_ref_seq.ref_id 
_struct_ref_seq.pdbx_PDB_id_code 
_struct_ref_seq.pdbx_strand_id 
_struct_ref_seq.seq_align_beg 
_struct_ref_seq.pdbx_seq_align_beg_ins_code 
_struct_ref_seq.seq_align_end 
_struct_ref_seq.pdbx_seq_align_end_ins_code 
_struct_ref_seq.pdbx_db_accession 
_struct_ref_seq.db_align_beg 
_struct_ref_seq.pdbx_db_align_beg_ins_code 
_struct_ref_seq.db_align_end 
_struct_ref_seq.pdbx_db_align_end_ins_code 
_struct_ref_seq.pdbx_auth_seq_align_beg 
_struct_ref_seq.pdbx_auth_seq_align_end 
1 1 3A7M A 1 ? 122 ? P0A1N2 1 ? 122 ? 1 122 
2 1 3A7M B 1 ? 122 ? P0A1N2 1 ? 122 ? 1 122 
# 
_pdbx_struct_assembly.id                   1 
_pdbx_struct_assembly.details              software_defined_assembly 
_pdbx_struct_assembly.method_details       PISA 
_pdbx_struct_assembly.oligomeric_details   dimeric 
_pdbx_struct_assembly.oligomeric_count     2 
# 
loop_
_pdbx_struct_assembly_prop.biol_id 
_pdbx_struct_assembly_prop.type 
_pdbx_struct_assembly_prop.value 
_pdbx_struct_assembly_prop.details 
1 'ABSA (A^2)' 3120  ? 
1 MORE         -28   ? 
1 'SSA (A^2)'  15150 ? 
# 
_pdbx_struct_assembly_gen.assembly_id       1 
_pdbx_struct_assembly_gen.oper_expression   1 
_pdbx_struct_assembly_gen.asym_id_list      A,B 
# 
_pdbx_struct_oper_list.id                   1 
_pdbx_struct_oper_list.type                 'identity operation' 
_pdbx_struct_oper_list.name                 1_555 
_pdbx_struct_oper_list.symmetry_operation   x,y,z 
_pdbx_struct_oper_list.matrix[1][1]         1.0000000000 
_pdbx_struct_oper_list.matrix[1][2]         0.0000000000 
_pdbx_struct_oper_list.matrix[1][3]         0.0000000000 
_pdbx_struct_oper_list.vector[1]            0.0000000000 
_pdbx_struct_oper_list.matrix[2][1]         0.0000000000 
_pdbx_struct_oper_list.matrix[2][2]         1.0000000000 
_pdbx_struct_oper_list.matrix[2][3]         0.0000000000 
_pdbx_struct_oper_list.vector[2]            0.0000000000 
_pdbx_struct_oper_list.matrix[3][1]         0.0000000000 
_pdbx_struct_oper_list.matrix[3][2]         0.0000000000 
_pdbx_struct_oper_list.matrix[3][3]         1.0000000000 
_pdbx_struct_oper_list.vector[3]            0.0000000000 
# 
_struct_biol.id        1 
_struct_biol.details   'AUTHOR DEFINED BIOLOGICAL UNIT: UNKNOWN' 
# 
loop_
_struct_conf.conf_type_id 
_struct_conf.id 
_struct_conf.pdbx_PDB_helix_id 
_struct_conf.beg_label_comp_id 
_struct_conf.beg_label_asym_id 
_struct_conf.beg_label_seq_id 
_struct_conf.pdbx_beg_PDB_ins_code 
_struct_conf.end_label_comp_id 
_struct_conf.end_label_asym_id 
_struct_conf.end_label_seq_id 
_struct_conf.pdbx_end_PDB_ins_code 
_struct_conf.beg_auth_comp_id 
_struct_conf.beg_auth_asym_id 
_struct_conf.beg_auth_seq_id 
_struct_conf.end_auth_comp_id 
_struct_conf.end_auth_asym_id 
_struct_conf.end_auth_seq_id 
_struct_conf.pdbx_PDB_helix_class 
_struct_conf.details 
_struct_conf.pdbx_PDB_helix_length 
HELX_P HELX_P1 1 THR A 4  ? GLY A 28  ? THR A 4  GLY A 28  1 ? 25 
HELX_P HELX_P2 2 GLU A 29 ? GLU A 49  ? GLU A 29 GLU A 49  1 ? 21 
HELX_P HELX_P3 3 THR A 57 ? GLY A 94  ? THR A 57 GLY A 94  1 ? 38 
HELX_P HELX_P4 4 SER A 96 ? GLY A 111 ? SER A 96 GLY A 111 1 ? 16 
HELX_P HELX_P5 5 THR B 2  ? ARG B 27  ? THR B 2  ARG B 27  1 ? 26 
HELX_P HELX_P6 6 GLU B 29 ? GLU B 49  ? GLU B 29 GLU B 49  1 ? 21 
HELX_P HELX_P7 7 THR B 57 ? SER B 96  ? THR B 57 SER B 96  1 ? 40 
HELX_P HELX_P8 8 THR B 97 ? GLY B 111 ? THR B 97 GLY B 111 1 ? 15 
# 
_struct_conf_type.id          HELX_P 
_struct_conf_type.criteria    ? 
_struct_conf_type.reference   ? 
# 
loop_
_struct_conn.id 
_struct_conn.conn_type_id 
_struct_conn.pdbx_leaving_atom_flag 
_struct_conn.pdbx_PDB_id 
_struct_conn.ptnr1_label_asym_id 
_struct_conn.ptnr1_label_comp_id 
_struct_conn.ptnr1_label_seq_id 
_struct_conn.ptnr1_label_atom_id 
_struct_conn.pdbx_ptnr1_label_alt_id 
_struct_conn.pdbx_ptnr1_PDB_ins_code 
_struct_conn.pdbx_ptnr1_standard_comp_id 
_struct_conn.ptnr1_symmetry 
_struct_conn.ptnr2_label_asym_id 
_struct_conn.ptnr2_label_comp_id 
_struct_conn.ptnr2_label_seq_id 
_struct_conn.ptnr2_label_atom_id 
_struct_conn.pdbx_ptnr2_label_alt_id 
_struct_conn.pdbx_ptnr2_PDB_ins_code 
_struct_conn.ptnr1_auth_asym_id 
_struct_conn.ptnr1_auth_comp_id 
_struct_conn.ptnr1_auth_seq_id 
_struct_conn.ptnr2_auth_asym_id 
_struct_conn.ptnr2_auth_comp_id 
_struct_conn.ptnr2_auth_seq_id 
_struct_conn.ptnr2_symmetry 
_struct_conn.pdbx_ptnr3_label_atom_id 
_struct_conn.pdbx_ptnr3_label_seq_id 
_struct_conn.pdbx_ptnr3_label_comp_id 
_struct_conn.pdbx_ptnr3_label_asym_id 
_struct_conn.pdbx_ptnr3_label_alt_id 
_struct_conn.pdbx_ptnr3_PDB_ins_code 
_struct_conn.details 
_struct_conn.pdbx_dist_value 
_struct_conn.pdbx_value_order 
_struct_conn.pdbx_role 
covale1  covale both ? A VAL 47  C ? ? ? 1_555 A MSE 48  N ? ? A VAL 47  A MSE 48  1_555 ? ? ? ? ? ? ? 1.323 ? ? 
covale2  covale both ? A MSE 48  C ? ? ? 1_555 A GLU 49  N ? ? A MSE 48  A GLU 49  1_555 ? ? ? ? ? ? ? 1.324 ? ? 
covale3  covale both ? A ASP 62  C ? ? ? 1_555 A MSE 63  N ? ? A ASP 62  A MSE 63  1_555 ? ? ? ? ? ? ? 1.322 ? ? 
covale4  covale both ? A MSE 63  C ? ? ? 1_555 A VAL 64  N ? ? A MSE 63  A VAL 64  1_555 ? ? ? ? ? ? ? 1.327 ? ? 
covale5  covale both ? A GLY 111 C ? ? ? 1_555 A MSE 112 N ? ? A GLY 111 A MSE 112 1_555 ? ? ? ? ? ? ? 1.325 ? ? 
covale6  covale both ? A MSE 112 C ? ? ? 1_555 A LEU 113 N ? ? A MSE 112 A LEU 113 1_555 ? ? ? ? ? ? ? 1.327 ? ? 
covale7  covale both ? B VAL 47  C ? ? ? 1_555 B MSE 48  N ? ? B VAL 47  B MSE 48  1_555 ? ? ? ? ? ? ? 1.322 ? ? 
covale8  covale both ? B MSE 48  C ? ? ? 1_555 B GLU 49  N ? ? B MSE 48  B GLU 49  1_555 ? ? ? ? ? ? ? 1.330 ? ? 
covale9  covale both ? B ASP 62  C ? ? ? 1_555 B MSE 63  N ? ? B ASP 62  B MSE 63  1_555 ? ? ? ? ? ? ? 1.330 ? ? 
covale10 covale both ? B MSE 63  C ? ? ? 1_555 B VAL 64  N ? ? B MSE 63  B VAL 64  1_555 ? ? ? ? ? ? ? 1.327 ? ? 
covale11 covale both ? B GLY 111 C ? ? ? 1_555 B MSE 112 N ? ? B GLY 111 B MSE 112 1_555 ? ? ? ? ? ? ? 1.326 ? ? 
covale12 covale both ? B MSE 112 C ? ? ? 1_555 B LEU 113 N ? ? B MSE 112 B LEU 113 1_555 ? ? ? ? ? ? ? 1.328 ? ? 
# 
_struct_conn_type.id          covale 
_struct_conn_type.criteria    ? 
_struct_conn_type.reference   ? 
# 
loop_
_pdbx_modification_feature.ordinal 
_pdbx_modification_feature.label_comp_id 
_pdbx_modification_feature.label_asym_id 
_pdbx_modification_feature.label_seq_id 
_pdbx_modification_feature.label_alt_id 
_pdbx_modification_feature.modified_residue_label_comp_id 
_pdbx_modification_feature.modified_residue_label_asym_id 
_pdbx_modification_feature.modified_residue_label_seq_id 
_pdbx_modification_feature.modified_residue_label_alt_id 
_pdbx_modification_feature.auth_comp_id 
_pdbx_modification_feature.auth_asym_id 
_pdbx_modification_feature.auth_seq_id 
_pdbx_modification_feature.PDB_ins_code 
_pdbx_modification_feature.symmetry 
_pdbx_modification_feature.modified_residue_auth_comp_id 
_pdbx_modification_feature.modified_residue_auth_asym_id 
_pdbx_modification_feature.modified_residue_auth_seq_id 
_pdbx_modification_feature.modified_residue_PDB_ins_code 
_pdbx_modification_feature.modified_residue_symmetry 
_pdbx_modification_feature.comp_id_linking_atom 
_pdbx_modification_feature.modified_residue_id_linking_atom 
_pdbx_modification_feature.modified_residue_id 
_pdbx_modification_feature.ref_pcm_id 
_pdbx_modification_feature.ref_comp_id 
_pdbx_modification_feature.type 
_pdbx_modification_feature.category 
1 MSE A 48  ? . . . . MSE A 48  ? 1_555 . . . . . . . MET 1 MSE Selenomethionine 'Named protein modification' 
2 MSE A 63  ? . . . . MSE A 63  ? 1_555 . . . . . . . MET 1 MSE Selenomethionine 'Named protein modification' 
3 MSE A 112 ? . . . . MSE A 112 ? 1_555 . . . . . . . MET 1 MSE Selenomethionine 'Named protein modification' 
4 MSE B 48  ? . . . . MSE B 48  ? 1_555 . . . . . . . MET 1 MSE Selenomethionine 'Named protein modification' 
5 MSE B 63  ? . . . . MSE B 63  ? 1_555 . . . . . . . MET 1 MSE Selenomethionine 'Named protein modification' 
6 MSE B 112 ? . . . . MSE B 112 ? 1_555 . . . . . . . MET 1 MSE Selenomethionine 'Named protein modification' 
# 
_pdbx_entry_details.entry_id                   3A7M 
_pdbx_entry_details.compound_details           ? 
_pdbx_entry_details.source_details             ? 
_pdbx_entry_details.nonpolymer_details         ? 
_pdbx_entry_details.sequence_details           ? 
_pdbx_entry_details.has_ligand_of_interest     ? 
_pdbx_entry_details.has_protein_modification   Y 
# 
_pdbx_validate_rmsd_angle.id                         1 
_pdbx_validate_rmsd_angle.PDB_model_num              1 
_pdbx_validate_rmsd_angle.auth_atom_id_1             C 
_pdbx_validate_rmsd_angle.auth_asym_id_1             A 
_pdbx_validate_rmsd_angle.auth_comp_id_1             THR 
_pdbx_validate_rmsd_angle.auth_seq_id_1              52 
_pdbx_validate_rmsd_angle.PDB_ins_code_1             ? 
_pdbx_validate_rmsd_angle.label_alt_id_1             ? 
_pdbx_validate_rmsd_angle.auth_atom_id_2             N 
_pdbx_validate_rmsd_angle.auth_asym_id_2             A 
_pdbx_validate_rmsd_angle.auth_comp_id_2             PRO 
_pdbx_validate_rmsd_angle.auth_seq_id_2              53 
_pdbx_validate_rmsd_angle.PDB_ins_code_2             ? 
_pdbx_validate_rmsd_angle.label_alt_id_2             ? 
_pdbx_validate_rmsd_angle.auth_atom_id_3             CA 
_pdbx_validate_rmsd_angle.auth_asym_id_3             A 
_pdbx_validate_rmsd_angle.auth_comp_id_3             PRO 
_pdbx_validate_rmsd_angle.auth_seq_id_3              53 
_pdbx_validate_rmsd_angle.PDB_ins_code_3             ? 
_pdbx_validate_rmsd_angle.label_alt_id_3             ? 
_pdbx_validate_rmsd_angle.angle_value                129.27 
_pdbx_validate_rmsd_angle.angle_target_value         119.30 
_pdbx_validate_rmsd_angle.angle_deviation            9.97 
_pdbx_validate_rmsd_angle.angle_standard_deviation   1.50 
_pdbx_validate_rmsd_angle.linker_flag                Y 
# 
loop_
_pdbx_validate_torsion.id 
_pdbx_validate_torsion.PDB_model_num 
_pdbx_validate_torsion.auth_comp_id 
_pdbx_validate_torsion.auth_asym_id 
_pdbx_validate_torsion.auth_seq_id 
_pdbx_validate_torsion.PDB_ins_code 
_pdbx_validate_torsion.label_alt_id 
_pdbx_validate_torsion.phi 
_pdbx_validate_torsion.psi 
1  1 GLN A 61  ? ? -55.69  -71.77  
2  1 SER A 91  ? ? -38.31  -39.35  
3  1 GLN A 99  ? ? -32.70  -39.24  
4  1 VAL A 115 ? ? -175.23 91.49   
5  1 LEU B 24  ? ? -47.29  -11.80  
6  1 PRO B 53  ? ? -49.60  161.27  
7  1 SER B 96  ? ? -93.78  44.87   
8  1 THR B 97  ? ? -86.98  48.41   
9  1 PRO B 116 ? ? -69.41  -161.47 
10 1 ASP B 117 ? ? -149.59 -22.80  
# 
loop_
_pdbx_struct_mod_residue.id 
_pdbx_struct_mod_residue.label_asym_id 
_pdbx_struct_mod_residue.label_comp_id 
_pdbx_struct_mod_residue.label_seq_id 
_pdbx_struct_mod_residue.auth_asym_id 
_pdbx_struct_mod_residue.auth_comp_id 
_pdbx_struct_mod_residue.auth_seq_id 
_pdbx_struct_mod_residue.PDB_ins_code 
_pdbx_struct_mod_residue.parent_comp_id 
_pdbx_struct_mod_residue.details 
1 A MSE 48  A MSE 48  ? MET SELENOMETHIONINE 
2 A MSE 63  A MSE 63  ? MET SELENOMETHIONINE 
3 A MSE 112 A MSE 112 ? MET SELENOMETHIONINE 
4 B MSE 48  B MSE 48  ? MET SELENOMETHIONINE 
5 B MSE 63  B MSE 63  ? MET SELENOMETHIONINE 
6 B MSE 112 B MSE 112 ? MET SELENOMETHIONINE 
# 
loop_
_pdbx_unobs_or_zero_occ_residues.id 
_pdbx_unobs_or_zero_occ_residues.PDB_model_num 
_pdbx_unobs_or_zero_occ_residues.polymer_flag 
_pdbx_unobs_or_zero_occ_residues.occupancy_flag 
_pdbx_unobs_or_zero_occ_residues.auth_asym_id 
_pdbx_unobs_or_zero_occ_residues.auth_comp_id 
_pdbx_unobs_or_zero_occ_residues.auth_seq_id 
_pdbx_unobs_or_zero_occ_residues.PDB_ins_code 
_pdbx_unobs_or_zero_occ_residues.label_asym_id 
_pdbx_unobs_or_zero_occ_residues.label_comp_id 
_pdbx_unobs_or_zero_occ_residues.label_seq_id 
1  1 Y 1 A MSE 1   ? A MSE 1   
2  1 Y 1 A ASP 117 ? A ASP 117 
3  1 Y 1 A ALA 118 ? A ALA 118 
4  1 Y 1 A PRO 119 ? A PRO 119 
5  1 Y 1 A GLY 120 ? A GLY 120 
6  1 Y 1 A ALA 121 ? A ALA 121 
7  1 Y 1 A SER 122 ? A SER 122 
8  1 Y 1 B MSE 1   ? B MSE 1   
9  1 Y 1 B PRO 119 ? B PRO 119 
10 1 Y 1 B GLY 120 ? B GLY 120 
11 1 Y 1 B ALA 121 ? B ALA 121 
12 1 Y 1 B SER 122 ? B SER 122 
# 
loop_
_chem_comp_atom.comp_id 
_chem_comp_atom.atom_id 
_chem_comp_atom.type_symbol 
_chem_comp_atom.pdbx_aromatic_flag 
_chem_comp_atom.pdbx_stereo_config 
_chem_comp_atom.pdbx_ordinal 
ALA N    N  N N 1   
ALA CA   C  N S 2   
ALA C    C  N N 3   
ALA O    O  N N 4   
ALA CB   C  N N 5   
ALA OXT  O  N N 6   
ALA H    H  N N 7   
ALA H2   H  N N 8   
ALA HA   H  N N 9   
ALA HB1  H  N N 10  
ALA HB2  H  N N 11  
ALA HB3  H  N N 12  
ALA HXT  H  N N 13  
ARG N    N  N N 14  
ARG CA   C  N S 15  
ARG C    C  N N 16  
ARG O    O  N N 17  
ARG CB   C  N N 18  
ARG CG   C  N N 19  
ARG CD   C  N N 20  
ARG NE   N  N N 21  
ARG CZ   C  N N 22  
ARG NH1  N  N N 23  
ARG NH2  N  N N 24  
ARG OXT  O  N N 25  
ARG H    H  N N 26  
ARG H2   H  N N 27  
ARG HA   H  N N 28  
ARG HB2  H  N N 29  
ARG HB3  H  N N 30  
ARG HG2  H  N N 31  
ARG HG3  H  N N 32  
ARG HD2  H  N N 33  
ARG HD3  H  N N 34  
ARG HE   H  N N 35  
ARG HH11 H  N N 36  
ARG HH12 H  N N 37  
ARG HH21 H  N N 38  
ARG HH22 H  N N 39  
ARG HXT  H  N N 40  
ASN N    N  N N 41  
ASN CA   C  N S 42  
ASN C    C  N N 43  
ASN O    O  N N 44  
ASN CB   C  N N 45  
ASN CG   C  N N 46  
ASN OD1  O  N N 47  
ASN ND2  N  N N 48  
ASN OXT  O  N N 49  
ASN H    H  N N 50  
ASN H2   H  N N 51  
ASN HA   H  N N 52  
ASN HB2  H  N N 53  
ASN HB3  H  N N 54  
ASN HD21 H  N N 55  
ASN HD22 H  N N 56  
ASN HXT  H  N N 57  
ASP N    N  N N 58  
ASP CA   C  N S 59  
ASP C    C  N N 60  
ASP O    O  N N 61  
ASP CB   C  N N 62  
ASP CG   C  N N 63  
ASP OD1  O  N N 64  
ASP OD2  O  N N 65  
ASP OXT  O  N N 66  
ASP H    H  N N 67  
ASP H2   H  N N 68  
ASP HA   H  N N 69  
ASP HB2  H  N N 70  
ASP HB3  H  N N 71  
ASP HD2  H  N N 72  
ASP HXT  H  N N 73  
GLN N    N  N N 74  
GLN CA   C  N S 75  
GLN C    C  N N 76  
GLN O    O  N N 77  
GLN CB   C  N N 78  
GLN CG   C  N N 79  
GLN CD   C  N N 80  
GLN OE1  O  N N 81  
GLN NE2  N  N N 82  
GLN OXT  O  N N 83  
GLN H    H  N N 84  
GLN H2   H  N N 85  
GLN HA   H  N N 86  
GLN HB2  H  N N 87  
GLN HB3  H  N N 88  
GLN HG2  H  N N 89  
GLN HG3  H  N N 90  
GLN HE21 H  N N 91  
GLN HE22 H  N N 92  
GLN HXT  H  N N 93  
GLU N    N  N N 94  
GLU CA   C  N S 95  
GLU C    C  N N 96  
GLU O    O  N N 97  
GLU CB   C  N N 98  
GLU CG   C  N N 99  
GLU CD   C  N N 100 
GLU OE1  O  N N 101 
GLU OE2  O  N N 102 
GLU OXT  O  N N 103 
GLU H    H  N N 104 
GLU H2   H  N N 105 
GLU HA   H  N N 106 
GLU HB2  H  N N 107 
GLU HB3  H  N N 108 
GLU HG2  H  N N 109 
GLU HG3  H  N N 110 
GLU HE2  H  N N 111 
GLU HXT  H  N N 112 
GLY N    N  N N 113 
GLY CA   C  N N 114 
GLY C    C  N N 115 
GLY O    O  N N 116 
GLY OXT  O  N N 117 
GLY H    H  N N 118 
GLY H2   H  N N 119 
GLY HA2  H  N N 120 
GLY HA3  H  N N 121 
GLY HXT  H  N N 122 
ILE N    N  N N 123 
ILE CA   C  N S 124 
ILE C    C  N N 125 
ILE O    O  N N 126 
ILE CB   C  N S 127 
ILE CG1  C  N N 128 
ILE CG2  C  N N 129 
ILE CD1  C  N N 130 
ILE OXT  O  N N 131 
ILE H    H  N N 132 
ILE H2   H  N N 133 
ILE HA   H  N N 134 
ILE HB   H  N N 135 
ILE HG12 H  N N 136 
ILE HG13 H  N N 137 
ILE HG21 H  N N 138 
ILE HG22 H  N N 139 
ILE HG23 H  N N 140 
ILE HD11 H  N N 141 
ILE HD12 H  N N 142 
ILE HD13 H  N N 143 
ILE HXT  H  N N 144 
LEU N    N  N N 145 
LEU CA   C  N S 146 
LEU C    C  N N 147 
LEU O    O  N N 148 
LEU CB   C  N N 149 
LEU CG   C  N N 150 
LEU CD1  C  N N 151 
LEU CD2  C  N N 152 
LEU OXT  O  N N 153 
LEU H    H  N N 154 
LEU H2   H  N N 155 
LEU HA   H  N N 156 
LEU HB2  H  N N 157 
LEU HB3  H  N N 158 
LEU HG   H  N N 159 
LEU HD11 H  N N 160 
LEU HD12 H  N N 161 
LEU HD13 H  N N 162 
LEU HD21 H  N N 163 
LEU HD22 H  N N 164 
LEU HD23 H  N N 165 
LEU HXT  H  N N 166 
LYS N    N  N N 167 
LYS CA   C  N S 168 
LYS C    C  N N 169 
LYS O    O  N N 170 
LYS CB   C  N N 171 
LYS CG   C  N N 172 
LYS CD   C  N N 173 
LYS CE   C  N N 174 
LYS NZ   N  N N 175 
LYS OXT  O  N N 176 
LYS H    H  N N 177 
LYS H2   H  N N 178 
LYS HA   H  N N 179 
LYS HB2  H  N N 180 
LYS HB3  H  N N 181 
LYS HG2  H  N N 182 
LYS HG3  H  N N 183 
LYS HD2  H  N N 184 
LYS HD3  H  N N 185 
LYS HE2  H  N N 186 
LYS HE3  H  N N 187 
LYS HZ1  H  N N 188 
LYS HZ2  H  N N 189 
LYS HZ3  H  N N 190 
LYS HXT  H  N N 191 
MSE N    N  N N 192 
MSE CA   C  N S 193 
MSE C    C  N N 194 
MSE O    O  N N 195 
MSE OXT  O  N N 196 
MSE CB   C  N N 197 
MSE CG   C  N N 198 
MSE SE   SE N N 199 
MSE CE   C  N N 200 
MSE H    H  N N 201 
MSE H2   H  N N 202 
MSE HA   H  N N 203 
MSE HXT  H  N N 204 
MSE HB2  H  N N 205 
MSE HB3  H  N N 206 
MSE HG2  H  N N 207 
MSE HG3  H  N N 208 
MSE HE1  H  N N 209 
MSE HE2  H  N N 210 
MSE HE3  H  N N 211 
PHE N    N  N N 212 
PHE CA   C  N S 213 
PHE C    C  N N 214 
PHE O    O  N N 215 
PHE CB   C  N N 216 
PHE CG   C  Y N 217 
PHE CD1  C  Y N 218 
PHE CD2  C  Y N 219 
PHE CE1  C  Y N 220 
PHE CE2  C  Y N 221 
PHE CZ   C  Y N 222 
PHE OXT  O  N N 223 
PHE H    H  N N 224 
PHE H2   H  N N 225 
PHE HA   H  N N 226 
PHE HB2  H  N N 227 
PHE HB3  H  N N 228 
PHE HD1  H  N N 229 
PHE HD2  H  N N 230 
PHE HE1  H  N N 231 
PHE HE2  H  N N 232 
PHE HZ   H  N N 233 
PHE HXT  H  N N 234 
PRO N    N  N N 235 
PRO CA   C  N S 236 
PRO C    C  N N 237 
PRO O    O  N N 238 
PRO CB   C  N N 239 
PRO CG   C  N N 240 
PRO CD   C  N N 241 
PRO OXT  O  N N 242 
PRO H    H  N N 243 
PRO HA   H  N N 244 
PRO HB2  H  N N 245 
PRO HB3  H  N N 246 
PRO HG2  H  N N 247 
PRO HG3  H  N N 248 
PRO HD2  H  N N 249 
PRO HD3  H  N N 250 
PRO HXT  H  N N 251 
SER N    N  N N 252 
SER CA   C  N S 253 
SER C    C  N N 254 
SER O    O  N N 255 
SER CB   C  N N 256 
SER OG   O  N N 257 
SER OXT  O  N N 258 
SER H    H  N N 259 
SER H2   H  N N 260 
SER HA   H  N N 261 
SER HB2  H  N N 262 
SER HB3  H  N N 263 
SER HG   H  N N 264 
SER HXT  H  N N 265 
THR N    N  N N 266 
THR CA   C  N S 267 
THR C    C  N N 268 
THR O    O  N N 269 
THR CB   C  N R 270 
THR OG1  O  N N 271 
THR CG2  C  N N 272 
THR OXT  O  N N 273 
THR H    H  N N 274 
THR H2   H  N N 275 
THR HA   H  N N 276 
THR HB   H  N N 277 
THR HG1  H  N N 278 
THR HG21 H  N N 279 
THR HG22 H  N N 280 
THR HG23 H  N N 281 
THR HXT  H  N N 282 
TRP N    N  N N 283 
TRP CA   C  N S 284 
TRP C    C  N N 285 
TRP O    O  N N 286 
TRP CB   C  N N 287 
TRP CG   C  Y N 288 
TRP CD1  C  Y N 289 
TRP CD2  C  Y N 290 
TRP NE1  N  Y N 291 
TRP CE2  C  Y N 292 
TRP CE3  C  Y N 293 
TRP CZ2  C  Y N 294 
TRP CZ3  C  Y N 295 
TRP CH2  C  Y N 296 
TRP OXT  O  N N 297 
TRP H    H  N N 298 
TRP H2   H  N N 299 
TRP HA   H  N N 300 
TRP HB2  H  N N 301 
TRP HB3  H  N N 302 
TRP HD1  H  N N 303 
TRP HE1  H  N N 304 
TRP HE3  H  N N 305 
TRP HZ2  H  N N 306 
TRP HZ3  H  N N 307 
TRP HH2  H  N N 308 
TRP HXT  H  N N 309 
TYR N    N  N N 310 
TYR CA   C  N S 311 
TYR C    C  N N 312 
TYR O    O  N N 313 
TYR CB   C  N N 314 
TYR CG   C  Y N 315 
TYR CD1  C  Y N 316 
TYR CD2  C  Y N 317 
TYR CE1  C  Y N 318 
TYR CE2  C  Y N 319 
TYR CZ   C  Y N 320 
TYR OH   O  N N 321 
TYR OXT  O  N N 322 
TYR H    H  N N 323 
TYR H2   H  N N 324 
TYR HA   H  N N 325 
TYR HB2  H  N N 326 
TYR HB3  H  N N 327 
TYR HD1  H  N N 328 
TYR HD2  H  N N 329 
TYR HE1  H  N N 330 
TYR HE2  H  N N 331 
TYR HH   H  N N 332 
TYR HXT  H  N N 333 
VAL N    N  N N 334 
VAL CA   C  N S 335 
VAL C    C  N N 336 
VAL O    O  N N 337 
VAL CB   C  N N 338 
VAL CG1  C  N N 339 
VAL CG2  C  N N 340 
VAL OXT  O  N N 341 
VAL H    H  N N 342 
VAL H2   H  N N 343 
VAL HA   H  N N 344 
VAL HB   H  N N 345 
VAL HG11 H  N N 346 
VAL HG12 H  N N 347 
VAL HG13 H  N N 348 
VAL HG21 H  N N 349 
VAL HG22 H  N N 350 
VAL HG23 H  N N 351 
VAL HXT  H  N N 352 
# 
loop_
_chem_comp_bond.comp_id 
_chem_comp_bond.atom_id_1 
_chem_comp_bond.atom_id_2 
_chem_comp_bond.value_order 
_chem_comp_bond.pdbx_aromatic_flag 
_chem_comp_bond.pdbx_stereo_config 
_chem_comp_bond.pdbx_ordinal 
ALA N   CA   sing N N 1   
ALA N   H    sing N N 2   
ALA N   H2   sing N N 3   
ALA CA  C    sing N N 4   
ALA CA  CB   sing N N 5   
ALA CA  HA   sing N N 6   
ALA C   O    doub N N 7   
ALA C   OXT  sing N N 8   
ALA CB  HB1  sing N N 9   
ALA CB  HB2  sing N N 10  
ALA CB  HB3  sing N N 11  
ALA OXT HXT  sing N N 12  
ARG N   CA   sing N N 13  
ARG N   H    sing N N 14  
ARG N   H2   sing N N 15  
ARG CA  C    sing N N 16  
ARG CA  CB   sing N N 17  
ARG CA  HA   sing N N 18  
ARG C   O    doub N N 19  
ARG C   OXT  sing N N 20  
ARG CB  CG   sing N N 21  
ARG CB  HB2  sing N N 22  
ARG CB  HB3  sing N N 23  
ARG CG  CD   sing N N 24  
ARG CG  HG2  sing N N 25  
ARG CG  HG3  sing N N 26  
ARG CD  NE   sing N N 27  
ARG CD  HD2  sing N N 28  
ARG CD  HD3  sing N N 29  
ARG NE  CZ   sing N N 30  
ARG NE  HE   sing N N 31  
ARG CZ  NH1  sing N N 32  
ARG CZ  NH2  doub N N 33  
ARG NH1 HH11 sing N N 34  
ARG NH1 HH12 sing N N 35  
ARG NH2 HH21 sing N N 36  
ARG NH2 HH22 sing N N 37  
ARG OXT HXT  sing N N 38  
ASN N   CA   sing N N 39  
ASN N   H    sing N N 40  
ASN N   H2   sing N N 41  
ASN CA  C    sing N N 42  
ASN CA  CB   sing N N 43  
ASN CA  HA   sing N N 44  
ASN C   O    doub N N 45  
ASN C   OXT  sing N N 46  
ASN CB  CG   sing N N 47  
ASN CB  HB2  sing N N 48  
ASN CB  HB3  sing N N 49  
ASN CG  OD1  doub N N 50  
ASN CG  ND2  sing N N 51  
ASN ND2 HD21 sing N N 52  
ASN ND2 HD22 sing N N 53  
ASN OXT HXT  sing N N 54  
ASP N   CA   sing N N 55  
ASP N   H    sing N N 56  
ASP N   H2   sing N N 57  
ASP CA  C    sing N N 58  
ASP CA  CB   sing N N 59  
ASP CA  HA   sing N N 60  
ASP C   O    doub N N 61  
ASP C   OXT  sing N N 62  
ASP CB  CG   sing N N 63  
ASP CB  HB2  sing N N 64  
ASP CB  HB3  sing N N 65  
ASP CG  OD1  doub N N 66  
ASP CG  OD2  sing N N 67  
ASP OD2 HD2  sing N N 68  
ASP OXT HXT  sing N N 69  
GLN N   CA   sing N N 70  
GLN N   H    sing N N 71  
GLN N   H2   sing N N 72  
GLN CA  C    sing N N 73  
GLN CA  CB   sing N N 74  
GLN CA  HA   sing N N 75  
GLN C   O    doub N N 76  
GLN C   OXT  sing N N 77  
GLN CB  CG   sing N N 78  
GLN CB  HB2  sing N N 79  
GLN CB  HB3  sing N N 80  
GLN CG  CD   sing N N 81  
GLN CG  HG2  sing N N 82  
GLN CG  HG3  sing N N 83  
GLN CD  OE1  doub N N 84  
GLN CD  NE2  sing N N 85  
GLN NE2 HE21 sing N N 86  
GLN NE2 HE22 sing N N 87  
GLN OXT HXT  sing N N 88  
GLU N   CA   sing N N 89  
GLU N   H    sing N N 90  
GLU N   H2   sing N N 91  
GLU CA  C    sing N N 92  
GLU CA  CB   sing N N 93  
GLU CA  HA   sing N N 94  
GLU C   O    doub N N 95  
GLU C   OXT  sing N N 96  
GLU CB  CG   sing N N 97  
GLU CB  HB2  sing N N 98  
GLU CB  HB3  sing N N 99  
GLU CG  CD   sing N N 100 
GLU CG  HG2  sing N N 101 
GLU CG  HG3  sing N N 102 
GLU CD  OE1  doub N N 103 
GLU CD  OE2  sing N N 104 
GLU OE2 HE2  sing N N 105 
GLU OXT HXT  sing N N 106 
GLY N   CA   sing N N 107 
GLY N   H    sing N N 108 
GLY N   H2   sing N N 109 
GLY CA  C    sing N N 110 
GLY CA  HA2  sing N N 111 
GLY CA  HA3  sing N N 112 
GLY C   O    doub N N 113 
GLY C   OXT  sing N N 114 
GLY OXT HXT  sing N N 115 
ILE N   CA   sing N N 116 
ILE N   H    sing N N 117 
ILE N   H2   sing N N 118 
ILE CA  C    sing N N 119 
ILE CA  CB   sing N N 120 
ILE CA  HA   sing N N 121 
ILE C   O    doub N N 122 
ILE C   OXT  sing N N 123 
ILE CB  CG1  sing N N 124 
ILE CB  CG2  sing N N 125 
ILE CB  HB   sing N N 126 
ILE CG1 CD1  sing N N 127 
ILE CG1 HG12 sing N N 128 
ILE CG1 HG13 sing N N 129 
ILE CG2 HG21 sing N N 130 
ILE CG2 HG22 sing N N 131 
ILE CG2 HG23 sing N N 132 
ILE CD1 HD11 sing N N 133 
ILE CD1 HD12 sing N N 134 
ILE CD1 HD13 sing N N 135 
ILE OXT HXT  sing N N 136 
LEU N   CA   sing N N 137 
LEU N   H    sing N N 138 
LEU N   H2   sing N N 139 
LEU CA  C    sing N N 140 
LEU CA  CB   sing N N 141 
LEU CA  HA   sing N N 142 
LEU C   O    doub N N 143 
LEU C   OXT  sing N N 144 
LEU CB  CG   sing N N 145 
LEU CB  HB2  sing N N 146 
LEU CB  HB3  sing N N 147 
LEU CG  CD1  sing N N 148 
LEU CG  CD2  sing N N 149 
LEU CG  HG   sing N N 150 
LEU CD1 HD11 sing N N 151 
LEU CD1 HD12 sing N N 152 
LEU CD1 HD13 sing N N 153 
LEU CD2 HD21 sing N N 154 
LEU CD2 HD22 sing N N 155 
LEU CD2 HD23 sing N N 156 
LEU OXT HXT  sing N N 157 
LYS N   CA   sing N N 158 
LYS N   H    sing N N 159 
LYS N   H2   sing N N 160 
LYS CA  C    sing N N 161 
LYS CA  CB   sing N N 162 
LYS CA  HA   sing N N 163 
LYS C   O    doub N N 164 
LYS C   OXT  sing N N 165 
LYS CB  CG   sing N N 166 
LYS CB  HB2  sing N N 167 
LYS CB  HB3  sing N N 168 
LYS CG  CD   sing N N 169 
LYS CG  HG2  sing N N 170 
LYS CG  HG3  sing N N 171 
LYS CD  CE   sing N N 172 
LYS CD  HD2  sing N N 173 
LYS CD  HD3  sing N N 174 
LYS CE  NZ   sing N N 175 
LYS CE  HE2  sing N N 176 
LYS CE  HE3  sing N N 177 
LYS NZ  HZ1  sing N N 178 
LYS NZ  HZ2  sing N N 179 
LYS NZ  HZ3  sing N N 180 
LYS OXT HXT  sing N N 181 
MSE N   CA   sing N N 182 
MSE N   H    sing N N 183 
MSE N   H2   sing N N 184 
MSE CA  C    sing N N 185 
MSE CA  CB   sing N N 186 
MSE CA  HA   sing N N 187 
MSE C   O    doub N N 188 
MSE C   OXT  sing N N 189 
MSE OXT HXT  sing N N 190 
MSE CB  CG   sing N N 191 
MSE CB  HB2  sing N N 192 
MSE CB  HB3  sing N N 193 
MSE CG  SE   sing N N 194 
MSE CG  HG2  sing N N 195 
MSE CG  HG3  sing N N 196 
MSE SE  CE   sing N N 197 
MSE CE  HE1  sing N N 198 
MSE CE  HE2  sing N N 199 
MSE CE  HE3  sing N N 200 
PHE N   CA   sing N N 201 
PHE N   H    sing N N 202 
PHE N   H2   sing N N 203 
PHE CA  C    sing N N 204 
PHE CA  CB   sing N N 205 
PHE CA  HA   sing N N 206 
PHE C   O    doub N N 207 
PHE C   OXT  sing N N 208 
PHE CB  CG   sing N N 209 
PHE CB  HB2  sing N N 210 
PHE CB  HB3  sing N N 211 
PHE CG  CD1  doub Y N 212 
PHE CG  CD2  sing Y N 213 
PHE CD1 CE1  sing Y N 214 
PHE CD1 HD1  sing N N 215 
PHE CD2 CE2  doub Y N 216 
PHE CD2 HD2  sing N N 217 
PHE CE1 CZ   doub Y N 218 
PHE CE1 HE1  sing N N 219 
PHE CE2 CZ   sing Y N 220 
PHE CE2 HE2  sing N N 221 
PHE CZ  HZ   sing N N 222 
PHE OXT HXT  sing N N 223 
PRO N   CA   sing N N 224 
PRO N   CD   sing N N 225 
PRO N   H    sing N N 226 
PRO CA  C    sing N N 227 
PRO CA  CB   sing N N 228 
PRO CA  HA   sing N N 229 
PRO C   O    doub N N 230 
PRO C   OXT  sing N N 231 
PRO CB  CG   sing N N 232 
PRO CB  HB2  sing N N 233 
PRO CB  HB3  sing N N 234 
PRO CG  CD   sing N N 235 
PRO CG  HG2  sing N N 236 
PRO CG  HG3  sing N N 237 
PRO CD  HD2  sing N N 238 
PRO CD  HD3  sing N N 239 
PRO OXT HXT  sing N N 240 
SER N   CA   sing N N 241 
SER N   H    sing N N 242 
SER N   H2   sing N N 243 
SER CA  C    sing N N 244 
SER CA  CB   sing N N 245 
SER CA  HA   sing N N 246 
SER C   O    doub N N 247 
SER C   OXT  sing N N 248 
SER CB  OG   sing N N 249 
SER CB  HB2  sing N N 250 
SER CB  HB3  sing N N 251 
SER OG  HG   sing N N 252 
SER OXT HXT  sing N N 253 
THR N   CA   sing N N 254 
THR N   H    sing N N 255 
THR N   H2   sing N N 256 
THR CA  C    sing N N 257 
THR CA  CB   sing N N 258 
THR CA  HA   sing N N 259 
THR C   O    doub N N 260 
THR C   OXT  sing N N 261 
THR CB  OG1  sing N N 262 
THR CB  CG2  sing N N 263 
THR CB  HB   sing N N 264 
THR OG1 HG1  sing N N 265 
THR CG2 HG21 sing N N 266 
THR CG2 HG22 sing N N 267 
THR CG2 HG23 sing N N 268 
THR OXT HXT  sing N N 269 
TRP N   CA   sing N N 270 
TRP N   H    sing N N 271 
TRP N   H2   sing N N 272 
TRP CA  C    sing N N 273 
TRP CA  CB   sing N N 274 
TRP CA  HA   sing N N 275 
TRP C   O    doub N N 276 
TRP C   OXT  sing N N 277 
TRP CB  CG   sing N N 278 
TRP CB  HB2  sing N N 279 
TRP CB  HB3  sing N N 280 
TRP CG  CD1  doub Y N 281 
TRP CG  CD2  sing Y N 282 
TRP CD1 NE1  sing Y N 283 
TRP CD1 HD1  sing N N 284 
TRP CD2 CE2  doub Y N 285 
TRP CD2 CE3  sing Y N 286 
TRP NE1 CE2  sing Y N 287 
TRP NE1 HE1  sing N N 288 
TRP CE2 CZ2  sing Y N 289 
TRP CE3 CZ3  doub Y N 290 
TRP CE3 HE3  sing N N 291 
TRP CZ2 CH2  doub Y N 292 
TRP CZ2 HZ2  sing N N 293 
TRP CZ3 CH2  sing Y N 294 
TRP CZ3 HZ3  sing N N 295 
TRP CH2 HH2  sing N N 296 
TRP OXT HXT  sing N N 297 
TYR N   CA   sing N N 298 
TYR N   H    sing N N 299 
TYR N   H2   sing N N 300 
TYR CA  C    sing N N 301 
TYR CA  CB   sing N N 302 
TYR CA  HA   sing N N 303 
TYR C   O    doub N N 304 
TYR C   OXT  sing N N 305 
TYR CB  CG   sing N N 306 
TYR CB  HB2  sing N N 307 
TYR CB  HB3  sing N N 308 
TYR CG  CD1  doub Y N 309 
TYR CG  CD2  sing Y N 310 
TYR CD1 CE1  sing Y N 311 
TYR CD1 HD1  sing N N 312 
TYR CD2 CE2  doub Y N 313 
TYR CD2 HD2  sing N N 314 
TYR CE1 CZ   doub Y N 315 
TYR CE1 HE1  sing N N 316 
TYR CE2 CZ   sing Y N 317 
TYR CE2 HE2  sing N N 318 
TYR CZ  OH   sing N N 319 
TYR OH  HH   sing N N 320 
TYR OXT HXT  sing N N 321 
VAL N   CA   sing N N 322 
VAL N   H    sing N N 323 
VAL N   H2   sing N N 324 
VAL CA  C    sing N N 325 
VAL CA  CB   sing N N 326 
VAL CA  HA   sing N N 327 
VAL C   O    doub N N 328 
VAL C   OXT  sing N N 329 
VAL CB  CG1  sing N N 330 
VAL CB  CG2  sing N N 331 
VAL CB  HB   sing N N 332 
VAL CG1 HG11 sing N N 333 
VAL CG1 HG12 sing N N 334 
VAL CG1 HG13 sing N N 335 
VAL CG2 HG21 sing N N 336 
VAL CG2 HG22 sing N N 337 
VAL CG2 HG23 sing N N 338 
VAL OXT HXT  sing N N 339 
# 
_atom_sites.entry_id                    3A7M 
_atom_sites.fract_transf_matrix[1][1]   -0.00815153 
_atom_sites.fract_transf_matrix[1][2]   0.00418431 
_atom_sites.fract_transf_matrix[1][3]   -0.00256841 
_atom_sites.fract_transf_matrix[2][1]   -0.00335772 
_atom_sites.fract_transf_matrix[2][2]   0.00735755 
_atom_sites.fract_transf_matrix[2][3]   0.00501463 
_atom_sites.fract_transf_matrix[3][1]   0.00866339 
_atom_sites.fract_transf_matrix[3][2]   0.01075342 
_atom_sites.fract_transf_matrix[3][3]   -0.00997672 
_atom_sites.fract_transf_vector[1]      0.470365 
_atom_sites.fract_transf_vector[2]      0.571719 
_atom_sites.fract_transf_vector[3]      0.171920 
# 
loop_
_atom_type.symbol 
C  
N  
O  
SE 
# 
loop_
_atom_site.group_PDB 
_atom_site.id 
_atom_site.type_symbol 
_atom_site.label_atom_id 
_atom_site.label_alt_id 
_atom_site.label_comp_id 
_atom_site.label_asym_id 
_atom_site.label_entity_id 
_atom_site.label_seq_id 
_atom_site.pdbx_PDB_ins_code 
_atom_site.Cartn_x 
_atom_site.Cartn_y 
_atom_site.Cartn_z 
_atom_site.occupancy 
_atom_site.B_iso_or_equiv 
_atom_site.pdbx_formal_charge 
_atom_site.auth_seq_id 
_atom_site.auth_comp_id 
_atom_site.auth_asym_id 
_atom_site.auth_atom_id 
_atom_site.pdbx_PDB_model_num 
ATOM   1    N  N   . THR A 1 2   ? 37.646  -6.240  15.918  1.00 68.14  ? 2   THR A N   1 
ATOM   2    C  CA  . THR A 1 2   ? 36.896  -6.816  14.756  1.00 68.24  ? 2   THR A CA  1 
ATOM   3    C  C   . THR A 1 2   ? 35.505  -7.339  15.159  1.00 66.98  ? 2   THR A C   1 
ATOM   4    O  O   . THR A 1 2   ? 34.614  -7.446  14.315  1.00 67.23  ? 2   THR A O   1 
ATOM   5    C  CB  . THR A 1 2   ? 37.725  -7.964  14.088  1.00 69.67  ? 2   THR A CB  1 
ATOM   6    O  OG1 . THR A 1 2   ? 39.038  -7.474  13.749  1.00 70.62  ? 2   THR A OG1 1 
ATOM   7    C  CG2 . THR A 1 2   ? 37.040  -8.441  12.800  1.00 69.37  ? 2   THR A CG2 1 
ATOM   8    N  N   . SER A 1 3   ? 35.332  -7.679  16.439  1.00 65.35  ? 3   SER A N   1 
ATOM   9    C  CA  . SER A 1 3   ? 34.049  -8.163  16.935  1.00 62.82  ? 3   SER A CA  1 
ATOM   10   C  C   . SER A 1 3   ? 33.303  -6.869  17.255  1.00 61.14  ? 3   SER A C   1 
ATOM   11   O  O   . SER A 1 3   ? 32.100  -6.857  17.499  1.00 61.88  ? 3   SER A O   1 
ATOM   12   C  CB  . SER A 1 3   ? 34.243  -9.035  18.188  1.00 63.27  ? 3   SER A CB  1 
ATOM   13   O  OG  . SER A 1 3   ? 33.239  -10.047 18.300  1.00 61.17  ? 3   SER A OG  1 
ATOM   14   N  N   . THR A 1 4   ? 34.045  -5.768  17.232  1.00 58.67  ? 4   THR A N   1 
ATOM   15   C  CA  . THR A 1 4   ? 33.487  -4.450  17.474  1.00 55.69  ? 4   THR A CA  1 
ATOM   16   C  C   . THR A 1 4   ? 33.212  -3.811  16.117  1.00 53.76  ? 4   THR A C   1 
ATOM   17   O  O   . THR A 1 4   ? 32.272  -3.032  15.959  1.00 52.85  ? 4   THR A O   1 
ATOM   18   C  CB  . THR A 1 4   ? 34.476  -3.583  18.249  1.00 56.03  ? 4   THR A CB  1 
ATOM   19   O  OG1 . THR A 1 4   ? 34.661  -4.144  19.552  1.00 57.42  ? 4   THR A OG1 1 
ATOM   20   C  CG2 . THR A 1 4   ? 33.973  -2.165  18.357  1.00 55.23  ? 4   THR A CG2 1 
ATOM   21   N  N   . VAL A 1 5   ? 34.044  -4.143  15.134  1.00 52.19  ? 5   VAL A N   1 
ATOM   22   C  CA  . VAL A 1 5   ? 33.872  -3.618  13.784  1.00 50.07  ? 5   VAL A CA  1 
ATOM   23   C  C   . VAL A 1 5   ? 32.673  -4.272  13.110  1.00 49.20  ? 5   VAL A C   1 
ATOM   24   O  O   . VAL A 1 5   ? 31.832  -3.574  12.539  1.00 49.45  ? 5   VAL A O   1 
ATOM   25   C  CB  . VAL A 1 5   ? 35.130  -3.839  12.902  1.00 50.01  ? 5   VAL A CB  1 
ATOM   26   C  CG1 . VAL A 1 5   ? 34.770  -3.688  11.432  1.00 51.00  ? 5   VAL A CG1 1 
ATOM   27   C  CG2 . VAL A 1 5   ? 36.189  -2.812  13.247  1.00 48.89  ? 5   VAL A CG2 1 
ATOM   28   N  N   . GLU A 1 6   ? 32.586  -5.599  13.171  1.00 47.70  ? 6   GLU A N   1 
ATOM   29   C  CA  . GLU A 1 6   ? 31.453  -6.290  12.570  1.00 46.62  ? 6   GLU A CA  1 
ATOM   30   C  C   . GLU A 1 6   ? 30.167  -5.724  13.185  1.00 43.62  ? 6   GLU A C   1 
ATOM   31   O  O   . GLU A 1 6   ? 29.148  -5.620  12.510  1.00 43.30  ? 6   GLU A O   1 
ATOM   32   C  CB  . GLU A 1 6   ? 31.537  -7.801  12.807  1.00 50.12  ? 6   GLU A CB  1 
ATOM   33   C  CG  . GLU A 1 6   ? 32.786  -8.497  12.216  1.00 56.70  ? 6   GLU A CG  1 
ATOM   34   C  CD  . GLU A 1 6   ? 32.895  -8.426  10.685  1.00 59.89  ? 6   GLU A CD  1 
ATOM   35   O  OE1 . GLU A 1 6   ? 31.891  -8.705  9.992   1.00 62.27  ? 6   GLU A OE1 1 
ATOM   36   O  OE2 . GLU A 1 6   ? 33.997  -8.110  10.173  1.00 61.28  ? 6   GLU A OE2 1 
ATOM   37   N  N   . PHE A 1 7   ? 30.215  -5.343  14.460  1.00 39.88  ? 7   PHE A N   1 
ATOM   38   C  CA  . PHE A 1 7   ? 29.041  -4.763  15.118  1.00 37.49  ? 7   PHE A CA  1 
ATOM   39   C  C   . PHE A 1 7   ? 28.586  -3.478  14.420  1.00 36.75  ? 7   PHE A C   1 
ATOM   40   O  O   . PHE A 1 7   ? 27.401  -3.268  14.199  1.00 36.71  ? 7   PHE A O   1 
ATOM   41   C  CB  . PHE A 1 7   ? 29.350  -4.469  16.594  1.00 36.02  ? 7   PHE A CB  1 
ATOM   42   C  CG  . PHE A 1 7   ? 28.279  -3.660  17.320  1.00 33.17  ? 7   PHE A CG  1 
ATOM   43   C  CD1 . PHE A 1 7   ? 26.967  -4.123  17.412  1.00 30.73  ? 7   PHE A CD1 1 
ATOM   44   C  CD2 . PHE A 1 7   ? 28.607  -2.448  17.952  1.00 31.49  ? 7   PHE A CD2 1 
ATOM   45   C  CE1 . PHE A 1 7   ? 25.998  -3.395  18.121  1.00 29.79  ? 7   PHE A CE1 1 
ATOM   46   C  CE2 . PHE A 1 7   ? 27.645  -1.715  18.665  1.00 30.30  ? 7   PHE A CE2 1 
ATOM   47   C  CZ  . PHE A 1 7   ? 26.339  -2.187  18.750  1.00 28.50  ? 7   PHE A CZ  1 
ATOM   48   N  N   . ILE A 1 8   ? 29.527  -2.610  14.087  1.00 35.86  ? 8   ILE A N   1 
ATOM   49   C  CA  . ILE A 1 8   ? 29.179  -1.374  13.419  1.00 35.04  ? 8   ILE A CA  1 
ATOM   50   C  C   . ILE A 1 8   ? 28.764  -1.704  12.000  1.00 35.25  ? 8   ILE A C   1 
ATOM   51   O  O   . ILE A 1 8   ? 27.659  -1.395  11.585  1.00 35.71  ? 8   ILE A O   1 
ATOM   52   C  CB  . ILE A 1 8   ? 30.382  -0.402  13.411  1.00 35.10  ? 8   ILE A CB  1 
ATOM   53   C  CG1 . ILE A 1 8   ? 30.750  -0.047  14.860  1.00 34.50  ? 8   ILE A CG1 1 
ATOM   54   C  CG2 . ILE A 1 8   ? 30.070  0.844   12.572  1.00 33.48  ? 8   ILE A CG2 1 
ATOM   55   C  CD1 . ILE A 1 8   ? 31.811  1.014   15.004  1.00 33.24  ? 8   ILE A CD1 1 
ATOM   56   N  N   . ASN A 1 9   ? 29.650  -2.368  11.276  1.00 35.95  ? 9   ASN A N   1 
ATOM   57   C  CA  . ASN A 1 9   ? 29.405  -2.736  9.885   1.00 37.21  ? 9   ASN A CA  1 
ATOM   58   C  C   . ASN A 1 9   ? 28.036  -3.353  9.605   1.00 37.07  ? 9   ASN A C   1 
ATOM   59   O  O   . ASN A 1 9   ? 27.491  -3.176  8.522   1.00 37.10  ? 9   ASN A O   1 
ATOM   60   C  CB  . ASN A 1 9   ? 30.509  -3.690  9.399   1.00 38.25  ? 9   ASN A CB  1 
ATOM   61   C  CG  . ASN A 1 9   ? 30.607  -3.756  7.887   1.00 37.75  ? 9   ASN A CG  1 
ATOM   62   O  OD1 . ASN A 1 9   ? 30.328  -4.788  7.282   1.00 38.68  ? 9   ASN A OD1 1 
ATOM   63   N  ND2 . ASN A 1 9   ? 31.011  -2.650  7.271   1.00 36.75  ? 9   ASN A ND2 1 
ATOM   64   N  N   . ARG A 1 10  ? 27.479  -4.086  10.559  1.00 37.65  ? 10  ARG A N   1 
ATOM   65   C  CA  . ARG A 1 10  ? 26.171  -4.697  10.332  1.00 39.22  ? 10  ARG A CA  1 
ATOM   66   C  C   . ARG A 1 10  ? 25.083  -3.634  10.252  1.00 37.73  ? 10  ARG A C   1 
ATOM   67   O  O   . ARG A 1 10  ? 24.328  -3.583  9.280   1.00 37.51  ? 10  ARG A O   1 
ATOM   68   C  CB  . ARG A 1 10  ? 25.837  -5.723  11.425  1.00 42.52  ? 10  ARG A CB  1 
ATOM   69   C  CG  . ARG A 1 10  ? 26.788  -6.898  11.425  1.00 47.09  ? 10  ARG A CG  1 
ATOM   70   C  CD  . ARG A 1 10  ? 26.183  -8.168  11.985  1.00 51.99  ? 10  ARG A CD  1 
ATOM   71   N  NE  . ARG A 1 10  ? 27.108  -9.285  11.799  1.00 56.31  ? 10  ARG A NE  1 
ATOM   72   C  CZ  . ARG A 1 10  ? 28.042  -9.646  12.679  1.00 58.51  ? 10  ARG A CZ  1 
ATOM   73   N  NH1 . ARG A 1 10  ? 28.179  -8.991  13.832  1.00 58.67  ? 10  ARG A NH1 1 
ATOM   74   N  NH2 . ARG A 1 10  ? 28.865  -10.648 12.390  1.00 59.09  ? 10  ARG A NH2 1 
ATOM   75   N  N   . TRP A 1 11  ? 25.013  -2.780  11.267  1.00 36.13  ? 11  TRP A N   1 
ATOM   76   C  CA  . TRP A 1 11  ? 24.022  -1.712  11.306  1.00 35.70  ? 11  TRP A CA  1 
ATOM   77   C  C   . TRP A 1 11  ? 24.190  -0.742  10.153  1.00 34.71  ? 11  TRP A C   1 
ATOM   78   O  O   . TRP A 1 11  ? 23.227  -0.127  9.693   1.00 33.74  ? 11  TRP A O   1 
ATOM   79   C  CB  . TRP A 1 11  ? 24.118  -0.974  12.634  1.00 36.93  ? 11  TRP A CB  1 
ATOM   80   C  CG  . TRP A 1 11  ? 23.391  -1.679  13.693  1.00 38.02  ? 11  TRP A CG  1 
ATOM   81   C  CD1 . TRP A 1 11  ? 23.919  -2.388  14.728  1.00 37.64  ? 11  TRP A CD1 1 
ATOM   82   C  CD2 . TRP A 1 11  ? 21.978  -1.811  13.789  1.00 39.85  ? 11  TRP A CD2 1 
ATOM   83   N  NE1 . TRP A 1 11  ? 22.916  -2.962  15.466  1.00 38.64  ? 11  TRP A NE1 1 
ATOM   84   C  CE2 . TRP A 1 11  ? 21.709  -2.622  14.908  1.00 40.39  ? 11  TRP A CE2 1 
ATOM   85   C  CE3 . TRP A 1 11  ? 20.905  -1.324  13.028  1.00 40.38  ? 11  TRP A CE3 1 
ATOM   86   C  CZ2 . TRP A 1 11  ? 20.406  -2.956  15.294  1.00 41.82  ? 11  TRP A CZ2 1 
ATOM   87   C  CZ3 . TRP A 1 11  ? 19.612  -1.656  13.410  1.00 41.92  ? 11  TRP A CZ3 1 
ATOM   88   C  CH2 . TRP A 1 11  ? 19.373  -2.464  14.533  1.00 42.24  ? 11  TRP A CH2 1 
ATOM   89   N  N   . GLN A 1 12  ? 25.428  -0.598  9.701   1.00 33.59  ? 12  GLN A N   1 
ATOM   90   C  CA  . GLN A 1 12  ? 25.698  0.257   8.572   1.00 32.75  ? 12  GLN A CA  1 
ATOM   91   C  C   . GLN A 1 12  ? 24.926  -0.429  7.462   1.00 33.14  ? 12  GLN A C   1 
ATOM   92   O  O   . GLN A 1 12  ? 24.143  0.207   6.761   1.00 34.44  ? 12  GLN A O   1 
ATOM   93   C  CB  . GLN A 1 12  ? 27.167  0.239   8.191   1.00 32.78  ? 12  GLN A CB  1 
ATOM   94   C  CG  . GLN A 1 12  ? 28.146  0.622   9.276   1.00 31.96  ? 12  GLN A CG  1 
ATOM   95   C  CD  . GLN A 1 12  ? 29.491  1.021   8.694   1.00 29.88  ? 12  GLN A CD  1 
ATOM   96   O  OE1 . GLN A 1 12  ? 30.174  0.221   8.061   1.00 29.35  ? 12  GLN A OE1 1 
ATOM   97   N  NE2 . GLN A 1 12  ? 29.864  2.270   8.894   1.00 28.31  ? 12  GLN A NE2 1 
ATOM   98   N  N   . ARG A 1 13  ? 25.149  -1.738  7.316   1.00 31.66  ? 13  ARG A N   1 
ATOM   99   C  CA  . ARG A 1 13  ? 24.486  -2.531  6.293   1.00 30.97  ? 13  ARG A CA  1 
ATOM   100  C  C   . ARG A 1 13  ? 22.967  -2.512  6.377   1.00 29.24  ? 13  ARG A C   1 
ATOM   101  O  O   . ARG A 1 13  ? 22.294  -2.502  5.356   1.00 28.88  ? 13  ARG A O   1 
ATOM   102  C  CB  . ARG A 1 13  ? 24.973  -3.977  6.336   1.00 32.99  ? 13  ARG A CB  1 
ATOM   103  C  CG  . ARG A 1 13  ? 24.193  -4.873  5.382   1.00 36.35  ? 13  ARG A CG  1 
ATOM   104  C  CD  . ARG A 1 13  ? 24.976  -6.079  4.933   1.00 38.52  ? 13  ARG A CD  1 
ATOM   105  N  NE  . ARG A 1 13  ? 24.100  -6.997  4.214   1.00 42.21  ? 13  ARG A NE  1 
ATOM   106  C  CZ  . ARG A 1 13  ? 23.081  -7.648  4.777   1.00 44.27  ? 13  ARG A CZ  1 
ATOM   107  N  NH1 . ARG A 1 13  ? 22.821  -7.487  6.071   1.00 43.05  ? 13  ARG A NH1 1 
ATOM   108  N  NH2 . ARG A 1 13  ? 22.304  -8.444  4.045   1.00 44.66  ? 13  ARG A NH2 1 
ATOM   109  N  N   . ILE A 1 14  ? 22.416  -2.534  7.581   1.00 28.20  ? 14  ILE A N   1 
ATOM   110  C  CA  . ILE A 1 14  ? 20.963  -2.498  7.713   1.00 27.83  ? 14  ILE A CA  1 
ATOM   111  C  C   . ILE A 1 14  ? 20.469  -1.139  7.261   1.00 26.98  ? 14  ILE A C   1 
ATOM   112  O  O   . ILE A 1 14  ? 19.566  -1.032  6.444   1.00 25.99  ? 14  ILE A O   1 
ATOM   113  C  CB  . ILE A 1 14  ? 20.520  -2.705  9.165   1.00 29.34  ? 14  ILE A CB  1 
ATOM   114  C  CG1 . ILE A 1 14  ? 20.480  -4.192  9.478   1.00 29.93  ? 14  ILE A CG1 1 
ATOM   115  C  CG2 . ILE A 1 14  ? 19.143  -2.062  9.409   1.00 28.72  ? 14  ILE A CG2 1 
ATOM   116  C  CD1 . ILE A 1 14  ? 20.171  -4.453  10.913  1.00 34.31  ? 14  ILE A CD1 1 
ATOM   117  N  N   . ALA A 1 15  ? 21.072  -0.096  7.810   1.00 26.50  ? 15  ALA A N   1 
ATOM   118  C  CA  . ALA A 1 15  ? 20.703  1.255   7.462   1.00 25.36  ? 15  ALA A CA  1 
ATOM   119  C  C   . ALA A 1 15  ? 20.772  1.375   5.929   1.00 24.62  ? 15  ALA A C   1 
ATOM   120  O  O   . ALA A 1 15  ? 19.897  1.981   5.314   1.00 25.26  ? 15  ALA A O   1 
ATOM   121  C  CB  . ALA A 1 15  ? 21.652  2.234   8.168   1.00 23.59  ? 15  ALA A CB  1 
ATOM   122  N  N   . LEU A 1 16  ? 21.776  0.761   5.307   1.00 23.86  ? 16  LEU A N   1 
ATOM   123  C  CA  . LEU A 1 16  ? 21.871  0.812   3.857   1.00 24.93  ? 16  LEU A CA  1 
ATOM   124  C  C   . LEU A 1 16  ? 20.691  0.093   3.221   1.00 25.91  ? 16  LEU A C   1 
ATOM   125  O  O   . LEU A 1 16  ? 19.946  0.698   2.468   1.00 28.22  ? 16  LEU A O   1 
ATOM   126  C  CB  . LEU A 1 16  ? 23.175  0.191   3.358   1.00 25.65  ? 16  LEU A CB  1 
ATOM   127  C  CG  . LEU A 1 16  ? 24.451  1.041   3.462   1.00 26.15  ? 16  LEU A CG  1 
ATOM   128  C  CD1 . LEU A 1 16  ? 25.650  0.211   2.990   1.00 24.30  ? 16  LEU A CD1 1 
ATOM   129  C  CD2 . LEU A 1 16  ? 24.301  2.318   2.631   1.00 23.25  ? 16  LEU A CD2 1 
ATOM   130  N  N   . LEU A 1 17  ? 20.516  -1.195  3.496   1.00 25.67  ? 17  LEU A N   1 
ATOM   131  C  CA  . LEU A 1 17  ? 19.397  -1.929  2.907   1.00 25.05  ? 17  LEU A CA  1 
ATOM   132  C  C   . LEU A 1 17  ? 18.082  -1.190  3.093   1.00 24.84  ? 17  LEU A C   1 
ATOM   133  O  O   . LEU A 1 17  ? 17.265  -1.147  2.186   1.00 25.49  ? 17  LEU A O   1 
ATOM   134  C  CB  . LEU A 1 17  ? 19.269  -3.323  3.526   1.00 25.28  ? 17  LEU A CB  1 
ATOM   135  C  CG  . LEU A 1 17  ? 20.288  -4.398  3.152   1.00 23.79  ? 17  LEU A CG  1 
ATOM   136  C  CD1 . LEU A 1 17  ? 20.008  -5.631  3.964   1.00 22.96  ? 17  LEU A CD1 1 
ATOM   137  C  CD2 . LEU A 1 17  ? 20.208  -4.700  1.672   1.00 22.50  ? 17  LEU A CD2 1 
ATOM   138  N  N   . SER A 1 18  ? 17.891  -0.598  4.264   1.00 24.63  ? 18  SER A N   1 
ATOM   139  C  CA  . SER A 1 18  ? 16.663  0.130   4.570   1.00 25.11  ? 18  SER A CA  1 
ATOM   140  C  C   . SER A 1 18  ? 16.464  1.370   3.685   1.00 25.12  ? 18  SER A C   1 
ATOM   141  O  O   . SER A 1 18  ? 15.370  1.621   3.169   1.00 23.94  ? 18  SER A O   1 
ATOM   142  C  CB  . SER A 1 18  ? 16.662  0.521   6.049   1.00 25.58  ? 18  SER A CB  1 
ATOM   143  O  OG  . SER A 1 18  ? 16.524  1.925   6.202   1.00 27.85  ? 18  SER A OG  1 
ATOM   144  N  N   . GLN A 1 19  ? 17.521  2.151   3.516   1.00 25.30  ? 19  GLN A N   1 
ATOM   145  C  CA  . GLN A 1 19  ? 17.423  3.309   2.657   1.00 26.19  ? 19  GLN A CA  1 
ATOM   146  C  C   . GLN A 1 19  ? 16.994  2.762   1.306   1.00 26.80  ? 19  GLN A C   1 
ATOM   147  O  O   . GLN A 1 19  ? 16.154  3.343   0.620   1.00 28.17  ? 19  GLN A O   1 
ATOM   148  C  CB  . GLN A 1 19  ? 18.774  4.008   2.511   1.00 25.60  ? 19  GLN A CB  1 
ATOM   149  C  CG  . GLN A 1 19  ? 18.754  5.227   1.591   1.00 25.94  ? 19  GLN A CG  1 
ATOM   150  C  CD  . GLN A 1 19  ? 17.883  6.336   2.111   1.00 27.15  ? 19  GLN A CD  1 
ATOM   151  O  OE1 . GLN A 1 19  ? 16.677  6.329   1.916   1.00 30.49  ? 19  GLN A OE1 1 
ATOM   152  N  NE2 . GLN A 1 19  ? 18.487  7.293   2.801   1.00 30.09  ? 19  GLN A NE2 1 
ATOM   153  N  N   . SER A 1 20  ? 17.590  1.640   0.920   1.00 26.18  ? 20  SER A N   1 
ATOM   154  C  CA  . SER A 1 20  ? 17.273  1.002   -0.356  1.00 27.47  ? 20  SER A CA  1 
ATOM   155  C  C   . SER A 1 20  ? 15.800  0.738   -0.527  1.00 27.44  ? 20  SER A C   1 
ATOM   156  O  O   . SER A 1 20  ? 15.188  1.203   -1.471  1.00 28.83  ? 20  SER A O   1 
ATOM   157  C  CB  . SER A 1 20  ? 18.023  -0.316  -0.493  1.00 28.67  ? 20  SER A CB  1 
ATOM   158  O  OG  . SER A 1 20  ? 19.140  -0.139  -1.341  1.00 31.42  ? 20  SER A OG  1 
ATOM   159  N  N   . LEU A 1 21  ? 15.243  -0.021  0.398   1.00 26.45  ? 21  LEU A N   1 
ATOM   160  C  CA  . LEU A 1 21  ? 13.852  -0.378  0.332   1.00 26.31  ? 21  LEU A CA  1 
ATOM   161  C  C   . LEU A 1 21  ? 12.934  0.827   0.305   1.00 26.42  ? 21  LEU A C   1 
ATOM   162  O  O   . LEU A 1 21  ? 11.936  0.836   -0.415  1.00 25.45  ? 21  LEU A O   1 
ATOM   163  C  CB  . LEU A 1 21  ? 13.516  -1.284  1.499   1.00 27.46  ? 21  LEU A CB  1 
ATOM   164  C  CG  . LEU A 1 21  ? 14.145  -2.662  1.324   1.00 26.86  ? 21  LEU A CG  1 
ATOM   165  C  CD1 . LEU A 1 21  ? 14.101  -3.415  2.630   1.00 27.14  ? 21  LEU A CD1 1 
ATOM   166  C  CD2 . LEU A 1 21  ? 13.376  -3.428  0.252   1.00 27.78  ? 21  LEU A CD2 1 
ATOM   167  N  N   . LEU A 1 22  ? 13.256  1.842   1.100   1.00 28.42  ? 22  LEU A N   1 
ATOM   168  C  CA  . LEU A 1 22  ? 12.450  3.059   1.108   1.00 29.57  ? 22  LEU A CA  1 
ATOM   169  C  C   . LEU A 1 22  ? 12.421  3.623   -0.300  1.00 30.40  ? 22  LEU A C   1 
ATOM   170  O  O   . LEU A 1 22  ? 11.371  3.762   -0.895  1.00 29.97  ? 22  LEU A O   1 
ATOM   171  C  CB  . LEU A 1 22  ? 13.035  4.112   2.046   1.00 27.80  ? 22  LEU A CB  1 
ATOM   172  C  CG  . LEU A 1 22  ? 12.357  5.478   1.871   1.00 25.88  ? 22  LEU A CG  1 
ATOM   173  C  CD1 . LEU A 1 22  ? 10.910  5.418   2.354   1.00 24.96  ? 22  LEU A CD1 1 
ATOM   174  C  CD2 . LEU A 1 22  ? 13.123  6.525   2.643   1.00 23.42  ? 22  LEU A CD2 1 
ATOM   175  N  N   . GLU A 1 23  ? 13.589  3.973   -0.821  1.00 32.57  ? 23  GLU A N   1 
ATOM   176  C  CA  . GLU A 1 23  ? 13.697  4.508   -2.178  1.00 36.32  ? 23  GLU A CA  1 
ATOM   177  C  C   . GLU A 1 23  ? 12.901  3.736   -3.225  1.00 37.13  ? 23  GLU A C   1 
ATOM   178  O  O   . GLU A 1 23  ? 12.314  4.333   -4.123  1.00 39.23  ? 23  GLU A O   1 
ATOM   179  C  CB  . GLU A 1 23  ? 15.144  4.523   -2.626  1.00 39.22  ? 23  GLU A CB  1 
ATOM   180  C  CG  . GLU A 1 23  ? 16.020  5.488   -1.881  1.00 43.02  ? 23  GLU A CG  1 
ATOM   181  C  CD  . GLU A 1 23  ? 16.958  6.212   -2.814  1.00 43.87  ? 23  GLU A CD  1 
ATOM   182  O  OE1 . GLU A 1 23  ? 18.057  6.554   -2.346  1.00 44.32  ? 23  GLU A OE1 1 
ATOM   183  O  OE2 . GLU A 1 23  ? 16.596  6.437   -4.000  1.00 45.16  ? 23  GLU A OE2 1 
ATOM   184  N  N   . LEU A 1 24  ? 12.925  2.414   -3.135  1.00 36.63  ? 24  LEU A N   1 
ATOM   185  C  CA  . LEU A 1 24  ? 12.192  1.585   -4.065  1.00 35.30  ? 24  LEU A CA  1 
ATOM   186  C  C   . LEU A 1 24  ? 10.712  1.839   -3.983  1.00 36.52  ? 24  LEU A C   1 
ATOM   187  O  O   . LEU A 1 24  ? 10.022  1.808   -4.986  1.00 38.24  ? 24  LEU A O   1 
ATOM   188  C  CB  . LEU A 1 24  ? 12.436  0.121   -3.774  1.00 33.71  ? 24  LEU A CB  1 
ATOM   189  C  CG  . LEU A 1 24  ? 13.793  -0.322  -4.256  1.00 32.74  ? 24  LEU A CG  1 
ATOM   190  C  CD1 . LEU A 1 24  ? 13.976  -1.743  -3.806  1.00 33.40  ? 24  LEU A CD1 1 
ATOM   191  C  CD2 . LEU A 1 24  ? 13.908  -0.188  -5.778  1.00 32.05  ? 24  LEU A CD2 1 
ATOM   192  N  N   . ALA A 1 25  ? 10.222  2.078   -2.773  1.00 37.60  ? 25  ALA A N   1 
ATOM   193  C  CA  . ALA A 1 25  ? 8.803   2.344   -2.567  1.00 37.90  ? 25  ALA A CA  1 
ATOM   194  C  C   . ALA A 1 25  ? 8.511   3.748   -3.093  1.00 38.55  ? 25  ALA A C   1 
ATOM   195  O  O   . ALA A 1 25  ? 7.503   3.948   -3.774  1.00 41.23  ? 25  ALA A O   1 
ATOM   196  C  CB  . ALA A 1 25  ? 8.456   2.266   -1.113  1.00 36.33  ? 25  ALA A CB  1 
ATOM   197  N  N   . GLN A 1 26  ? 9.361   4.725   -2.801  1.00 37.24  ? 26  GLN A N   1 
ATOM   198  C  CA  . GLN A 1 26  ? 9.036   6.014   -3.314  1.00 37.75  ? 26  GLN A CA  1 
ATOM   199  C  C   . GLN A 1 26  ? 8.792   5.871   -4.812  1.00 38.54  ? 26  GLN A C   1 
ATOM   200  O  O   . GLN A 1 26  ? 7.916   6.511   -5.383  1.00 39.74  ? 26  GLN A O   1 
ATOM   201  C  CB  . GLN A 1 26  ? 10.161  6.980   -3.010  1.00 38.79  ? 26  GLN A CB  1 
ATOM   202  C  CG  . GLN A 1 26  ? 10.696  6.800   -1.627  1.00 41.14  ? 26  GLN A CG  1 
ATOM   203  C  CD  . GLN A 1 26  ? 11.833  7.749   -1.269  1.00 42.78  ? 26  GLN A CD  1 
ATOM   204  O  OE1 . GLN A 1 26  ? 12.761  7.971   -2.048  1.00 43.76  ? 26  GLN A OE1 1 
ATOM   205  N  NE2 . GLN A 1 26  ? 11.784  8.277   -0.056  1.00 44.39  ? 26  GLN A NE2 1 
ATOM   206  N  N   . ARG A 1 27  ? 9.583   5.025   -5.457  1.00 38.70  ? 27  ARG A N   1 
ATOM   207  C  CA  . ARG A 1 27  ? 9.427   4.799   -6.897  1.00 40.17  ? 27  ARG A CA  1 
ATOM   208  C  C   . ARG A 1 27  ? 8.185   3.986   -7.119  1.00 41.61  ? 27  ARG A C   1 
ATOM   209  O  O   . ARG A 1 27  ? 7.588   4.057   -8.170  1.00 44.92  ? 27  ARG A O   1 
ATOM   210  C  CB  . ARG A 1 27  ? 10.620  4.048   -7.459  1.00 39.76  ? 27  ARG A CB  1 
ATOM   211  C  CG  . ARG A 1 27  ? 11.851  4.677   -7.029  1.00 40.89  ? 27  ARG A CG  1 
ATOM   212  C  CD  . ARG A 1 27  ? 13.047  4.374   -7.841  1.00 42.01  ? 27  ARG A CD  1 
ATOM   213  N  NE  . ARG A 1 27  ? 14.087  5.180   -7.233  1.00 47.17  ? 27  ARG A NE  1 
ATOM   214  C  CZ  . ARG A 1 27  ? 15.172  5.613   -7.856  1.00 50.16  ? 27  ARG A CZ  1 
ATOM   215  N  NH1 . ARG A 1 27  ? 15.384  5.310   -9.134  1.00 51.37  ? 27  ARG A NH1 1 
ATOM   216  N  NH2 . ARG A 1 27  ? 16.027  6.390   -7.203  1.00 50.44  ? 27  ARG A NH2 1 
ATOM   217  N  N   . GLY A 1 28  ? 7.788   3.214   -6.121  1.00 42.65  ? 28  GLY A N   1 
ATOM   218  C  CA  . GLY A 1 28  ? 6.617   2.381   -6.295  1.00 44.79  ? 28  GLY A CA  1 
ATOM   219  C  C   . GLY A 1 28  ? 6.975   1.016   -6.846  1.00 46.42  ? 28  GLY A C   1 
ATOM   220  O  O   . GLY A 1 28  ? 6.122   0.276   -7.340  1.00 46.78  ? 28  GLY A O   1 
ATOM   221  N  N   . GLU A 1 29  ? 8.256   0.684   -6.789  1.00 48.22  ? 29  GLU A N   1 
ATOM   222  C  CA  . GLU A 1 29  ? 8.709   -0.616  -7.261  1.00 50.26  ? 29  GLU A CA  1 
ATOM   223  C  C   . GLU A 1 29  ? 8.425   -1.647  -6.168  1.00 50.49  ? 29  GLU A C   1 
ATOM   224  O  O   . GLU A 1 29  ? 9.347   -2.245  -5.632  1.00 50.21  ? 29  GLU A O   1 
ATOM   225  C  CB  . GLU A 1 29  ? 10.212  -0.573  -7.536  1.00 52.20  ? 29  GLU A CB  1 
ATOM   226  C  CG  . GLU A 1 29  ? 10.695  0.461   -8.536  1.00 55.78  ? 29  GLU A CG  1 
ATOM   227  C  CD  . GLU A 1 29  ? 10.539  0.006   -9.978  1.00 59.87  ? 29  GLU A CD  1 
ATOM   228  O  OE1 . GLU A 1 29  ? 11.378  0.399   -10.816 1.00 62.75  ? 29  GLU A OE1 1 
ATOM   229  O  OE2 . GLU A 1 29  ? 9.580   -0.733  -10.283 1.00 61.67  ? 29  GLU A OE2 1 
ATOM   230  N  N   . TRP A 1 30  ? 7.153   -1.849  -5.839  1.00 51.36  ? 30  TRP A N   1 
ATOM   231  C  CA  . TRP A 1 30  ? 6.771   -2.791  -4.786  1.00 51.86  ? 30  TRP A CA  1 
ATOM   232  C  C   . TRP A 1 30  ? 7.082   -4.247  -5.085  1.00 52.17  ? 30  TRP A C   1 
ATOM   233  O  O   . TRP A 1 30  ? 7.260   -5.054  -4.176  1.00 52.53  ? 30  TRP A O   1 
ATOM   234  C  CB  . TRP A 1 30  ? 5.285   -2.673  -4.476  1.00 52.31  ? 30  TRP A CB  1 
ATOM   235  C  CG  . TRP A 1 30  ? 4.786   -1.263  -4.397  1.00 53.98  ? 30  TRP A CG  1 
ATOM   236  C  CD1 . TRP A 1 30  ? 4.230   -0.523  -5.412  1.00 54.96  ? 30  TRP A CD1 1 
ATOM   237  C  CD2 . TRP A 1 30  ? 4.808   -0.413  -3.251  1.00 53.70  ? 30  TRP A CD2 1 
ATOM   238  N  NE1 . TRP A 1 30  ? 3.903   0.736   -4.961  1.00 53.60  ? 30  TRP A NE1 1 
ATOM   239  C  CE2 . TRP A 1 30  ? 4.242   0.830   -3.636  1.00 53.63  ? 30  TRP A CE2 1 
ATOM   240  C  CE3 . TRP A 1 30  ? 5.244   -0.579  -1.927  1.00 53.05  ? 30  TRP A CE3 1 
ATOM   241  C  CZ2 . TRP A 1 30  ? 4.112   1.898   -2.753  1.00 54.46  ? 30  TRP A CZ2 1 
ATOM   242  C  CZ3 . TRP A 1 30  ? 5.114   0.488   -1.043  1.00 53.67  ? 30  TRP A CZ3 1 
ATOM   243  C  CH2 . TRP A 1 30  ? 4.546   1.711   -1.461  1.00 55.17  ? 30  TRP A CH2 1 
ATOM   244  N  N   . ASP A 1 31  ? 7.122   -4.605  -6.358  1.00 53.08  ? 31  ASP A N   1 
ATOM   245  C  CA  . ASP A 1 31  ? 7.419   -5.984  -6.701  1.00 54.25  ? 31  ASP A CA  1 
ATOM   246  C  C   . ASP A 1 31  ? 8.798   -6.373  -6.193  1.00 54.32  ? 31  ASP A C   1 
ATOM   247  O  O   . ASP A 1 31  ? 9.032   -7.524  -5.811  1.00 54.05  ? 31  ASP A O   1 
ATOM   248  C  CB  . ASP A 1 31  ? 7.327   -6.180  -8.213  1.00 56.49  ? 31  ASP A CB  1 
ATOM   249  C  CG  . ASP A 1 31  ? 5.896   -6.158  -8.707  1.00 57.26  ? 31  ASP A CG  1 
ATOM   250  O  OD1 . ASP A 1 31  ? 5.128   -7.062  -8.310  1.00 56.15  ? 31  ASP A OD1 1 
ATOM   251  O  OD2 . ASP A 1 31  ? 5.544   -5.249  -9.491  1.00 58.33  ? 31  ASP A OD2 1 
ATOM   252  N  N   . LEU A 1 32  ? 9.728   -5.424  -6.208  1.00 54.66  ? 32  LEU A N   1 
ATOM   253  C  CA  . LEU A 1 32  ? 11.073  -5.704  -5.713  1.00 54.65  ? 32  LEU A CA  1 
ATOM   254  C  C   . LEU A 1 32  ? 11.077  -5.684  -4.196  1.00 55.22  ? 32  LEU A C   1 
ATOM   255  O  O   . LEU A 1 32  ? 11.784  -6.461  -3.579  1.00 56.80  ? 32  LEU A O   1 
ATOM   256  C  CB  . LEU A 1 32  ? 12.077  -4.693  -6.272  1.00 53.59  ? 32  LEU A CB  1 
ATOM   257  C  CG  . LEU A 1 32  ? 12.400  -4.919  -7.752  1.00 52.91  ? 32  LEU A CG  1 
ATOM   258  C  CD1 . LEU A 1 32  ? 13.435  -3.927  -8.203  1.00 51.98  ? 32  LEU A CD1 1 
ATOM   259  C  CD2 . LEU A 1 32  ? 12.899  -6.343  -7.957  1.00 52.03  ? 32  LEU A CD2 1 
ATOM   260  N  N   . LEU A 1 33  ? 10.261  -4.825  -3.594  1.00 55.65  ? 33  LEU A N   1 
ATOM   261  C  CA  . LEU A 1 33  ? 10.209  -4.782  -2.147  1.00 56.59  ? 33  LEU A CA  1 
ATOM   262  C  C   . LEU A 1 33  ? 9.811   -6.138  -1.608  1.00 58.13  ? 33  LEU A C   1 
ATOM   263  O  O   . LEU A 1 33  ? 10.461  -6.665  -0.715  1.00 59.30  ? 33  LEU A O   1 
ATOM   264  C  CB  . LEU A 1 33  ? 9.214   -3.746  -1.630  1.00 55.50  ? 33  LEU A CB  1 
ATOM   265  C  CG  . LEU A 1 33  ? 9.923   -2.546  -1.018  1.00 54.91  ? 33  LEU A CG  1 
ATOM   266  C  CD1 . LEU A 1 33  ? 10.414  -1.657  -2.127  1.00 56.03  ? 33  LEU A CD1 1 
ATOM   267  C  CD2 . LEU A 1 33  ? 8.976   -1.779  -0.120  1.00 55.98  ? 33  LEU A CD2 1 
ATOM   268  N  N   . LEU A 1 34  ? 8.730   -6.700  -2.138  1.00 59.89  ? 34  LEU A N   1 
ATOM   269  C  CA  . LEU A 1 34  ? 8.265   -8.012  -1.693  1.00 62.24  ? 34  LEU A CA  1 
ATOM   270  C  C   . LEU A 1 34  ? 9.431   -8.996  -1.766  1.00 64.59  ? 34  LEU A C   1 
ATOM   271  O  O   . LEU A 1 34  ? 9.665   -9.776  -0.835  1.00 65.84  ? 34  LEU A O   1 
ATOM   272  C  CB  . LEU A 1 34  ? 7.115   -8.496  -2.570  1.00 60.61  ? 34  LEU A CB  1 
ATOM   273  C  CG  . LEU A 1 34  ? 5.854   -7.634  -2.487  1.00 59.65  ? 34  LEU A CG  1 
ATOM   274  C  CD1 . LEU A 1 34  ? 5.059   -7.741  -3.770  1.00 60.61  ? 34  LEU A CD1 1 
ATOM   275  C  CD2 . LEU A 1 34  ? 5.014   -8.054  -1.307  1.00 57.59  ? 34  LEU A CD2 1 
ATOM   276  N  N   . GLN A 1 35  ? 10.172  -8.950  -2.867  1.00 66.43  ? 35  GLN A N   1 
ATOM   277  C  CA  . GLN A 1 35  ? 11.319  -9.825  -3.038  1.00 68.95  ? 35  GLN A CA  1 
ATOM   278  C  C   . GLN A 1 35  ? 12.368  -9.638  -1.948  1.00 71.51  ? 35  GLN A C   1 
ATOM   279  O  O   . GLN A 1 35  ? 12.620  -10.551 -1.159  1.00 72.93  ? 35  GLN A O   1 
ATOM   280  C  CB  . GLN A 1 35  ? 11.942  -9.587  -4.397  1.00 68.16  ? 35  GLN A CB  1 
ATOM   281  C  CG  . GLN A 1 35  ? 11.212  -10.257 -5.532  1.00 67.94  ? 35  GLN A CG  1 
ATOM   282  C  CD  . GLN A 1 35  ? 11.685  -9.748  -6.879  1.00 68.72  ? 35  GLN A CD  1 
ATOM   283  O  OE1 . GLN A 1 35  ? 12.875  -9.485  -7.083  1.00 70.43  ? 35  GLN A OE1 1 
ATOM   284  N  NE2 . GLN A 1 35  ? 10.752  -9.594  -7.805  1.00 67.76  ? 35  GLN A NE2 1 
ATOM   285  N  N   . GLN A 1 36  ? 12.979  -8.461  -1.895  1.00 73.30  ? 36  GLN A N   1 
ATOM   286  C  CA  . GLN A 1 36  ? 14.005  -8.169  -0.894  1.00 75.83  ? 36  GLN A CA  1 
ATOM   287  C  C   . GLN A 1 36  ? 13.548  -8.246  0.570   1.00 76.77  ? 36  GLN A C   1 
ATOM   288  O  O   . GLN A 1 36  ? 14.374  -8.405  1.479   1.00 77.01  ? 36  GLN A O   1 
ATOM   289  C  CB  . GLN A 1 36  ? 14.561  -6.778  -1.144  1.00 76.98  ? 36  GLN A CB  1 
ATOM   290  C  CG  . GLN A 1 36  ? 14.558  -6.360  -2.602  1.00 80.04  ? 36  GLN A CG  1 
ATOM   291  C  CD  . GLN A 1 36  ? 15.796  -6.808  -3.337  1.00 82.88  ? 36  GLN A CD  1 
ATOM   292  O  OE1 . GLN A 1 36  ? 16.888  -6.266  -3.128  1.00 84.50  ? 36  GLN A OE1 1 
ATOM   293  N  NE2 . GLN A 1 36  ? 15.640  -7.810  -4.202  1.00 83.76  ? 36  GLN A NE2 1 
ATOM   294  N  N   . GLU A 1 37  ? 12.248  -8.114  0.804   1.00 77.36  ? 37  GLU A N   1 
ATOM   295  C  CA  . GLU A 1 37  ? 11.726  -8.147  2.166   1.00 78.41  ? 37  GLU A CA  1 
ATOM   296  C  C   . GLU A 1 37  ? 12.258  -9.268  3.052   1.00 78.38  ? 37  GLU A C   1 
ATOM   297  O  O   . GLU A 1 37  ? 12.945  -9.005  4.044   1.00 78.64  ? 37  GLU A O   1 
ATOM   298  C  CB  . GLU A 1 37  ? 10.209  -8.249  2.155   1.00 79.83  ? 37  GLU A CB  1 
ATOM   299  C  CG  . GLU A 1 37  ? 9.560   -8.217  3.534   1.00 81.77  ? 37  GLU A CG  1 
ATOM   300  C  CD  . GLU A 1 37  ? 8.208   -8.913  3.539   1.00 82.82  ? 37  GLU A CD  1 
ATOM   301  O  OE1 . GLU A 1 37  ? 7.634   -9.034  2.446   1.00 82.58  ? 37  GLU A OE1 1 
ATOM   302  O  OE2 . GLU A 1 37  ? 7.709   -9.336  4.610   1.00 83.35  ? 37  GLU A OE2 1 
ATOM   303  N  N   . VAL A 1 38  ? 11.927  -10.514 2.723   1.00 77.68  ? 38  VAL A N   1 
ATOM   304  C  CA  . VAL A 1 38  ? 12.378  -11.623 3.561   1.00 76.69  ? 38  VAL A CA  1 
ATOM   305  C  C   . VAL A 1 38  ? 13.864  -11.489 3.923   1.00 75.65  ? 38  VAL A C   1 
ATOM   306  O  O   . VAL A 1 38  ? 14.236  -11.591 5.097   1.00 77.03  ? 38  VAL A O   1 
ATOM   307  C  CB  . VAL A 1 38  ? 12.143  -12.990 2.870   1.00 76.24  ? 38  VAL A CB  1 
ATOM   308  C  CG1 . VAL A 1 38  ? 12.538  -14.126 3.787   1.00 75.98  ? 38  VAL A CG1 1 
ATOM   309  C  CG2 . VAL A 1 38  ? 10.687  -13.136 2.510   1.00 76.81  ? 38  VAL A CG2 1 
ATOM   310  N  N   . SER A 1 39  ? 14.700  -11.241 2.920   1.00 72.73  ? 39  SER A N   1 
ATOM   311  C  CA  . SER A 1 39  ? 16.137  -11.080 3.122   1.00 69.84  ? 39  SER A CA  1 
ATOM   312  C  C   . SER A 1 39  ? 16.483  -9.942  4.103   1.00 66.85  ? 39  SER A C   1 
ATOM   313  O  O   . SER A 1 39  ? 17.432  -10.030 4.886   1.00 66.94  ? 39  SER A O   1 
ATOM   314  C  CB  . SER A 1 39  ? 16.765  -10.825 1.760   1.00 71.34  ? 39  SER A CB  1 
ATOM   315  O  OG  . SER A 1 39  ? 15.900  -11.330 0.756   1.00 73.27  ? 39  SER A OG  1 
ATOM   316  N  N   . TYR A 1 40  ? 15.688  -8.880  4.057   1.00 62.69  ? 40  TYR A N   1 
ATOM   317  C  CA  . TYR A 1 40  ? 15.889  -7.722  4.920   1.00 58.55  ? 40  TYR A CA  1 
ATOM   318  C  C   . TYR A 1 40  ? 15.529  -8.048  6.372   1.00 57.85  ? 40  TYR A C   1 
ATOM   319  O  O   . TYR A 1 40  ? 16.327  -7.867  7.284   1.00 57.02  ? 40  TYR A O   1 
ATOM   320  C  CB  . TYR A 1 40  ? 15.034  -6.575  4.407   1.00 55.28  ? 40  TYR A CB  1 
ATOM   321  C  CG  . TYR A 1 40  ? 15.051  -5.365  5.292   1.00 52.44  ? 40  TYR A CG  1 
ATOM   322  C  CD1 . TYR A 1 40  ? 16.227  -4.668  5.531   1.00 52.00  ? 40  TYR A CD1 1 
ATOM   323  C  CD2 . TYR A 1 40  ? 13.881  -4.910  5.884   1.00 51.43  ? 40  TYR A CD2 1 
ATOM   324  C  CE1 . TYR A 1 40  ? 16.229  -3.545  6.335   1.00 51.34  ? 40  TYR A CE1 1 
ATOM   325  C  CE2 . TYR A 1 40  ? 13.874  -3.801  6.681   1.00 50.95  ? 40  TYR A CE2 1 
ATOM   326  C  CZ  . TYR A 1 40  ? 15.043  -3.121  6.909   1.00 50.77  ? 40  TYR A CZ  1 
ATOM   327  O  OH  . TYR A 1 40  ? 15.014  -2.015  7.721   1.00 51.37  ? 40  TYR A OH  1 
ATOM   328  N  N   . LEU A 1 41  ? 14.306  -8.524  6.568   1.00 57.87  ? 41  LEU A N   1 
ATOM   329  C  CA  . LEU A 1 41  ? 13.806  -8.914  7.884   1.00 58.48  ? 41  LEU A CA  1 
ATOM   330  C  C   . LEU A 1 41  ? 14.705  -10.011 8.422   1.00 58.46  ? 41  LEU A C   1 
ATOM   331  O  O   . LEU A 1 41  ? 14.896  -10.159 9.626   1.00 57.20  ? 41  LEU A O   1 
ATOM   332  C  CB  . LEU A 1 41  ? 12.387  -9.453  7.744   1.00 59.07  ? 41  LEU A CB  1 
ATOM   333  C  CG  . LEU A 1 41  ? 11.261  -8.468  7.443   1.00 59.51  ? 41  LEU A CG  1 
ATOM   334  C  CD1 . LEU A 1 41  ? 10.103  -9.201  6.780   1.00 60.87  ? 41  LEU A CD1 1 
ATOM   335  C  CD2 . LEU A 1 41  ? 10.822  -7.801  8.732   1.00 59.57  ? 41  LEU A CD2 1 
ATOM   336  N  N   . GLN A 1 42  ? 15.243  -10.780 7.487   1.00 59.89  ? 42  GLN A N   1 
ATOM   337  C  CA  . GLN A 1 42  ? 16.140  -11.881 7.781   1.00 61.89  ? 42  GLN A CA  1 
ATOM   338  C  C   . GLN A 1 42  ? 17.374  -11.272 8.445   1.00 60.73  ? 42  GLN A C   1 
ATOM   339  O  O   . GLN A 1 42  ? 17.678  -11.567 9.597   1.00 60.55  ? 42  GLN A O   1 
ATOM   340  C  CB  . GLN A 1 42  ? 16.506  -12.596 6.466   1.00 65.59  ? 42  GLN A CB  1 
ATOM   341  C  CG  . GLN A 1 42  ? 17.221  -13.948 6.569   1.00 71.05  ? 42  GLN A CG  1 
ATOM   342  C  CD  . GLN A 1 42  ? 17.181  -14.709 5.239   1.00 73.81  ? 42  GLN A CD  1 
ATOM   343  O  OE1 . GLN A 1 42  ? 16.162  -15.311 4.883   1.00 75.23  ? 42  GLN A OE1 1 
ATOM   344  N  NE2 . GLN A 1 42  ? 18.286  -14.666 4.493   1.00 73.96  ? 42  GLN A NE2 1 
ATOM   345  N  N   . SER A 1 43  ? 18.058  -10.388 7.726   1.00 59.72  ? 43  SER A N   1 
ATOM   346  C  CA  . SER A 1 43  ? 19.263  -9.741  8.234   1.00 58.99  ? 43  SER A CA  1 
ATOM   347  C  C   . SER A 1 43  ? 19.011  -8.931  9.497   1.00 58.52  ? 43  SER A C   1 
ATOM   348  O  O   . SER A 1 43  ? 19.724  -9.086  10.484  1.00 58.30  ? 43  SER A O   1 
ATOM   349  C  CB  . SER A 1 43  ? 19.860  -8.818  7.172   1.00 59.21  ? 43  SER A CB  1 
ATOM   350  O  OG  . SER A 1 43  ? 20.029  -9.475  5.937   1.00 60.65  ? 43  SER A OG  1 
ATOM   351  N  N   . ILE A 1 44  ? 18.001  -8.068  9.470   1.00 57.94  ? 44  ILE A N   1 
ATOM   352  C  CA  . ILE A 1 44  ? 17.713  -7.229  10.620  1.00 57.66  ? 44  ILE A CA  1 
ATOM   353  C  C   . ILE A 1 44  ? 17.420  -8.041  11.879  1.00 58.81  ? 44  ILE A C   1 
ATOM   354  O  O   . ILE A 1 44  ? 17.619  -7.570  12.993  1.00 58.94  ? 44  ILE A O   1 
ATOM   355  C  CB  . ILE A 1 44  ? 16.542  -6.267  10.324  1.00 56.42  ? 44  ILE A CB  1 
ATOM   356  C  CG1 . ILE A 1 44  ? 16.696  -5.011  11.163  1.00 55.73  ? 44  ILE A CG1 1 
ATOM   357  C  CG2 . ILE A 1 44  ? 15.232  -6.947  10.632  1.00 57.05  ? 44  ILE A CG2 1 
ATOM   358  C  CD1 . ILE A 1 44  ? 15.725  -3.906  10.813  1.00 55.32  ? 44  ILE A CD1 1 
ATOM   359  N  N   . GLU A 1 45  ? 16.929  -9.257  11.712  1.00 60.60  ? 45  GLU A N   1 
ATOM   360  C  CA  . GLU A 1 45  ? 16.659  -10.078 12.865  1.00 61.94  ? 45  GLU A CA  1 
ATOM   361  C  C   . GLU A 1 45  ? 17.970  -10.709 13.297  1.00 61.35  ? 45  GLU A C   1 
ATOM   362  O  O   . GLU A 1 45  ? 18.317  -10.697 14.470  1.00 61.38  ? 45  GLU A O   1 
ATOM   363  C  CB  . GLU A 1 45  ? 15.644  -11.147 12.494  1.00 64.13  ? 45  GLU A CB  1 
ATOM   364  C  CG  . GLU A 1 45  ? 14.209  -10.820 12.840  1.00 66.95  ? 45  GLU A CG  1 
ATOM   365  C  CD  . GLU A 1 45  ? 13.896  -11.075 14.295  1.00 68.69  ? 45  GLU A CD  1 
ATOM   366  O  OE1 . GLU A 1 45  ? 12.831  -11.663 14.563  1.00 69.95  ? 45  GLU A OE1 1 
ATOM   367  O  OE2 . GLU A 1 45  ? 14.697  -10.687 15.171  1.00 70.75  ? 45  GLU A OE2 1 
ATOM   368  N  N   . THR A 1 46  ? 18.691  -11.259 12.328  1.00 60.94  ? 46  THR A N   1 
ATOM   369  C  CA  . THR A 1 46  ? 19.971  -11.908 12.556  1.00 60.32  ? 46  THR A CA  1 
ATOM   370  C  C   . THR A 1 46  ? 20.925  -10.974 13.285  1.00 60.70  ? 46  THR A C   1 
ATOM   371  O  O   . THR A 1 46  ? 21.893  -11.426 13.887  1.00 61.83  ? 46  THR A O   1 
ATOM   372  C  CB  . THR A 1 46  ? 20.642  -12.294 11.223  1.00 58.81  ? 46  THR A CB  1 
ATOM   373  O  OG1 . THR A 1 46  ? 19.752  -13.095 10.441  1.00 58.78  ? 46  THR A OG1 1 
ATOM   374  C  CG2 . THR A 1 46  ? 21.908  -13.106 11.477  1.00 58.15  ? 46  THR A CG2 1 
ATOM   375  N  N   . VAL A 1 47  ? 20.627  -9.684  13.280  1.00 61.42  ? 47  VAL A N   1 
ATOM   376  C  CA  . VAL A 1 47  ? 21.493  -8.726  13.918  1.00 62.49  ? 47  VAL A CA  1 
ATOM   377  C  C   . VAL A 1 47  ? 21.160  -8.486  15.366  1.00 64.37  ? 47  VAL A C   1 
ATOM   378  O  O   . VAL A 1 47  ? 22.042  -8.181  16.165  1.00 62.74  ? 47  VAL A O   1 
ATOM   379  C  CB  . VAL A 1 47  ? 21.447  -7.413  13.174  1.00 62.26  ? 47  VAL A CB  1 
ATOM   380  C  CG1 . VAL A 1 47  ? 21.775  -6.264  14.108  1.00 61.85  ? 47  VAL A CG1 1 
ATOM   381  C  CG2 . VAL A 1 47  ? 22.436  -7.470  12.016  1.00 61.72  ? 47  VAL A CG2 1 
HETATM 382  N  N   . MSE A 1 48  ? 19.883  -8.574  15.705  1.00 68.26  ? 48  MSE A N   1 
HETATM 383  C  CA  . MSE A 1 48  ? 19.483  -8.365  17.081  1.00 72.00  ? 48  MSE A CA  1 
HETATM 384  C  C   . MSE A 1 48  ? 19.718  -9.625  17.879  1.00 72.95  ? 48  MSE A C   1 
HETATM 385  O  O   . MSE A 1 48  ? 19.960  -9.585  19.085  1.00 72.34  ? 48  MSE A O   1 
HETATM 386  C  CB  . MSE A 1 48  ? 18.038  -7.928  17.086  1.00 75.39  ? 48  MSE A CB  1 
HETATM 387  C  CG  . MSE A 1 48  ? 17.844  -6.737  16.196  1.00 81.07  ? 48  MSE A CG  1 
HETATM 388  SE SE  . MSE A 1 48  ? 16.305  -5.724  16.642  1.00 91.42  ? 48  MSE A SE  1 
HETATM 389  C  CE  . MSE A 1 48  ? 15.256  -6.111  15.065  1.00 85.79  ? 48  MSE A CE  1 
ATOM   390  N  N   . GLU A 1 49  ? 19.671  -10.749 17.180  1.00 75.09  ? 49  GLU A N   1 
ATOM   391  C  CA  . GLU A 1 49  ? 19.944  -12.025 17.812  1.00 77.88  ? 49  GLU A CA  1 
ATOM   392  C  C   . GLU A 1 49  ? 21.395  -11.855 18.311  1.00 78.85  ? 49  GLU A C   1 
ATOM   393  O  O   . GLU A 1 49  ? 21.800  -12.449 19.305  1.00 78.59  ? 49  GLU A O   1 
ATOM   394  C  CB  . GLU A 1 49  ? 19.886  -13.137 16.761  1.00 78.97  ? 49  GLU A CB  1 
ATOM   395  C  CG  . GLU A 1 49  ? 18.876  -14.240 17.049  1.00 81.89  ? 49  GLU A CG  1 
ATOM   396  C  CD  . GLU A 1 49  ? 17.921  -14.501 15.869  1.00 83.78  ? 49  GLU A CD  1 
ATOM   397  O  OE1 . GLU A 1 49  ? 16.880  -13.803 15.767  1.00 84.65  ? 49  GLU A OE1 1 
ATOM   398  O  OE2 . GLU A 1 49  ? 18.219  -15.392 15.034  1.00 84.01  ? 49  GLU A OE2 1 
ATOM   399  N  N   . LYS A 1 50  ? 22.143  -11.021 17.581  1.00 80.25  ? 50  LYS A N   1 
ATOM   400  C  CA  . LYS A 1 50  ? 23.537  -10.723 17.853  1.00 80.48  ? 50  LYS A CA  1 
ATOM   401  C  C   . LYS A 1 50  ? 23.836  -10.192 19.254  1.00 79.52  ? 50  LYS A C   1 
ATOM   402  O  O   . LYS A 1 50  ? 23.004  -9.576  19.918  1.00 78.61  ? 50  LYS A O   1 
ATOM   403  C  CB  . LYS A 1 50  ? 24.123  -9.768  16.800  1.00 82.03  ? 50  LYS A CB  1 
ATOM   404  C  CG  . LYS A 1 50  ? 25.403  -10.317 16.182  1.00 83.88  ? 50  LYS A CG  1 
ATOM   405  C  CD  . LYS A 1 50  ? 25.175  -11.722 15.609  1.00 84.96  ? 50  LYS A CD  1 
ATOM   406  C  CE  . LYS A 1 50  ? 26.436  -12.299 15.010  1.00 86.18  ? 50  LYS A CE  1 
ATOM   407  N  NZ  . LYS A 1 50  ? 26.106  -13.581 14.365  1.00 86.60  ? 50  LYS A NZ  1 
ATOM   408  N  N   . GLN A 1 51  ? 25.049  -10.482 19.706  1.00 79.37  ? 51  GLN A N   1 
ATOM   409  C  CA  . GLN A 1 51  ? 25.548  -10.106 21.031  1.00 79.44  ? 51  GLN A CA  1 
ATOM   410  C  C   . GLN A 1 51  ? 26.294  -8.778  20.995  1.00 77.91  ? 51  GLN A C   1 
ATOM   411  O  O   . GLN A 1 51  ? 27.018  -8.508  20.034  1.00 77.55  ? 51  GLN A O   1 
ATOM   412  C  CB  . GLN A 1 51  ? 26.462  -11.256 21.452  1.00 81.81  ? 51  GLN A CB  1 
ATOM   413  C  CG  . GLN A 1 51  ? 27.031  -11.296 22.847  1.00 84.50  ? 51  GLN A CG  1 
ATOM   414  C  CD  . GLN A 1 51  ? 27.758  -12.627 23.065  1.00 86.52  ? 51  GLN A CD  1 
ATOM   415  O  OE1 . GLN A 1 51  ? 28.454  -12.808 24.058  1.00 87.99  ? 51  GLN A OE1 1 
ATOM   416  N  NE2 . GLN A 1 51  ? 27.588  -13.567 22.124  1.00 87.08  ? 51  GLN A NE2 1 
ATOM   417  N  N   . THR A 1 52  ? 26.129  -7.970  22.039  1.00 76.00  ? 52  THR A N   1 
ATOM   418  C  CA  . THR A 1 52  ? 26.827  -6.687  22.137  1.00 74.54  ? 52  THR A CA  1 
ATOM   419  C  C   . THR A 1 52  ? 28.218  -6.841  22.793  1.00 73.54  ? 52  THR A C   1 
ATOM   420  O  O   . THR A 1 52  ? 28.338  -7.372  23.908  1.00 74.29  ? 52  THR A O   1 
ATOM   421  C  CB  . THR A 1 52  ? 25.975  -5.688  22.919  1.00 74.90  ? 52  THR A CB  1 
ATOM   422  O  OG1 . THR A 1 52  ? 24.665  -5.647  22.333  1.00 76.24  ? 52  THR A OG1 1 
ATOM   423  C  CG2 . THR A 1 52  ? 26.578  -4.307  22.823  1.00 73.46  ? 52  THR A CG2 1 
ATOM   424  N  N   . PRO A 1 53  ? 29.283  -6.391  22.098  1.00 72.05  ? 53  PRO A N   1 
ATOM   425  C  CA  . PRO A 1 53  ? 30.711  -6.417  22.459  1.00 71.14  ? 53  PRO A CA  1 
ATOM   426  C  C   . PRO A 1 53  ? 31.113  -5.892  23.818  1.00 70.49  ? 53  PRO A C   1 
ATOM   427  O  O   . PRO A 1 53  ? 30.338  -5.201  24.457  1.00 70.06  ? 53  PRO A O   1 
ATOM   428  C  CB  . PRO A 1 53  ? 31.366  -5.604  21.324  1.00 70.74  ? 53  PRO A CB  1 
ATOM   429  C  CG  . PRO A 1 53  ? 30.344  -4.676  20.984  1.00 69.72  ? 53  PRO A CG  1 
ATOM   430  C  CD  . PRO A 1 53  ? 29.092  -5.503  20.941  1.00 70.95  ? 53  PRO A CD  1 
ATOM   431  N  N   . PRO A 1 54  ? 32.340  -6.220  24.257  1.00 69.54  ? 54  PRO A N   1 
ATOM   432  C  CA  . PRO A 1 54  ? 32.869  -5.773  25.547  1.00 68.23  ? 54  PRO A CA  1 
ATOM   433  C  C   . PRO A 1 54  ? 33.308  -4.306  25.600  1.00 66.04  ? 54  PRO A C   1 
ATOM   434  O  O   . PRO A 1 54  ? 32.982  -3.596  26.550  1.00 66.77  ? 54  PRO A O   1 
ATOM   435  C  CB  . PRO A 1 54  ? 34.033  -6.733  25.784  1.00 68.45  ? 54  PRO A CB  1 
ATOM   436  C  CG  . PRO A 1 54  ? 34.537  -6.970  24.384  1.00 69.38  ? 54  PRO A CG  1 
ATOM   437  C  CD  . PRO A 1 54  ? 33.242  -7.214  23.636  1.00 69.10  ? 54  PRO A CD  1 
ATOM   438  N  N   . GLY A 1 55  ? 34.042  -3.876  24.580  1.00 62.51  ? 55  GLY A N   1 
ATOM   439  C  CA  . GLY A 1 55  ? 34.549  -2.524  24.571  1.00 59.98  ? 55  GLY A CA  1 
ATOM   440  C  C   . GLY A 1 55  ? 33.825  -1.476  23.766  1.00 57.47  ? 55  GLY A C   1 
ATOM   441  O  O   . GLY A 1 55  ? 34.416  -0.868  22.873  1.00 58.27  ? 55  GLY A O   1 
ATOM   442  N  N   . ILE A 1 56  ? 32.547  -1.257  24.046  1.00 54.24  ? 56  ILE A N   1 
ATOM   443  C  CA  . ILE A 1 56  ? 31.837  -0.238  23.299  1.00 50.13  ? 56  ILE A CA  1 
ATOM   444  C  C   . ILE A 1 56  ? 32.236  1.046   23.967  1.00 48.47  ? 56  ILE A C   1 
ATOM   445  O  O   . ILE A 1 56  ? 32.349  1.109   25.186  1.00 48.57  ? 56  ILE A O   1 
ATOM   446  C  CB  . ILE A 1 56  ? 30.332  -0.346  23.422  1.00 48.95  ? 56  ILE A CB  1 
ATOM   447  C  CG1 . ILE A 1 56  ? 29.880  -1.768  23.142  1.00 49.86  ? 56  ILE A CG1 1 
ATOM   448  C  CG2 . ILE A 1 56  ? 29.674  0.590   22.428  1.00 48.00  ? 56  ILE A CG2 1 
ATOM   449  C  CD1 . ILE A 1 56  ? 28.387  -1.895  23.177  1.00 52.15  ? 56  ILE A CD1 1 
ATOM   450  N  N   . THR A 1 57  ? 32.485  2.066   23.171  1.00 46.36  ? 57  THR A N   1 
ATOM   451  C  CA  . THR A 1 57  ? 32.827  3.346   23.725  1.00 44.58  ? 57  THR A CA  1 
ATOM   452  C  C   . THR A 1 57  ? 31.623  4.175   23.361  1.00 43.85  ? 57  THR A C   1 
ATOM   453  O  O   . THR A 1 57  ? 30.824  3.787   22.507  1.00 43.10  ? 57  THR A O   1 
ATOM   454  C  CB  . THR A 1 57  ? 34.060  3.946   23.076  1.00 44.14  ? 57  THR A CB  1 
ATOM   455  O  OG1 . THR A 1 57  ? 33.762  4.354   21.734  1.00 45.46  ? 57  THR A OG1 1 
ATOM   456  C  CG2 . THR A 1 57  ? 35.161  2.930   23.046  1.00 44.26  ? 57  THR A CG2 1 
ATOM   457  N  N   . ARG A 1 58  ? 31.463  5.303   24.027  1.00 43.25  ? 58  ARG A N   1 
ATOM   458  C  CA  . ARG A 1 58  ? 30.337  6.160   23.736  1.00 43.29  ? 58  ARG A CA  1 
ATOM   459  C  C   . ARG A 1 58  ? 30.302  6.525   22.253  1.00 42.65  ? 58  ARG A C   1 
ATOM   460  O  O   . ARG A 1 58  ? 29.247  6.852   21.712  1.00 42.45  ? 58  ARG A O   1 
ATOM   461  C  CB  . ARG A 1 58  ? 30.414  7.406   24.613  1.00 43.78  ? 58  ARG A CB  1 
ATOM   462  C  CG  . ARG A 1 58  ? 29.794  8.599   23.996  1.00 46.60  ? 58  ARG A CG  1 
ATOM   463  C  CD  . ARG A 1 58  ? 28.829  9.244   24.927  1.00 49.75  ? 58  ARG A CD  1 
ATOM   464  N  NE  . ARG A 1 58  ? 29.010  10.677  24.870  1.00 54.89  ? 58  ARG A NE  1 
ATOM   465  C  CZ  . ARG A 1 58  ? 28.101  11.559  25.250  1.00 57.54  ? 58  ARG A CZ  1 
ATOM   466  N  NH1 . ARG A 1 58  ? 26.923  11.160  25.722  1.00 59.36  ? 58  ARG A NH1 1 
ATOM   467  N  NH2 . ARG A 1 58  ? 28.379  12.846  25.145  1.00 58.65  ? 58  ARG A NH2 1 
ATOM   468  N  N   . SER A 1 59  ? 31.464  6.462   21.601  1.00 42.74  ? 59  SER A N   1 
ATOM   469  C  CA  . SER A 1 59  ? 31.611  6.775   20.166  1.00 41.75  ? 59  SER A CA  1 
ATOM   470  C  C   . SER A 1 59  ? 30.963  5.684   19.348  1.00 41.53  ? 59  SER A C   1 
ATOM   471  O  O   . SER A 1 59  ? 30.152  5.967   18.462  1.00 42.65  ? 59  SER A O   1 
ATOM   472  C  CB  . SER A 1 59  ? 33.081  6.847   19.796  1.00 40.77  ? 59  SER A CB  1 
ATOM   473  O  OG  . SER A 1 59  ? 33.799  7.573   20.767  1.00 43.56  ? 59  SER A OG  1 
ATOM   474  N  N   . ILE A 1 60  ? 31.327  4.441   19.645  1.00 40.41  ? 60  ILE A N   1 
ATOM   475  C  CA  . ILE A 1 60  ? 30.754  3.314   18.942  1.00 38.62  ? 60  ILE A CA  1 
ATOM   476  C  C   . ILE A 1 60  ? 29.276  3.350   19.280  1.00 37.53  ? 60  ILE A C   1 
ATOM   477  O  O   . ILE A 1 60  ? 28.411  3.107   18.445  1.00 36.82  ? 60  ILE A O   1 
ATOM   478  C  CB  . ILE A 1 60  ? 31.296  1.981   19.455  1.00 38.42  ? 60  ILE A CB  1 
ATOM   479  C  CG1 . ILE A 1 60  ? 32.806  1.923   19.320  1.00 37.49  ? 60  ILE A CG1 1 
ATOM   480  C  CG2 . ILE A 1 60  ? 30.652  0.832   18.688  1.00 38.94  ? 60  ILE A CG2 1 
ATOM   481  C  CD1 . ILE A 1 60  ? 33.269  1.557   17.931  1.00 39.59  ? 60  ILE A CD1 1 
ATOM   482  N  N   . GLN A 1 61  ? 28.995  3.656   20.537  1.00 36.80  ? 61  GLN A N   1 
ATOM   483  C  CA  . GLN A 1 61  ? 27.619  3.742   20.980  1.00 36.76  ? 61  GLN A CA  1 
ATOM   484  C  C   . GLN A 1 61  ? 26.911  4.731   20.090  1.00 37.46  ? 61  GLN A C   1 
ATOM   485  O  O   . GLN A 1 61  ? 26.113  4.335   19.253  1.00 36.71  ? 61  GLN A O   1 
ATOM   486  C  CB  . GLN A 1 61  ? 27.547  4.218   22.419  1.00 35.87  ? 61  GLN A CB  1 
ATOM   487  C  CG  . GLN A 1 61  ? 26.127  4.487   22.916  1.00 34.49  ? 61  GLN A CG  1 
ATOM   488  C  CD  . GLN A 1 61  ? 26.106  4.933   24.348  1.00 32.29  ? 61  GLN A CD  1 
ATOM   489  O  OE1 . GLN A 1 61  ? 26.779  5.889   24.729  1.00 33.21  ? 61  GLN A OE1 1 
ATOM   490  N  NE2 . GLN A 1 61  ? 25.327  4.247   25.156  1.00 29.99  ? 61  GLN A NE2 1 
ATOM   491  N  N   . ASP A 1 62  ? 27.224  6.014   20.253  1.00 39.36  ? 62  ASP A N   1 
ATOM   492  C  CA  . ASP A 1 62  ? 26.602  7.061   19.450  1.00 40.89  ? 62  ASP A CA  1 
ATOM   493  C  C   . ASP A 1 62  ? 26.500  6.777   17.980  1.00 39.96  ? 62  ASP A C   1 
ATOM   494  O  O   . ASP A 1 62  ? 25.477  7.037   17.373  1.00 39.59  ? 62  ASP A O   1 
ATOM   495  C  CB  . ASP A 1 62  ? 27.340  8.388   19.638  1.00 43.56  ? 62  ASP A CB  1 
ATOM   496  C  CG  . ASP A 1 62  ? 27.036  9.036   20.961  1.00 48.33  ? 62  ASP A CG  1 
ATOM   497  O  OD1 . ASP A 1 62  ? 27.539  10.162  21.205  1.00 49.15  ? 62  ASP A OD1 1 
ATOM   498  O  OD2 . ASP A 1 62  ? 26.287  8.426   21.755  1.00 50.76  ? 62  ASP A OD2 1 
HETATM 499  N  N   . MSE A 1 63  ? 27.579  6.247   17.432  1.00 39.76  ? 63  MSE A N   1 
HETATM 500  C  CA  . MSE A 1 63  ? 27.652  5.937   16.021  1.00 40.14  ? 63  MSE A CA  1 
HETATM 501  C  C   . MSE A 1 63  ? 26.568  4.971   15.589  1.00 36.88  ? 63  MSE A C   1 
HETATM 502  O  O   . MSE A 1 63  ? 25.758  5.264   14.707  1.00 36.89  ? 63  MSE A O   1 
HETATM 503  C  CB  . MSE A 1 63  ? 28.991  5.307   15.658  1.00 44.63  ? 63  MSE A CB  1 
HETATM 504  C  CG  . MSE A 1 63  ? 29.492  5.661   14.272  1.00 51.17  ? 63  MSE A CG  1 
HETATM 505  SE SE  . MSE A 1 63  ? 31.011  4.619   13.832  1.00 61.24  ? 63  MSE A SE  1 
HETATM 506  C  CE  . MSE A 1 63  ? 32.159  5.346   15.212  1.00 59.99  ? 63  MSE A CE  1 
ATOM   507  N  N   . VAL A 1 64  ? 26.592  3.785   16.183  1.00 33.88  ? 64  VAL A N   1 
ATOM   508  C  CA  . VAL A 1 64  ? 25.622  2.733   15.889  1.00 29.74  ? 64  VAL A CA  1 
ATOM   509  C  C   . VAL A 1 64  ? 24.206  3.196   16.134  1.00 29.86  ? 64  VAL A C   1 
ATOM   510  O  O   . VAL A 1 64  ? 23.337  2.876   15.364  1.00 31.26  ? 64  VAL A O   1 
ATOM   511  C  CB  . VAL A 1 64  ? 25.880  1.499   16.759  1.00 27.19  ? 64  VAL A CB  1 
ATOM   512  C  CG1 . VAL A 1 64  ? 24.719  0.545   16.673  1.00 24.94  ? 64  VAL A CG1 1 
ATOM   513  C  CG2 . VAL A 1 64  ? 27.159  0.814   16.316  1.00 23.14  ? 64  VAL A CG2 1 
ATOM   514  N  N   . ALA A 1 65  ? 23.987  3.940   17.213  1.00 30.42  ? 65  ALA A N   1 
ATOM   515  C  CA  . ALA A 1 65  ? 22.665  4.461   17.529  1.00 31.21  ? 65  ALA A CA  1 
ATOM   516  C  C   . ALA A 1 65  ? 22.250  5.268   16.324  1.00 31.34  ? 65  ALA A C   1 
ATOM   517  O  O   . ALA A 1 65  ? 21.092  5.191   15.862  1.00 32.12  ? 65  ALA A O   1 
ATOM   518  C  CB  . ALA A 1 65  ? 22.710  5.355   18.736  1.00 31.57  ? 65  ALA A CB  1 
ATOM   519  N  N   . GLY A 1 66  ? 23.210  6.025   15.801  1.00 32.26  ? 66  GLY A N   1 
ATOM   520  C  CA  . GLY A 1 66  ? 22.941  6.860   14.646  1.00 33.65  ? 66  GLY A CA  1 
ATOM   521  C  C   . GLY A 1 66  ? 22.395  6.058   13.488  1.00 33.31  ? 66  GLY A C   1 
ATOM   522  O  O   . GLY A 1 66  ? 21.550  6.547   12.746  1.00 34.95  ? 66  GLY A O   1 
ATOM   523  N  N   . TYR A 1 67  ? 22.895  4.841   13.306  1.00 31.79  ? 67  TYR A N   1 
ATOM   524  C  CA  . TYR A 1 67  ? 22.378  3.992   12.256  1.00 30.82  ? 67  TYR A CA  1 
ATOM   525  C  C   . TYR A 1 67  ? 21.034  3.409   12.599  1.00 32.75  ? 67  TYR A C   1 
ATOM   526  O  O   . TYR A 1 67  ? 20.116  3.432   11.795  1.00 33.57  ? 67  TYR A O   1 
ATOM   527  C  CB  . TYR A 1 67  ? 23.329  2.861   11.981  1.00 26.71  ? 67  TYR A CB  1 
ATOM   528  C  CG  . TYR A 1 67  ? 24.599  3.282   11.365  1.00 24.92  ? 67  TYR A CG  1 
ATOM   529  C  CD1 . TYR A 1 67  ? 25.800  3.111   12.038  1.00 25.54  ? 67  TYR A CD1 1 
ATOM   530  C  CD2 . TYR A 1 67  ? 24.616  3.844   10.107  1.00 23.92  ? 67  TYR A CD2 1 
ATOM   531  C  CE1 . TYR A 1 67  ? 26.985  3.492   11.472  1.00 24.30  ? 67  TYR A CE1 1 
ATOM   532  C  CE2 . TYR A 1 67  ? 25.801  4.227   9.526   1.00 23.88  ? 67  TYR A CE2 1 
ATOM   533  C  CZ  . TYR A 1 67  ? 26.991  4.052   10.213  1.00 23.89  ? 67  TYR A CZ  1 
ATOM   534  O  OH  . TYR A 1 67  ? 28.197  4.444   9.662   1.00 24.25  ? 67  TYR A OH  1 
ATOM   535  N  N   . ILE A 1 68  ? 20.928  2.875   13.799  1.00 34.57  ? 68  ILE A N   1 
ATOM   536  C  CA  . ILE A 1 68  ? 19.671  2.284   14.205  1.00 36.99  ? 68  ILE A CA  1 
ATOM   537  C  C   . ILE A 1 68  ? 18.535  3.279   14.098  1.00 37.77  ? 68  ILE A C   1 
ATOM   538  O  O   . ILE A 1 68  ? 17.434  2.928   13.682  1.00 39.04  ? 68  ILE A O   1 
ATOM   539  C  CB  . ILE A 1 68  ? 19.719  1.753   15.648  1.00 37.21  ? 68  ILE A CB  1 
ATOM   540  C  CG1 . ILE A 1 68  ? 20.858  0.736   15.784  1.00 38.18  ? 68  ILE A CG1 1 
ATOM   541  C  CG2 . ILE A 1 68  ? 18.414  1.033   15.984  1.00 38.28  ? 68  ILE A CG2 1 
ATOM   542  C  CD1 . ILE A 1 68  ? 20.904  0.017   17.132  1.00 38.62  ? 68  ILE A CD1 1 
ATOM   543  N  N   . LYS A 1 69  ? 18.793  4.521   14.481  1.00 38.40  ? 69  LYS A N   1 
ATOM   544  C  CA  . LYS A 1 69  ? 17.748  5.518   14.397  1.00 40.44  ? 69  LYS A CA  1 
ATOM   545  C  C   . LYS A 1 69  ? 17.544  5.926   12.955  1.00 41.17  ? 69  LYS A C   1 
ATOM   546  O  O   . LYS A 1 69  ? 16.510  6.480   12.589  1.00 41.47  ? 69  LYS A O   1 
ATOM   547  C  CB  . LYS A 1 69  ? 18.084  6.752   15.224  1.00 42.05  ? 69  LYS A CB  1 
ATOM   548  C  CG  . LYS A 1 69  ? 16.924  7.747   15.222  1.00 46.61  ? 69  LYS A CG  1 
ATOM   549  C  CD  . LYS A 1 69  ? 17.216  9.030   15.978  1.00 51.19  ? 69  LYS A CD  1 
ATOM   550  C  CE  . LYS A 1 69  ? 15.998  9.976   15.995  1.00 54.14  ? 69  LYS A CE  1 
ATOM   551  N  NZ  . LYS A 1 69  ? 16.251  11.317  16.642  1.00 56.94  ? 69  LYS A NZ  1 
ATOM   552  N  N   . GLN A 1 70  ? 18.541  5.644   12.132  1.00 42.08  ? 70  GLN A N   1 
ATOM   553  C  CA  . GLN A 1 70  ? 18.470  5.990   10.720  1.00 42.68  ? 70  GLN A CA  1 
ATOM   554  C  C   . GLN A 1 70  ? 17.609  4.968   9.973   1.00 42.67  ? 70  GLN A C   1 
ATOM   555  O  O   . GLN A 1 70  ? 16.785  5.326   9.132   1.00 43.14  ? 70  GLN A O   1 
ATOM   556  C  CB  . GLN A 1 70  ? 19.889  6.068   10.134  1.00 41.95  ? 70  GLN A CB  1 
ATOM   557  C  CG  . GLN A 1 70  ? 19.944  6.335   8.644   1.00 43.73  ? 70  GLN A CG  1 
ATOM   558  C  CD  . GLN A 1 70  ? 21.299  6.856   8.183   1.00 44.74  ? 70  GLN A CD  1 
ATOM   559  O  OE1 . GLN A 1 70  ? 22.347  6.291   8.518   1.00 43.54  ? 70  GLN A OE1 1 
ATOM   560  N  NE2 . GLN A 1 70  ? 21.282  7.939   7.401   1.00 43.92  ? 70  GLN A NE2 1 
ATOM   561  N  N   . THR A 1 71  ? 17.793  3.694   10.291  1.00 41.79  ? 71  THR A N   1 
ATOM   562  C  CA  . THR A 1 71  ? 17.013  2.645   9.653   1.00 41.18  ? 71  THR A CA  1 
ATOM   563  C  C   . THR A 1 71  ? 15.577  2.639   10.211  1.00 41.50  ? 71  THR A C   1 
ATOM   564  O  O   . THR A 1 71  ? 14.618  2.237   9.535   1.00 40.56  ? 71  THR A O   1 
ATOM   565  C  CB  . THR A 1 71  ? 17.687  1.260   9.870   1.00 39.61  ? 71  THR A CB  1 
ATOM   566  O  OG1 . THR A 1 71  ? 16.715  0.299   10.298  1.00 39.81  ? 71  THR A OG1 1 
ATOM   567  C  CG2 . THR A 1 71  ? 18.763  1.354   10.905  1.00 37.07  ? 71  THR A CG2 1 
ATOM   568  N  N   . LEU A 1 72  ? 15.449  3.115   11.446  1.00 41.15  ? 72  LEU A N   1 
ATOM   569  C  CA  . LEU A 1 72  ? 14.178  3.175   12.155  1.00 40.19  ? 72  LEU A CA  1 
ATOM   570  C  C   . LEU A 1 72  ? 13.246  4.217   11.543  1.00 40.29  ? 72  LEU A C   1 
ATOM   571  O  O   . LEU A 1 72  ? 12.025  4.051   11.540  1.00 39.55  ? 72  LEU A O   1 
ATOM   572  C  CB  . LEU A 1 72  ? 14.451  3.489   13.631  1.00 39.14  ? 72  LEU A CB  1 
ATOM   573  C  CG  . LEU A 1 72  ? 13.348  3.300   14.665  1.00 38.88  ? 72  LEU A CG  1 
ATOM   574  C  CD1 . LEU A 1 72  ? 12.811  1.897   14.585  1.00 38.04  ? 72  LEU A CD1 1 
ATOM   575  C  CD2 . LEU A 1 72  ? 13.896  3.577   16.051  1.00 39.19  ? 72  LEU A CD2 1 
ATOM   576  N  N   . ASP A 1 73  ? 13.825  5.293   11.020  1.00 41.35  ? 73  ASP A N   1 
ATOM   577  C  CA  . ASP A 1 73  ? 13.028  6.338   10.402  1.00 42.89  ? 73  ASP A CA  1 
ATOM   578  C  C   . ASP A 1 73  ? 12.821  6.018   8.939   1.00 42.69  ? 73  ASP A C   1 
ATOM   579  O  O   . ASP A 1 73  ? 11.806  6.385   8.367   1.00 42.18  ? 73  ASP A O   1 
ATOM   580  C  CB  . ASP A 1 73  ? 13.708  7.693   10.560  1.00 45.97  ? 73  ASP A CB  1 
ATOM   581  C  CG  . ASP A 1 73  ? 13.958  8.044   12.015  1.00 49.72  ? 73  ASP A CG  1 
ATOM   582  O  OD1 . ASP A 1 73  ? 14.429  9.169   12.305  1.00 52.65  ? 73  ASP A OD1 1 
ATOM   583  O  OD2 . ASP A 1 73  ? 13.682  7.185   12.880  1.00 52.40  ? 73  ASP A OD2 1 
ATOM   584  N  N   . ASN A 1 74  ? 13.781  5.328   8.332   1.00 43.30  ? 74  ASN A N   1 
ATOM   585  C  CA  . ASN A 1 74  ? 13.647  4.945   6.935   1.00 44.48  ? 74  ASN A CA  1 
ATOM   586  C  C   . ASN A 1 74  ? 12.403  4.071   6.828   1.00 46.19  ? 74  ASN A C   1 
ATOM   587  O  O   . ASN A 1 74  ? 11.585  4.244   5.927   1.00 46.44  ? 74  ASN A O   1 
ATOM   588  C  CB  . ASN A 1 74  ? 14.877  4.170   6.460   1.00 44.97  ? 74  ASN A CB  1 
ATOM   589  C  CG  . ASN A 1 74  ? 15.919  5.066   5.798   1.00 47.27  ? 74  ASN A CG  1 
ATOM   590  O  OD1 . ASN A 1 74  ? 15.741  6.283   5.698   1.00 49.03  ? 74  ASN A OD1 1 
ATOM   591  N  ND2 . ASN A 1 74  ? 17.014  4.464   5.339   1.00 45.75  ? 74  ASN A ND2 1 
ATOM   592  N  N   . GLU A 1 75  ? 12.254  3.136   7.762   1.00 48.70  ? 75  GLU A N   1 
ATOM   593  C  CA  . GLU A 1 75  ? 11.084  2.262   7.767   1.00 49.79  ? 75  GLU A CA  1 
ATOM   594  C  C   . GLU A 1 75  ? 9.828   3.054   8.066   1.00 49.67  ? 75  GLU A C   1 
ATOM   595  O  O   . GLU A 1 75  ? 8.799   2.846   7.436   1.00 50.22  ? 75  GLU A O   1 
ATOM   596  C  CB  . GLU A 1 75  ? 11.246  1.142   8.791   1.00 50.03  ? 75  GLU A CB  1 
ATOM   597  C  CG  . GLU A 1 75  ? 12.254  0.098   8.365   1.00 52.68  ? 75  GLU A CG  1 
ATOM   598  C  CD  . GLU A 1 75  ? 12.190  -1.151  9.214   1.00 54.10  ? 75  GLU A CD  1 
ATOM   599  O  OE1 . GLU A 1 75  ? 11.067  -1.530  9.614   1.00 54.99  ? 75  GLU A OE1 1 
ATOM   600  O  OE2 . GLU A 1 75  ? 13.254  -1.760  9.467   1.00 54.54  ? 75  GLU A OE2 1 
ATOM   601  N  N   . GLN A 1 76  ? 9.910   3.963   9.029   1.00 49.77  ? 76  GLN A N   1 
ATOM   602  C  CA  . GLN A 1 76  ? 8.765   4.800   9.383   1.00 51.08  ? 76  GLN A CA  1 
ATOM   603  C  C   . GLN A 1 76  ? 8.166   5.447   8.138   1.00 49.32  ? 76  GLN A C   1 
ATOM   604  O  O   . GLN A 1 76  ? 6.945   5.547   7.983   1.00 49.49  ? 76  GLN A O   1 
ATOM   605  C  CB  . GLN A 1 76  ? 9.195   5.906   10.342  1.00 55.22  ? 76  GLN A CB  1 
ATOM   606  C  CG  . GLN A 1 76  ? 8.085   6.894   10.666  1.00 60.18  ? 76  GLN A CG  1 
ATOM   607  C  CD  . GLN A 1 76  ? 8.073   7.284   12.138  1.00 64.93  ? 76  GLN A CD  1 
ATOM   608  O  OE1 . GLN A 1 76  ? 7.084   7.823   12.636  1.00 67.65  ? 76  GLN A OE1 1 
ATOM   609  N  NE2 . GLN A 1 76  ? 9.178   7.015   12.843  1.00 66.90  ? 76  GLN A NE2 1 
ATOM   610  N  N   . LEU A 1 77  ? 9.058   5.882   7.260   1.00 46.28  ? 77  LEU A N   1 
ATOM   611  C  CA  . LEU A 1 77  ? 8.685   6.532   6.026   1.00 42.73  ? 77  LEU A CA  1 
ATOM   612  C  C   . LEU A 1 77  ? 8.124   5.522   5.057   1.00 41.29  ? 77  LEU A C   1 
ATOM   613  O  O   . LEU A 1 77  ? 7.173   5.802   4.328   1.00 40.29  ? 77  LEU A O   1 
ATOM   614  C  CB  . LEU A 1 77  ? 9.908   7.191   5.403   1.00 41.25  ? 77  LEU A CB  1 
ATOM   615  C  CG  . LEU A 1 77  ? 10.259  8.573   5.922   1.00 38.23  ? 77  LEU A CG  1 
ATOM   616  C  CD1 . LEU A 1 77  ? 11.522  9.031   5.259   1.00 38.11  ? 77  LEU A CD1 1 
ATOM   617  C  CD2 . LEU A 1 77  ? 9.133   9.539   5.612   1.00 38.50  ? 77  LEU A CD2 1 
ATOM   618  N  N   . LEU A 1 78  ? 8.737   4.348   5.033   1.00 40.68  ? 78  LEU A N   1 
ATOM   619  C  CA  . LEU A 1 78  ? 8.282   3.299   4.143   1.00 41.48  ? 78  LEU A CA  1 
ATOM   620  C  C   . LEU A 1 78  ? 6.872   2.885   4.524   1.00 41.35  ? 78  LEU A C   1 
ATOM   621  O  O   . LEU A 1 78  ? 6.022   2.702   3.663   1.00 41.09  ? 78  LEU A O   1 
ATOM   622  C  CB  . LEU A 1 78  ? 9.198   2.087   4.219   1.00 41.47  ? 78  LEU A CB  1 
ATOM   623  C  CG  . LEU A 1 78  ? 8.788   1.013   3.213   1.00 41.33  ? 78  LEU A CG  1 
ATOM   624  C  CD1 . LEU A 1 78  ? 9.163   1.458   1.825   1.00 41.41  ? 78  LEU A CD1 1 
ATOM   625  C  CD2 . LEU A 1 78  ? 9.486   -0.275  3.512   1.00 42.83  ? 78  LEU A CD2 1 
ATOM   626  N  N   . LYS A 1 79  ? 6.630   2.739   5.820   1.00 42.31  ? 79  LYS A N   1 
ATOM   627  C  CA  . LYS A 1 79  ? 5.313   2.353   6.303   1.00 42.65  ? 79  LYS A CA  1 
ATOM   628  C  C   . LYS A 1 79  ? 4.260   3.343   5.833   1.00 40.66  ? 79  LYS A C   1 
ATOM   629  O  O   . LYS A 1 79  ? 3.168   2.956   5.429   1.00 40.33  ? 79  LYS A O   1 
ATOM   630  C  CB  . LYS A 1 79  ? 5.304   2.269   7.836   1.00 44.81  ? 79  LYS A CB  1 
ATOM   631  C  CG  . LYS A 1 79  ? 6.187   1.170   8.405   1.00 49.37  ? 79  LYS A CG  1 
ATOM   632  C  CD  . LYS A 1 79  ? 5.881   -0.181  7.764   1.00 52.80  ? 79  LYS A CD  1 
ATOM   633  C  CE  . LYS A 1 79  ? 6.956   -1.222  8.090   1.00 56.58  ? 79  LYS A CE  1 
ATOM   634  N  NZ  . LYS A 1 79  ? 7.583   -1.840  6.861   1.00 57.56  ? 79  LYS A NZ  1 
ATOM   635  N  N   . GLY A 1 80  ? 4.596   4.620   5.879   1.00 38.91  ? 80  GLY A N   1 
ATOM   636  C  CA  . GLY A 1 80  ? 3.654   5.636   5.451   1.00 37.48  ? 80  GLY A CA  1 
ATOM   637  C  C   . GLY A 1 80  ? 3.304   5.619   3.979   1.00 35.45  ? 80  GLY A C   1 
ATOM   638  O  O   . GLY A 1 80  ? 2.159   5.893   3.634   1.00 35.56  ? 80  GLY A O   1 
ATOM   639  N  N   . LEU A 1 81  ? 4.275   5.327   3.116   1.00 33.65  ? 81  LEU A N   1 
ATOM   640  C  CA  . LEU A 1 81  ? 4.012   5.278   1.689   1.00 32.37  ? 81  LEU A CA  1 
ATOM   641  C  C   . LEU A 1 81  ? 3.086   4.093   1.471   1.00 32.30  ? 81  LEU A C   1 
ATOM   642  O  O   . LEU A 1 81  ? 1.983   4.226   0.932   1.00 32.23  ? 81  LEU A O   1 
ATOM   643  C  CB  . LEU A 1 81  ? 5.311   5.089   0.876   1.00 32.30  ? 81  LEU A CB  1 
ATOM   644  C  CG  . LEU A 1 81  ? 6.363   6.202   0.874   1.00 32.14  ? 81  LEU A CG  1 
ATOM   645  C  CD1 . LEU A 1 81  ? 7.531   5.783   0.000   1.00 32.47  ? 81  LEU A CD1 1 
ATOM   646  C  CD2 . LEU A 1 81  ? 5.777   7.495   0.341   1.00 33.36  ? 81  LEU A CD2 1 
ATOM   647  N  N   . LEU A 1 82  ? 3.552   2.928   1.904   1.00 33.75  ? 82  LEU A N   1 
ATOM   648  C  CA  . LEU A 1 82  ? 2.810   1.673   1.802   1.00 35.26  ? 82  LEU A CA  1 
ATOM   649  C  C   . LEU A 1 82  ? 1.393   1.771   2.382   1.00 36.26  ? 82  LEU A C   1 
ATOM   650  O  O   . LEU A 1 82  ? 0.467   1.199   1.826   1.00 38.23  ? 82  LEU A O   1 
ATOM   651  C  CB  . LEU A 1 82  ? 3.598   0.562   2.508   1.00 35.27  ? 82  LEU A CB  1 
ATOM   652  C  CG  . LEU A 1 82  ? 3.100   -0.863  2.282   1.00 35.83  ? 82  LEU A CG  1 
ATOM   653  C  CD1 . LEU A 1 82  ? 3.276   -1.228  0.839   1.00 36.45  ? 82  LEU A CD1 1 
ATOM   654  C  CD2 . LEU A 1 82  ? 3.872   -1.827  3.133   1.00 37.41  ? 82  LEU A CD2 1 
ATOM   655  N  N   . GLN A 1 83  ? 1.210   2.498   3.480   1.00 36.68  ? 83  GLN A N   1 
ATOM   656  C  CA  . GLN A 1 83  ? -0.128  2.622   4.058   1.00 37.78  ? 83  GLN A CA  1 
ATOM   657  C  C   . GLN A 1 83  ? -0.989  3.478   3.157   1.00 38.89  ? 83  GLN A C   1 
ATOM   658  O  O   . GLN A 1 83  ? -2.211  3.334   3.116   1.00 39.58  ? 83  GLN A O   1 
ATOM   659  C  CB  . GLN A 1 83  ? -0.087  3.280   5.430   1.00 37.95  ? 83  GLN A CB  1 
ATOM   660  C  CG  . GLN A 1 83  ? -1.458  3.464   6.042   1.00 37.66  ? 83  GLN A CG  1 
ATOM   661  C  CD  . GLN A 1 83  ? -2.165  2.149   6.234   1.00 37.82  ? 83  GLN A CD  1 
ATOM   662  O  OE1 . GLN A 1 83  ? -1.622  1.232   6.841   1.00 38.11  ? 83  GLN A OE1 1 
ATOM   663  N  NE2 . GLN A 1 83  ? -3.386  2.044   5.721   1.00 39.02  ? 83  GLN A NE2 1 
ATOM   664  N  N   . GLN A 1 84  ? -0.343  4.380   2.436   1.00 40.10  ? 84  GLN A N   1 
ATOM   665  C  CA  . GLN A 1 84  ? -1.067  5.245   1.550   1.00 40.21  ? 84  GLN A CA  1 
ATOM   666  C  C   . GLN A 1 84  ? -1.521  4.494   0.328   1.00 39.58  ? 84  GLN A C   1 
ATOM   667  O  O   . GLN A 1 84  ? -2.542  4.830   -0.256  1.00 39.46  ? 84  GLN A O   1 
ATOM   668  C  CB  . GLN A 1 84  ? -0.223  6.414   1.119   1.00 41.86  ? 84  GLN A CB  1 
ATOM   669  C  CG  . GLN A 1 84  ? -1.041  7.431   0.404   1.00 46.07  ? 84  GLN A CG  1 
ATOM   670  C  CD  . GLN A 1 84  ? -0.214  8.615   0.030   1.00 48.88  ? 84  GLN A CD  1 
ATOM   671  O  OE1 . GLN A 1 84  ? 0.694   8.500   -0.791  1.00 50.27  ? 84  GLN A OE1 1 
ATOM   672  N  NE2 . GLN A 1 84  ? -0.502  9.767   0.643   1.00 49.65  ? 84  GLN A NE2 1 
ATOM   673  N  N   . ARG A 1 85  ? -0.746  3.496   -0.086  1.00 40.70  ? 85  ARG A N   1 
ATOM   674  C  CA  . ARG A 1 85  ? -1.102  2.678   -1.251  1.00 41.92  ? 85  ARG A CA  1 
ATOM   675  C  C   . ARG A 1 85  ? -2.362  1.927   -0.852  1.00 42.47  ? 85  ARG A C   1 
ATOM   676  O  O   . ARG A 1 85  ? -3.368  1.960   -1.548  1.00 43.14  ? 85  ARG A O   1 
ATOM   677  C  CB  . ARG A 1 85  ? 0.011   1.673   -1.567  1.00 41.30  ? 85  ARG A CB  1 
ATOM   678  C  CG  . ARG A 1 85  ? 0.378   1.559   -3.058  1.00 43.00  ? 85  ARG A CG  1 
ATOM   679  C  CD  . ARG A 1 85  ? -0.846  1.478   -3.968  1.00 44.20  ? 85  ARG A CD  1 
ATOM   680  N  NE  . ARG A 1 85  ? -0.901  2.612   -4.897  1.00 47.73  ? 85  ARG A NE  1 
ATOM   681  C  CZ  . ARG A 1 85  ? -0.274  2.664   -6.075  1.00 48.89  ? 85  ARG A CZ  1 
ATOM   682  N  NH1 . ARG A 1 85  ? 0.457   1.638   -6.486  1.00 48.53  ? 85  ARG A NH1 1 
ATOM   683  N  NH2 . ARG A 1 85  ? -0.360  3.751   -6.843  1.00 48.55  ? 85  ARG A NH2 1 
ATOM   684  N  N   . LEU A 1 86  ? -2.293  1.267   0.296   1.00 42.93  ? 86  LEU A N   1 
ATOM   685  C  CA  . LEU A 1 86  ? -3.417  0.512   0.816   1.00 44.36  ? 86  LEU A CA  1 
ATOM   686  C  C   . LEU A 1 86  ? -4.638  1.408   0.872   1.00 45.13  ? 86  LEU A C   1 
ATOM   687  O  O   . LEU A 1 86  ? -5.722  1.014   0.468   1.00 45.77  ? 86  LEU A O   1 
ATOM   688  C  CB  . LEU A 1 86  ? -3.099  -0.006  2.216   1.00 44.47  ? 86  LEU A CB  1 
ATOM   689  C  CG  . LEU A 1 86  ? -1.782  -0.777  2.333   1.00 45.31  ? 86  LEU A CG  1 
ATOM   690  C  CD1 . LEU A 1 86  ? -1.570  -1.160  3.788   1.00 44.58  ? 86  LEU A CD1 1 
ATOM   691  C  CD2 . LEU A 1 86  ? -1.794  -2.023  1.437   1.00 43.60  ? 86  LEU A CD2 1 
ATOM   692  N  N   . ASP A 1 87  ? -4.452  2.621   1.377   1.00 46.89  ? 87  ASP A N   1 
ATOM   693  C  CA  . ASP A 1 87  ? -5.530  3.599   1.497   1.00 48.75  ? 87  ASP A CA  1 
ATOM   694  C  C   . ASP A 1 87  ? -6.288  3.838   0.195   1.00 48.67  ? 87  ASP A C   1 
ATOM   695  O  O   . ASP A 1 87  ? -7.497  3.619   0.120   1.00 48.60  ? 87  ASP A O   1 
ATOM   696  C  CB  . ASP A 1 87  ? -4.975  4.940   1.988   1.00 51.55  ? 87  ASP A CB  1 
ATOM   697  C  CG  . ASP A 1 87  ? -4.982  5.071   3.500   1.00 53.72  ? 87  ASP A CG  1 
ATOM   698  O  OD1 . ASP A 1 87  ? -5.066  4.030   4.191   1.00 55.54  ? 87  ASP A OD1 1 
ATOM   699  O  OD2 . ASP A 1 87  ? -4.893  6.222   3.994   1.00 54.51  ? 87  ASP A OD2 1 
ATOM   700  N  N   . GLU A 1 88  ? -5.573  4.302   -0.823  1.00 49.36  ? 88  GLU A N   1 
ATOM   701  C  CA  . GLU A 1 88  ? -6.180  4.599   -2.114  1.00 50.99  ? 88  GLU A CA  1 
ATOM   702  C  C   . GLU A 1 88  ? -6.657  3.336   -2.808  1.00 50.42  ? 88  GLU A C   1 
ATOM   703  O  O   . GLU A 1 88  ? -7.572  3.375   -3.632  1.00 50.00  ? 88  GLU A O   1 
ATOM   704  C  CB  . GLU A 1 88  ? -5.184  5.310   -3.035  1.00 51.93  ? 88  GLU A CB  1 
ATOM   705  C  CG  . GLU A 1 88  ? -3.936  5.819   -2.354  1.00 54.10  ? 88  GLU A CG  1 
ATOM   706  C  CD  . GLU A 1 88  ? -2.944  6.417   -3.337  1.00 56.20  ? 88  GLU A CD  1 
ATOM   707  O  OE1 . GLU A 1 88  ? -2.768  7.663   -3.323  1.00 56.91  ? 88  GLU A OE1 1 
ATOM   708  O  OE2 . GLU A 1 88  ? -2.355  5.637   -4.127  1.00 54.52  ? 88  GLU A OE2 1 
ATOM   709  N  N   . LEU A 1 89  ? -6.019  2.220   -2.475  1.00 49.65  ? 89  LEU A N   1 
ATOM   710  C  CA  . LEU A 1 89  ? -6.356  0.937   -3.066  1.00 48.88  ? 89  LEU A CA  1 
ATOM   711  C  C   . LEU A 1 89  ? -7.705  0.455   -2.557  1.00 48.61  ? 89  LEU A C   1 
ATOM   712  O  O   . LEU A 1 89  ? -8.494  -0.124  -3.302  1.00 48.31  ? 89  LEU A O   1 
ATOM   713  C  CB  . LEU A 1 89  ? -5.269  -0.077  -2.733  1.00 48.70  ? 89  LEU A CB  1 
ATOM   714  C  CG  . LEU A 1 89  ? -4.775  -0.819  -3.968  1.00 48.60  ? 89  LEU A CG  1 
ATOM   715  C  CD1 . LEU A 1 89  ? -3.482  -1.567  -3.682  1.00 49.11  ? 89  LEU A CD1 1 
ATOM   716  C  CD2 . LEU A 1 89  ? -5.867  -1.762  -4.402  1.00 50.62  ? 89  LEU A CD2 1 
ATOM   717  N  N   . SER A 1 90  ? -7.965  0.702   -1.280  1.00 48.49  ? 90  SER A N   1 
ATOM   718  C  CA  . SER A 1 90  ? -9.228  0.314   -0.675  1.00 48.40  ? 90  SER A CA  1 
ATOM   719  C  C   . SER A 1 90  ? -10.291 1.220   -1.243  1.00 48.79  ? 90  SER A C   1 
ATOM   720  O  O   . SER A 1 90  ? -11.353 0.765   -1.670  1.00 48.85  ? 90  SER A O   1 
ATOM   721  C  CB  . SER A 1 90  ? -9.164  0.479   0.834   1.00 48.20  ? 90  SER A CB  1 
ATOM   722  O  OG  . SER A 1 90  ? -8.270  -0.475  1.372   1.00 49.61  ? 90  SER A OG  1 
ATOM   723  N  N   . SER A 1 91  ? -9.987  2.511   -1.240  1.00 49.02  ? 91  SER A N   1 
ATOM   724  C  CA  . SER A 1 91  ? -10.883 3.523   -1.780  1.00 49.46  ? 91  SER A CA  1 
ATOM   725  C  C   . SER A 1 91  ? -11.584 3.012   -3.051  1.00 48.55  ? 91  SER A C   1 
ATOM   726  O  O   . SER A 1 91  ? -12.778 3.262   -3.257  1.00 49.73  ? 91  SER A O   1 
ATOM   727  C  CB  . SER A 1 91  ? -10.075 4.791   -2.076  1.00 50.54  ? 91  SER A CB  1 
ATOM   728  O  OG  . SER A 1 91  ? -10.512 5.437   -3.259  1.00 53.34  ? 91  SER A OG  1 
ATOM   729  N  N   . LEU A 1 92  ? -10.835 2.287   -3.884  1.00 46.02  ? 92  LEU A N   1 
ATOM   730  C  CA  . LEU A 1 92  ? -11.340 1.713   -5.134  1.00 42.86  ? 92  LEU A CA  1 
ATOM   731  C  C   . LEU A 1 92  ? -12.276 0.525   -4.916  1.00 42.41  ? 92  LEU A C   1 
ATOM   732  O  O   . LEU A 1 92  ? -13.411 0.509   -5.391  1.00 41.99  ? 92  LEU A O   1 
ATOM   733  C  CB  . LEU A 1 92  ? -10.174 1.235   -5.995  1.00 41.10  ? 92  LEU A CB  1 
ATOM   734  C  CG  . LEU A 1 92  ? -9.387  2.243   -6.811  1.00 39.95  ? 92  LEU A CG  1 
ATOM   735  C  CD1 . LEU A 1 92  ? -8.194  1.572   -7.462  1.00 39.27  ? 92  LEU A CD1 1 
ATOM   736  C  CD2 . LEU A 1 92  ? -10.298 2.828   -7.855  1.00 40.06  ? 92  LEU A CD2 1 
ATOM   737  N  N   . ILE A 1 93  ? -11.776 -0.478  -4.207  1.00 41.40  ? 93  ILE A N   1 
ATOM   738  C  CA  . ILE A 1 93  ? -12.537 -1.682  -3.940  1.00 40.91  ? 93  ILE A CA  1 
ATOM   739  C  C   . ILE A 1 93  ? -13.879 -1.380  -3.301  1.00 41.72  ? 93  ILE A C   1 
ATOM   740  O  O   . ILE A 1 93  ? -14.872 -2.039  -3.600  1.00 42.51  ? 93  ILE A O   1 
ATOM   741  C  CB  . ILE A 1 93  ? -11.746 -2.626  -3.029  1.00 40.62  ? 93  ILE A CB  1 
ATOM   742  C  CG1 . ILE A 1 93  ? -10.371 -2.893  -3.650  1.00 41.89  ? 93  ILE A CG1 1 
ATOM   743  C  CG2 . ILE A 1 93  ? -12.500 -3.931  -2.849  1.00 40.03  ? 93  ILE A CG2 1 
ATOM   744  C  CD1 . ILE A 1 93  ? -9.477  -3.804  -2.829  1.00 42.86  ? 93  ILE A CD1 1 
ATOM   745  N  N   . GLY A 1 94  ? -13.914 -0.381  -2.428  1.00 42.41  ? 94  GLY A N   1 
ATOM   746  C  CA  . GLY A 1 94  ? -15.159 -0.035  -1.762  1.00 42.40  ? 94  GLY A CA  1 
ATOM   747  C  C   . GLY A 1 94  ? -15.239 -0.648  -0.379  1.00 42.51  ? 94  GLY A C   1 
ATOM   748  O  O   . GLY A 1 94  ? -14.555 -1.627  -0.073  1.00 42.32  ? 94  GLY A O   1 
ATOM   749  N  N   . GLN A 1 95  ? -16.080 -0.076  0.470   1.00 43.35  ? 95  GLN A N   1 
ATOM   750  C  CA  . GLN A 1 95  ? -16.226 -0.581  1.832   1.00 44.46  ? 95  GLN A CA  1 
ATOM   751  C  C   . GLN A 1 95  ? -17.385 -1.557  1.956   1.00 44.08  ? 95  GLN A C   1 
ATOM   752  O  O   . GLN A 1 95  ? -18.363 -1.460  1.224   1.00 44.43  ? 95  GLN A O   1 
ATOM   753  C  CB  . GLN A 1 95  ? -16.487 0.566   2.803   1.00 46.28  ? 95  GLN A CB  1 
ATOM   754  C  CG  . GLN A 1 95  ? -15.566 1.755   2.670   1.00 48.97  ? 95  GLN A CG  1 
ATOM   755  C  CD  . GLN A 1 95  ? -15.383 2.475   3.987   1.00 50.04  ? 95  GLN A CD  1 
ATOM   756  O  OE1 . GLN A 1 95  ? -14.615 2.031   4.843   1.00 50.24  ? 95  GLN A OE1 1 
ATOM   757  N  NE2 . GLN A 1 95  ? -16.107 3.578   4.170   1.00 51.10  ? 95  GLN A NE2 1 
ATOM   758  N  N   . SER A 1 96  ? -17.270 -2.488  2.894   1.00 43.72  ? 96  SER A N   1 
ATOM   759  C  CA  . SER A 1 96  ? -18.330 -3.447  3.124   1.00 43.65  ? 96  SER A CA  1 
ATOM   760  C  C   . SER A 1 96  ? -19.325 -2.709  4.005   1.00 43.00  ? 96  SER A C   1 
ATOM   761  O  O   . SER A 1 96  ? -19.086 -1.571  4.409   1.00 41.02  ? 96  SER A O   1 
ATOM   762  C  CB  . SER A 1 96  ? -17.815 -4.713  3.834   1.00 45.69  ? 96  SER A CB  1 
ATOM   763  O  OG  . SER A 1 96  ? -17.783 -4.595  5.246   1.00 46.69  ? 96  SER A OG  1 
ATOM   764  N  N   . THR A 1 97  ? -20.445 -3.357  4.288   1.00 44.28  ? 97  THR A N   1 
ATOM   765  C  CA  . THR A 1 97  ? -21.503 -2.763  5.103   1.00 45.64  ? 97  THR A CA  1 
ATOM   766  C  C   . THR A 1 97  ? -20.995 -2.501  6.512   1.00 45.00  ? 97  THR A C   1 
ATOM   767  O  O   . THR A 1 97  ? -21.264 -1.453  7.112   1.00 44.26  ? 97  THR A O   1 
ATOM   768  C  CB  . THR A 1 97  ? -22.704 -3.717  5.205   1.00 46.87  ? 97  THR A CB  1 
ATOM   769  O  OG1 . THR A 1 97  ? -22.688 -4.635  4.097   1.00 49.40  ? 97  THR A OG1 1 
ATOM   770  C  CG2 . THR A 1 97  ? -23.991 -2.926  5.192   1.00 46.51  ? 97  THR A CG2 1 
ATOM   771  N  N   . ARG A 1 98  ? -20.279 -3.494  7.031   1.00 43.80  ? 98  ARG A N   1 
ATOM   772  C  CA  . ARG A 1 98  ? -19.689 -3.447  8.356   1.00 42.89  ? 98  ARG A CA  1 
ATOM   773  C  C   . ARG A 1 98  ? -18.692 -2.296  8.356   1.00 43.99  ? 98  ARG A C   1 
ATOM   774  O  O   . ARG A 1 98  ? -18.877 -1.312  9.064   1.00 44.74  ? 98  ARG A O   1 
ATOM   775  C  CB  . ARG A 1 98  ? -18.986 -4.778  8.636   1.00 40.56  ? 98  ARG A CB  1 
ATOM   776  C  CG  . ARG A 1 98  ? -19.920 -5.976  8.722   1.00 37.43  ? 98  ARG A CG  1 
ATOM   777  C  CD  . ARG A 1 98  ? -19.141 -7.265  8.816   1.00 35.32  ? 98  ARG A CD  1 
ATOM   778  N  NE  . ARG A 1 98  ? -18.413 -7.547  7.580   1.00 36.65  ? 98  ARG A NE  1 
ATOM   779  C  CZ  . ARG A 1 98  ? -18.984 -7.943  6.446   1.00 35.51  ? 98  ARG A CZ  1 
ATOM   780  N  NH1 . ARG A 1 98  ? -20.299 -8.103  6.397   1.00 36.32  ? 98  ARG A NH1 1 
ATOM   781  N  NH2 . ARG A 1 98  ? -18.241 -8.183  5.367   1.00 33.67  ? 98  ARG A NH2 1 
ATOM   782  N  N   . GLN A 1 99  ? -17.651 -2.438  7.538   1.00 45.32  ? 99  GLN A N   1 
ATOM   783  C  CA  . GLN A 1 99  ? -16.576 -1.459  7.354   1.00 45.65  ? 99  GLN A CA  1 
ATOM   784  C  C   . GLN A 1 99  ? -17.032 -0.010  7.502   1.00 46.45  ? 99  GLN A C   1 
ATOM   785  O  O   . GLN A 1 99  ? -16.318 0.813   8.057   1.00 46.40  ? 99  GLN A O   1 
ATOM   786  C  CB  . GLN A 1 99  ? -15.990 -1.649  5.965   1.00 45.19  ? 99  GLN A CB  1 
ATOM   787  C  CG  . GLN A 1 99  ? -14.520 -1.452  5.840   1.00 45.73  ? 99  GLN A CG  1 
ATOM   788  C  CD  . GLN A 1 99  ? -13.898 -2.539  4.986   1.00 46.57  ? 99  GLN A CD  1 
ATOM   789  O  OE1 . GLN A 1 99  ? -14.498 -2.995  4.014   1.00 45.70  ? 99  GLN A OE1 1 
ATOM   790  N  NE2 . GLN A 1 99  ? -12.688 -2.957  5.343   1.00 48.21  ? 99  GLN A NE2 1 
ATOM   791  N  N   . LYS A 1 100 ? -18.220 0.294   6.990   1.00 47.93  ? 100 LYS A N   1 
ATOM   792  C  CA  . LYS A 1 100 ? -18.767 1.637   7.065   1.00 49.33  ? 100 LYS A CA  1 
ATOM   793  C  C   . LYS A 1 100 ? -19.342 1.899   8.434   1.00 49.06  ? 100 LYS A C   1 
ATOM   794  O  O   . LYS A 1 100 ? -19.055 2.919   9.050   1.00 49.23  ? 100 LYS A O   1 
ATOM   795  C  CB  . LYS A 1 100 ? -19.848 1.826   6.004   1.00 51.64  ? 100 LYS A CB  1 
ATOM   796  C  CG  . LYS A 1 100 ? -19.309 1.757   4.587   1.00 56.40  ? 100 LYS A CG  1 
ATOM   797  C  CD  . LYS A 1 100 ? -20.293 2.339   3.591   1.00 60.32  ? 100 LYS A CD  1 
ATOM   798  C  CE  . LYS A 1 100 ? -19.567 2.961   2.404   1.00 62.74  ? 100 LYS A CE  1 
ATOM   799  N  NZ  . LYS A 1 100 ? -20.516 3.734   1.546   1.00 64.78  ? 100 LYS A NZ  1 
ATOM   800  N  N   . SER A 1 101 ? -20.160 0.971   8.911   1.00 49.50  ? 101 SER A N   1 
ATOM   801  C  CA  . SER A 1 101 ? -20.771 1.109   10.224  1.00 50.20  ? 101 SER A CA  1 
ATOM   802  C  C   . SER A 1 101 ? -19.726 1.192   11.329  1.00 49.33  ? 101 SER A C   1 
ATOM   803  O  O   . SER A 1 101 ? -19.999 1.717   12.403  1.00 48.78  ? 101 SER A O   1 
ATOM   804  C  CB  . SER A 1 101 ? -21.704 -0.071  10.501  1.00 52.30  ? 101 SER A CB  1 
ATOM   805  O  OG  . SER A 1 101 ? -22.927 0.049   9.787   1.00 56.06  ? 101 SER A OG  1 
ATOM   806  N  N   . LEU A 1 102 ? -18.531 0.672   11.057  1.00 48.50  ? 102 LEU A N   1 
ATOM   807  C  CA  . LEU A 1 102 ? -17.441 0.664   12.025  1.00 46.92  ? 102 LEU A CA  1 
ATOM   808  C  C   . LEU A 1 102 ? -16.549 1.868   11.910  1.00 46.89  ? 102 LEU A C   1 
ATOM   809  O  O   . LEU A 1 102 ? -16.135 2.447   12.912  1.00 47.47  ? 102 LEU A O   1 
ATOM   810  C  CB  . LEU A 1 102 ? -16.611 -0.601  11.861  1.00 45.52  ? 102 LEU A CB  1 
ATOM   811  C  CG  . LEU A 1 102 ? -17.145 -1.751  12.709  1.00 45.20  ? 102 LEU A CG  1 
ATOM   812  C  CD1 . LEU A 1 102 ? -16.679 -3.068  12.160  1.00 45.90  ? 102 LEU A CD1 1 
ATOM   813  C  CD2 . LEU A 1 102 ? -16.691 -1.556  14.135  1.00 44.99  ? 102 LEU A CD2 1 
ATOM   814  N  N   . ASN A 1 103 ? -16.228 2.242   10.685  1.00 46.95  ? 103 ASN A N   1 
ATOM   815  C  CA  . ASN A 1 103 ? -15.380 3.397   10.488  1.00 46.66  ? 103 ASN A CA  1 
ATOM   816  C  C   . ASN A 1 103 ? -16.083 4.602   11.041  1.00 48.05  ? 103 ASN A C   1 
ATOM   817  O  O   . ASN A 1 103 ? -15.492 5.389   11.772  1.00 48.37  ? 103 ASN A O   1 
ATOM   818  C  CB  . ASN A 1 103 ? -15.096 3.608   9.012   1.00 44.61  ? 103 ASN A CB  1 
ATOM   819  C  CG  . ASN A 1 103 ? -13.739 3.104   8.618   1.00 43.44  ? 103 ASN A CG  1 
ATOM   820  O  OD1 . ASN A 1 103 ? -12.742 3.411   9.270   1.00 44.37  ? 103 ASN A OD1 1 
ATOM   821  N  ND2 . ASN A 1 103 ? -13.684 2.328   7.551   1.00 42.93  ? 103 ASN A ND2 1 
ATOM   822  N  N   . ASN A 1 104 ? -17.360 4.734   10.706  1.00 50.77  ? 104 ASN A N   1 
ATOM   823  C  CA  . ASN A 1 104 ? -18.133 5.869   11.172  1.00 53.86  ? 104 ASN A CA  1 
ATOM   824  C  C   . ASN A 1 104 ? -18.084 5.965   12.688  1.00 54.39  ? 104 ASN A C   1 
ATOM   825  O  O   . ASN A 1 104 ? -17.979 7.052   13.254  1.00 54.83  ? 104 ASN A O   1 
ATOM   826  C  CB  . ASN A 1 104 ? -19.577 5.763   10.698  1.00 56.47  ? 104 ASN A CB  1 
ATOM   827  C  CG  . ASN A 1 104 ? -20.128 7.094   10.281  1.00 60.32  ? 104 ASN A CG  1 
ATOM   828  O  OD1 . ASN A 1 104 ? -20.880 7.738   11.027  1.00 61.72  ? 104 ASN A OD1 1 
ATOM   829  N  ND2 . ASN A 1 104 ? -19.745 7.536   9.077   1.00 62.23  ? 104 ASN A ND2 1 
ATOM   830  N  N   . ALA A 1 105 ? -18.142 4.816   13.349  1.00 54.30  ? 105 ALA A N   1 
ATOM   831  C  CA  . ALA A 1 105 ? -18.091 4.779   14.800  1.00 54.19  ? 105 ALA A CA  1 
ATOM   832  C  C   . ALA A 1 105 ? -16.766 5.360   15.290  1.00 54.87  ? 105 ALA A C   1 
ATOM   833  O  O   . ALA A 1 105 ? -16.741 6.160   16.216  1.00 54.89  ? 105 ALA A O   1 
ATOM   834  C  CB  . ALA A 1 105 ? -18.256 3.347   15.289  1.00 52.93  ? 105 ALA A CB  1 
ATOM   835  N  N   . TYR A 1 106 ? -15.670 4.961   14.659  1.00 56.44  ? 106 TYR A N   1 
ATOM   836  C  CA  . TYR A 1 106 ? -14.347 5.427   15.052  1.00 58.32  ? 106 TYR A CA  1 
ATOM   837  C  C   . TYR A 1 106 ? -14.178 6.929   14.960  1.00 59.68  ? 106 TYR A C   1 
ATOM   838  O  O   . TYR A 1 106 ? -13.647 7.564   15.873  1.00 59.75  ? 106 TYR A O   1 
ATOM   839  C  CB  . TYR A 1 106 ? -13.279 4.778   14.194  1.00 59.15  ? 106 TYR A CB  1 
ATOM   840  C  CG  . TYR A 1 106 ? -11.891 5.202   14.594  1.00 60.67  ? 106 TYR A CG  1 
ATOM   841  C  CD1 . TYR A 1 106 ? -11.172 4.479   15.545  1.00 61.70  ? 106 TYR A CD1 1 
ATOM   842  C  CD2 . TYR A 1 106 ? -11.304 6.346   14.049  1.00 60.71  ? 106 TYR A CD2 1 
ATOM   843  C  CE1 . TYR A 1 106 ? -9.901  4.881   15.946  1.00 62.12  ? 106 TYR A CE1 1 
ATOM   844  C  CE2 . TYR A 1 106 ? -10.038 6.759   14.443  1.00 61.19  ? 106 TYR A CE2 1 
ATOM   845  C  CZ  . TYR A 1 106 ? -9.343  6.021   15.391  1.00 62.36  ? 106 TYR A CZ  1 
ATOM   846  O  OH  . TYR A 1 106 ? -8.092  6.423   15.786  1.00 63.85  ? 106 TYR A OH  1 
ATOM   847  N  N   . GLY A 1 107 ? -14.586 7.487   13.828  1.00 61.21  ? 107 GLY A N   1 
ATOM   848  C  CA  . GLY A 1 107 ? -14.480 8.918   13.641  1.00 62.95  ? 107 GLY A CA  1 
ATOM   849  C  C   . GLY A 1 107 ? -15.308 9.637   14.676  1.00 63.87  ? 107 GLY A C   1 
ATOM   850  O  O   . GLY A 1 107 ? -14.871 10.622  15.258  1.00 63.75  ? 107 GLY A O   1 
ATOM   851  N  N   . ARG A 1 108 ? -16.515 9.141   14.896  1.00 65.26  ? 108 ARG A N   1 
ATOM   852  C  CA  . ARG A 1 108 ? -17.425 9.728   15.862  1.00 67.34  ? 108 ARG A CA  1 
ATOM   853  C  C   . ARG A 1 108 ? -16.812 9.756   17.265  1.00 68.38  ? 108 ARG A C   1 
ATOM   854  O  O   . ARG A 1 108 ? -17.232 10.538  18.138  1.00 68.78  ? 108 ARG A O   1 
ATOM   855  C  CB  . ARG A 1 108 ? -18.720 8.918   15.860  1.00 67.96  ? 108 ARG A CB  1 
ATOM   856  C  CG  . ARG A 1 108 ? -19.962 9.601   16.326  1.00 69.06  ? 108 ARG A CG  1 
ATOM   857  C  CD  . ARG A 1 108 ? -21.081 8.923   15.598  1.00 71.38  ? 108 ARG A CD  1 
ATOM   858  N  NE  . ARG A 1 108 ? -22.364 8.909   16.277  1.00 74.05  ? 108 ARG A NE  1 
ATOM   859  C  CZ  . ARG A 1 108 ? -23.393 8.200   15.825  1.00 76.04  ? 108 ARG A CZ  1 
ATOM   860  N  NH1 . ARG A 1 108 ? -23.261 7.474   14.715  1.00 76.44  ? 108 ARG A NH1 1 
ATOM   861  N  NH2 . ARG A 1 108 ? -24.546 8.211   16.475  1.00 76.69  ? 108 ARG A NH2 1 
ATOM   862  N  N   . LEU A 1 109 ? -15.820 8.903   17.490  1.00 68.79  ? 109 LEU A N   1 
ATOM   863  C  CA  . LEU A 1 109 ? -15.149 8.836   18.785  1.00 69.33  ? 109 LEU A CA  1 
ATOM   864  C  C   . LEU A 1 109 ? -13.948 9.776   18.837  1.00 71.69  ? 109 LEU A C   1 
ATOM   865  O  O   . LEU A 1 109 ? -13.841 10.575  19.763  1.00 72.82  ? 109 LEU A O   1 
ATOM   866  C  CB  . LEU A 1 109 ? -14.696 7.410   19.042  1.00 66.81  ? 109 LEU A CB  1 
ATOM   867  C  CG  . LEU A 1 109 ? -13.864 7.192   20.301  1.00 64.73  ? 109 LEU A CG  1 
ATOM   868  C  CD1 . LEU A 1 109 ? -14.664 6.494   21.373  1.00 62.04  ? 109 LEU A CD1 1 
ATOM   869  C  CD2 . LEU A 1 109 ? -12.650 6.368   19.949  1.00 64.72  ? 109 LEU A CD2 1 
ATOM   870  N  N   . SER A 1 110 ? -13.062 9.690   17.844  1.00 73.36  ? 110 SER A N   1 
ATOM   871  C  CA  . SER A 1 110 ? -11.908 10.559  17.823  1.00 75.73  ? 110 SER A CA  1 
ATOM   872  C  C   . SER A 1 110 ? -12.385 12.007  17.701  1.00 77.66  ? 110 SER A C   1 
ATOM   873  O  O   . SER A 1 110 ? -11.953 12.887  18.455  1.00 77.62  ? 110 SER A O   1 
ATOM   874  C  CB  . SER A 1 110 ? -10.957 10.200  16.665  1.00 75.37  ? 110 SER A CB  1 
ATOM   875  O  OG  . SER A 1 110 ? -11.430 10.626  15.395  1.00 74.11  ? 110 SER A OG  1 
ATOM   876  N  N   . GLY A 1 111 ? -13.294 12.239  16.756  1.00 80.42  ? 111 GLY A N   1 
ATOM   877  C  CA  . GLY A 1 111 ? -13.844 13.564  16.523  1.00 83.40  ? 111 GLY A CA  1 
ATOM   878  C  C   . GLY A 1 111 ? -14.800 13.954  17.633  1.00 85.00  ? 111 GLY A C   1 
ATOM   879  O  O   . GLY A 1 111 ? -15.745 14.716  17.434  1.00 85.62  ? 111 GLY A O   1 
HETATM 880  N  N   . MSE A 1 112 ? -14.508 13.456  18.825  1.00 87.46  ? 112 MSE A N   1 
HETATM 881  C  CA  . MSE A 1 112 ? -15.299 13.750  20.005  1.00 89.44  ? 112 MSE A CA  1 
HETATM 882  C  C   . MSE A 1 112 ? -14.524 14.622  20.997  1.00 90.07  ? 112 MSE A C   1 
HETATM 883  O  O   . MSE A 1 112 ? -13.371 14.333  21.353  1.00 89.62  ? 112 MSE A O   1 
HETATM 884  C  CB  . MSE A 1 112 ? -15.762 12.439  20.663  1.00 91.49  ? 112 MSE A CB  1 
HETATM 885  C  CG  . MSE A 1 112 ? -15.505 12.286  22.153  1.00 94.85  ? 112 MSE A CG  1 
HETATM 886  SE SE  . MSE A 1 112 ? -16.973 11.427  23.120  1.00 101.81 ? 112 MSE A SE  1 
HETATM 887  C  CE  . MSE A 1 112 ? -16.366 9.597   23.203  1.00 97.96  ? 112 MSE A CE  1 
ATOM   888  N  N   . LEU A 1 113 ? -15.153 15.708  21.428  1.00 90.91  ? 113 LEU A N   1 
ATOM   889  C  CA  . LEU A 1 113 ? -14.531 16.620  22.380  1.00 92.31  ? 113 LEU A CA  1 
ATOM   890  C  C   . LEU A 1 113 ? -14.991 16.227  23.785  1.00 93.33  ? 113 LEU A C   1 
ATOM   891  O  O   . LEU A 1 113 ? -16.187 16.147  24.060  1.00 92.92  ? 113 LEU A O   1 
ATOM   892  C  CB  . LEU A 1 113 ? -14.950 18.056  22.041  1.00 91.21  ? 113 LEU A CB  1 
ATOM   893  C  CG  . LEU A 1 113 ? -15.694 18.208  20.707  1.00 91.22  ? 113 LEU A CG  1 
ATOM   894  C  CD1 . LEU A 1 113 ? -17.195 18.266  20.957  1.00 90.49  ? 113 LEU A CD1 1 
ATOM   895  C  CD2 . LEU A 1 113 ? -15.224 19.473  20.015  1.00 91.60  ? 113 LEU A CD2 1 
ATOM   896  N  N   . LEU A 1 114 ? -14.026 15.968  24.662  1.00 93.94  ? 114 LEU A N   1 
ATOM   897  C  CA  . LEU A 1 114 ? -14.310 15.571  26.043  1.00 95.47  ? 114 LEU A CA  1 
ATOM   898  C  C   . LEU A 1 114 ? -14.388 16.781  27.011  1.00 96.59  ? 114 LEU A C   1 
ATOM   899  O  O   . LEU A 1 114 ? -13.782 17.823  26.747  1.00 97.50  ? 114 LEU A O   1 
ATOM   900  C  CB  . LEU A 1 114 ? -13.241 14.582  26.518  1.00 95.45  ? 114 LEU A CB  1 
ATOM   901  C  CG  . LEU A 1 114 ? -12.869 13.475  25.527  1.00 94.68  ? 114 LEU A CG  1 
ATOM   902  C  CD1 . LEU A 1 114 ? -11.547 13.797  24.837  1.00 94.46  ? 114 LEU A CD1 1 
ATOM   903  C  CD2 . LEU A 1 114 ? -12.758 12.165  26.277  1.00 95.61  ? 114 LEU A CD2 1 
ATOM   904  N  N   . VAL A 1 115 ? -15.125 16.635  28.126  1.00 97.28  ? 115 VAL A N   1 
ATOM   905  C  CA  . VAL A 1 115 ? -15.316 17.717  29.136  1.00 98.01  ? 115 VAL A CA  1 
ATOM   906  C  C   . VAL A 1 115 ? -16.119 17.226  30.384  1.00 98.10  ? 115 VAL A C   1 
ATOM   907  O  O   . VAL A 1 115 ? -17.365 17.290  30.417  1.00 97.91  ? 115 VAL A O   1 
ATOM   908  C  CB  . VAL A 1 115 ? -16.050 18.961  28.482  1.00 98.81  ? 115 VAL A CB  1 
ATOM   909  C  CG1 . VAL A 1 115 ? -16.974 18.495  27.323  1.00 97.11  ? 115 VAL A CG1 1 
ATOM   910  C  CG2 . VAL A 1 115 ? -16.885 19.728  29.546  1.00 97.20  ? 115 VAL A CG2 1 
ATOM   911  N  N   . PRO A 1 116 ? -15.411 16.740  31.430  1.00 97.60  ? 116 PRO A N   1 
ATOM   912  C  CA  . PRO A 1 116 ? -16.097 16.239  32.642  1.00 98.63  ? 116 PRO A CA  1 
ATOM   913  C  C   . PRO A 1 116 ? -16.085 17.190  33.862  1.00 99.22  ? 116 PRO A C   1 
ATOM   914  O  O   . PRO A 1 116 ? -15.297 16.933  34.823  1.00 99.07  ? 116 PRO A O   1 
ATOM   915  C  CB  . PRO A 1 116 ? -15.349 14.937  32.925  1.00 97.64  ? 116 PRO A CB  1 
ATOM   916  C  CG  . PRO A 1 116 ? -13.839 15.415  32.670  1.00 97.21  ? 116 PRO A CG  1 
ATOM   917  C  CD  . PRO A 1 116 ? -13.958 16.434  31.474  1.00 97.95  ? 116 PRO A CD  1 
ATOM   918  N  N   . THR B 1 2   ? -29.069 7.608   -35.500 1.00 64.08  ? 2   THR B N   1 
ATOM   919  C  CA  . THR B 1 2   ? -30.310 7.671   -34.673 1.00 63.89  ? 2   THR B CA  1 
ATOM   920  C  C   . THR B 1 2   ? -30.007 7.693   -33.156 1.00 62.12  ? 2   THR B C   1 
ATOM   921  O  O   . THR B 1 2   ? -28.865 7.491   -32.725 1.00 61.44  ? 2   THR B O   1 
ATOM   922  C  CB  . THR B 1 2   ? -31.269 6.472   -35.019 1.00 65.03  ? 2   THR B CB  1 
ATOM   923  O  OG1 . THR B 1 2   ? -30.685 5.229   -34.601 1.00 64.42  ? 2   THR B OG1 1 
ATOM   924  C  CG2 . THR B 1 2   ? -31.516 6.408   -36.529 1.00 65.50  ? 2   THR B CG2 1 
ATOM   925  N  N   . SER B 1 3   ? -31.030 7.961   -32.351 1.00 59.47  ? 3   SER B N   1 
ATOM   926  C  CA  . SER B 1 3   ? -30.849 7.996   -30.915 1.00 57.06  ? 3   SER B CA  1 
ATOM   927  C  C   . SER B 1 3   ? -30.662 6.596   -30.368 1.00 55.31  ? 3   SER B C   1 
ATOM   928  O  O   . SER B 1 3   ? -30.184 6.422   -29.249 1.00 54.75  ? 3   SER B O   1 
ATOM   929  C  CB  . SER B 1 3   ? -32.056 8.642   -30.241 1.00 58.07  ? 3   SER B CB  1 
ATOM   930  O  OG  . SER B 1 3   ? -31.922 10.048  -30.228 1.00 60.58  ? 3   SER B OG  1 
ATOM   931  N  N   . THR B 1 4   ? -31.036 5.590   -31.149 1.00 52.67  ? 4   THR B N   1 
ATOM   932  C  CA  . THR B 1 4   ? -30.902 4.227   -30.665 1.00 49.86  ? 4   THR B CA  1 
ATOM   933  C  C   . THR B 1 4   ? -29.495 3.683   -30.837 1.00 47.63  ? 4   THR B C   1 
ATOM   934  O  O   . THR B 1 4   ? -29.044 2.891   -30.018 1.00 47.68  ? 4   THR B O   1 
ATOM   935  C  CB  . THR B 1 4   ? -31.914 3.280   -31.339 1.00 50.08  ? 4   THR B CB  1 
ATOM   936  O  OG1 . THR B 1 4   ? -31.447 2.922   -32.642 1.00 52.20  ? 4   THR B OG1 1 
ATOM   937  C  CG2 . THR B 1 4   ? -33.267 3.970   -31.469 1.00 50.87  ? 4   THR B CG2 1 
ATOM   938  N  N   . VAL B 1 5   ? -28.790 4.092   -31.888 1.00 45.03  ? 5   VAL B N   1 
ATOM   939  C  CA  . VAL B 1 5   ? -27.434 3.596   -32.052 1.00 43.02  ? 5   VAL B CA  1 
ATOM   940  C  C   . VAL B 1 5   ? -26.587 4.360   -31.047 1.00 42.52  ? 5   VAL B C   1 
ATOM   941  O  O   . VAL B 1 5   ? -25.662 3.805   -30.457 1.00 41.95  ? 5   VAL B O   1 
ATOM   942  C  CB  . VAL B 1 5   ? -26.899 3.792   -33.499 1.00 41.87  ? 5   VAL B CB  1 
ATOM   943  C  CG1 . VAL B 1 5   ? -27.996 4.289   -34.386 1.00 40.77  ? 5   VAL B CG1 1 
ATOM   944  C  CG2 . VAL B 1 5   ? -25.709 4.727   -33.519 1.00 41.43  ? 5   VAL B CG2 1 
ATOM   945  N  N   . GLU B 1 6   ? -26.932 5.629   -30.838 1.00 42.70  ? 6   GLU B N   1 
ATOM   946  C  CA  . GLU B 1 6   ? -26.236 6.495   -29.877 1.00 43.93  ? 6   GLU B CA  1 
ATOM   947  C  C   . GLU B 1 6   ? -26.333 5.902   -28.476 1.00 41.81  ? 6   GLU B C   1 
ATOM   948  O  O   . GLU B 1 6   ? -25.406 5.965   -27.681 1.00 40.99  ? 6   GLU B O   1 
ATOM   949  C  CB  . GLU B 1 6   ? -26.871 7.884   -29.877 1.00 47.80  ? 6   GLU B CB  1 
ATOM   950  C  CG  . GLU B 1 6   ? -26.624 8.654   -31.153 1.00 53.05  ? 6   GLU B CG  1 
ATOM   951  C  CD  . GLU B 1 6   ? -25.219 9.208   -31.219 1.00 56.47  ? 6   GLU B CD  1 
ATOM   952  O  OE1 . GLU B 1 6   ? -24.788 9.592   -32.329 1.00 59.30  ? 6   GLU B OE1 1 
ATOM   953  O  OE2 . GLU B 1 6   ? -24.551 9.271   -30.160 1.00 57.61  ? 6   GLU B OE2 1 
ATOM   954  N  N   . PHE B 1 7   ? -27.494 5.337   -28.185 1.00 40.63  ? 7   PHE B N   1 
ATOM   955  C  CA  . PHE B 1 7   ? -27.753 4.697   -26.908 1.00 37.53  ? 7   PHE B CA  1 
ATOM   956  C  C   . PHE B 1 7   ? -26.811 3.498   -26.814 1.00 36.17  ? 7   PHE B C   1 
ATOM   957  O  O   . PHE B 1 7   ? -25.982 3.433   -25.919 1.00 37.51  ? 7   PHE B O   1 
ATOM   958  C  CB  . PHE B 1 7   ? -29.219 4.261   -26.868 1.00 36.13  ? 7   PHE B CB  1 
ATOM   959  C  CG  . PHE B 1 7   ? -29.596 3.536   -25.634 1.00 34.35  ? 7   PHE B CG  1 
ATOM   960  C  CD1 . PHE B 1 7   ? -29.235 4.023   -24.394 1.00 34.02  ? 7   PHE B CD1 1 
ATOM   961  C  CD2 . PHE B 1 7   ? -30.324 2.360   -25.707 1.00 35.22  ? 7   PHE B CD2 1 
ATOM   962  C  CE1 . PHE B 1 7   ? -29.588 3.345   -23.241 1.00 33.67  ? 7   PHE B CE1 1 
ATOM   963  C  CE2 . PHE B 1 7   ? -30.681 1.676   -24.554 1.00 34.60  ? 7   PHE B CE2 1 
ATOM   964  C  CZ  . PHE B 1 7   ? -30.312 2.173   -23.321 1.00 33.81  ? 7   PHE B CZ  1 
ATOM   965  N  N   . ILE B 1 8   ? -26.936 2.567   -27.758 1.00 33.60  ? 8   ILE B N   1 
ATOM   966  C  CA  . ILE B 1 8   ? -26.088 1.377   -27.823 1.00 30.28  ? 8   ILE B CA  1 
ATOM   967  C  C   . ILE B 1 8   ? -24.609 1.734   -27.707 1.00 29.48  ? 8   ILE B C   1 
ATOM   968  O  O   . ILE B 1 8   ? -23.903 1.253   -26.828 1.00 28.83  ? 8   ILE B O   1 
ATOM   969  C  CB  . ILE B 1 8   ? -26.266 0.638   -29.167 1.00 29.03  ? 8   ILE B CB  1 
ATOM   970  C  CG1 . ILE B 1 8   ? -27.712 0.177   -29.323 1.00 29.07  ? 8   ILE B CG1 1 
ATOM   971  C  CG2 . ILE B 1 8   ? -25.327 -0.542  -29.236 1.00 27.27  ? 8   ILE B CG2 1 
ATOM   972  C  CD1 . ILE B 1 8   ? -27.925 -0.792  -30.459 1.00 29.02  ? 8   ILE B CD1 1 
ATOM   973  N  N   . ASN B 1 9   ? -24.152 2.581   -28.620 1.00 28.92  ? 9   ASN B N   1 
ATOM   974  C  CA  . ASN B 1 9   ? -22.764 3.014   -28.672 1.00 28.47  ? 9   ASN B CA  1 
ATOM   975  C  C   . ASN B 1 9   ? -22.243 3.514   -27.331 1.00 28.12  ? 9   ASN B C   1 
ATOM   976  O  O   . ASN B 1 9   ? -21.132 3.173   -26.940 1.00 27.96  ? 9   ASN B O   1 
ATOM   977  C  CB  . ASN B 1 9   ? -22.630 4.108   -29.728 1.00 28.43  ? 9   ASN B CB  1 
ATOM   978  C  CG  . ASN B 1 9   ? -21.217 4.280   -30.222 1.00 27.84  ? 9   ASN B CG  1 
ATOM   979  O  OD1 . ASN B 1 9   ? -20.624 5.340   -30.051 1.00 28.37  ? 9   ASN B OD1 1 
ATOM   980  N  ND2 . ASN B 1 9   ? -20.673 3.241   -30.850 1.00 26.45  ? 9   ASN B ND2 1 
ATOM   981  N  N   . ARG B 1 10  ? -23.044 4.325   -26.638 1.00 28.78  ? 10  ARG B N   1 
ATOM   982  C  CA  . ARG B 1 10  ? -22.668 4.872   -25.333 1.00 29.39  ? 10  ARG B CA  1 
ATOM   983  C  C   . ARG B 1 10  ? -22.266 3.747   -24.404 1.00 30.19  ? 10  ARG B C   1 
ATOM   984  O  O   . ARG B 1 10  ? -21.258 3.839   -23.707 1.00 31.03  ? 10  ARG B O   1 
ATOM   985  C  CB  . ARG B 1 10  ? -23.835 5.614   -24.678 1.00 30.28  ? 10  ARG B CB  1 
ATOM   986  C  CG  . ARG B 1 10  ? -24.173 6.984   -25.235 1.00 34.97  ? 10  ARG B CG  1 
ATOM   987  C  CD  . ARG B 1 10  ? -25.320 7.600   -24.416 1.00 39.42  ? 10  ARG B CD  1 
ATOM   988  N  NE  . ARG B 1 10  ? -26.425 8.108   -25.240 1.00 41.01  ? 10  ARG B NE  1 
ATOM   989  C  CZ  . ARG B 1 10  ? -27.717 7.860   -25.011 1.00 39.75  ? 10  ARG B CZ  1 
ATOM   990  N  NH1 . ARG B 1 10  ? -28.093 7.105   -23.983 1.00 35.49  ? 10  ARG B NH1 1 
ATOM   991  N  NH2 . ARG B 1 10  ? -28.638 8.373   -25.818 1.00 39.89  ? 10  ARG B NH2 1 
ATOM   992  N  N   . TRP B 1 11  ? -23.079 2.691   -24.390 1.00 30.59  ? 11  TRP B N   1 
ATOM   993  C  CA  . TRP B 1 11  ? -22.834 1.534   -23.550 1.00 29.67  ? 11  TRP B CA  1 
ATOM   994  C  C   . TRP B 1 11  ? -21.740 0.651   -24.101 1.00 30.76  ? 11  TRP B C   1 
ATOM   995  O  O   . TRP B 1 11  ? -21.126 -0.116  -23.360 1.00 32.16  ? 11  TRP B O   1 
ATOM   996  C  CB  . TRP B 1 11  ? -24.117 0.747   -23.351 1.00 29.67  ? 11  TRP B CB  1 
ATOM   997  C  CG  . TRP B 1 11  ? -24.869 1.276   -22.188 1.00 31.97  ? 11  TRP B CG  1 
ATOM   998  C  CD1 . TRP B 1 11  ? -25.941 2.127   -22.207 1.00 32.27  ? 11  TRP B CD1 1 
ATOM   999  C  CD2 . TRP B 1 11  ? -24.518 1.111   -20.816 1.00 33.14  ? 11  TRP B CD2 1 
ATOM   1000 N  NE1 . TRP B 1 11  ? -26.277 2.498   -20.929 1.00 32.96  ? 11  TRP B NE1 1 
ATOM   1001 C  CE2 . TRP B 1 11  ? -25.420 1.874   -20.048 1.00 33.83  ? 11  TRP B CE2 1 
ATOM   1002 C  CE3 . TRP B 1 11  ? -23.532 0.359   -20.150 1.00 33.82  ? 11  TRP B CE3 1 
ATOM   1003 C  CZ2 . TRP B 1 11  ? -25.354 1.951   -18.656 1.00 34.60  ? 11  TRP B CZ2 1 
ATOM   1004 C  CZ3 . TRP B 1 11  ? -23.464 0.426   -18.768 1.00 35.01  ? 11  TRP B CZ3 1 
ATOM   1005 C  CH2 . TRP B 1 11  ? -24.381 1.207   -18.032 1.00 35.97  ? 11  TRP B CH2 1 
ATOM   1006 N  N   . GLN B 1 12  ? -21.498 0.756   -25.406 1.00 30.91  ? 12  GLN B N   1 
ATOM   1007 C  CA  . GLN B 1 12  ? -20.419 0.002   -26.022 1.00 29.54  ? 12  GLN B CA  1 
ATOM   1008 C  C   . GLN B 1 12  ? -19.157 0.641   -25.463 1.00 29.79  ? 12  GLN B C   1 
ATOM   1009 O  O   . GLN B 1 12  ? -18.196 -0.048  -25.117 1.00 29.55  ? 12  GLN B O   1 
ATOM   1010 C  CB  . GLN B 1 12  ? -20.418 0.173   -27.536 1.00 27.88  ? 12  GLN B CB  1 
ATOM   1011 C  CG  . GLN B 1 12  ? -21.432 -0.632  -28.287 1.00 26.38  ? 12  GLN B CG  1 
ATOM   1012 C  CD  . GLN B 1 12  ? -21.263 -0.456  -29.777 1.00 27.17  ? 12  GLN B CD  1 
ATOM   1013 O  OE1 . GLN B 1 12  ? -21.236 0.669   -30.273 1.00 28.51  ? 12  GLN B OE1 1 
ATOM   1014 N  NE2 . GLN B 1 12  ? -21.148 -1.558  -30.501 1.00 26.99  ? 12  GLN B NE2 1 
ATOM   1015 N  N   . ARG B 1 13  ? -19.187 1.971   -25.371 1.00 30.23  ? 13  ARG B N   1 
ATOM   1016 C  CA  . ARG B 1 13  ? -18.064 2.756   -24.874 1.00 31.93  ? 13  ARG B CA  1 
ATOM   1017 C  C   . ARG B 1 13  ? -17.667 2.414   -23.457 1.00 31.14  ? 13  ARG B C   1 
ATOM   1018 O  O   . ARG B 1 13  ? -16.477 2.336   -23.147 1.00 32.80  ? 13  ARG B O   1 
ATOM   1019 C  CB  . ARG B 1 13  ? -18.357 4.255   -24.933 1.00 35.02  ? 13  ARG B CB  1 
ATOM   1020 C  CG  . ARG B 1 13  ? -17.145 5.100   -24.569 1.00 38.49  ? 13  ARG B CG  1 
ATOM   1021 C  CD  . ARG B 1 13  ? -17.529 6.492   -24.120 1.00 43.24  ? 13  ARG B CD  1 
ATOM   1022 N  NE  . ARG B 1 13  ? -16.380 7.180   -23.540 1.00 47.73  ? 13  ARG B NE  1 
ATOM   1023 C  CZ  . ARG B 1 13  ? -16.465 8.215   -22.707 1.00 50.38  ? 13  ARG B CZ  1 
ATOM   1024 N  NH1 . ARG B 1 13  ? -17.653 8.693   -22.351 1.00 52.32  ? 13  ARG B NH1 1 
ATOM   1025 N  NH2 . ARG B 1 13  ? -15.360 8.760   -22.215 1.00 51.35  ? 13  ARG B NH2 1 
ATOM   1026 N  N   . ILE B 1 14  ? -18.645 2.245   -22.581 1.00 28.97  ? 14  ILE B N   1 
ATOM   1027 C  CA  . ILE B 1 14  ? -18.329 1.905   -21.213 1.00 27.46  ? 14  ILE B CA  1 
ATOM   1028 C  C   . ILE B 1 14  ? -17.815 0.488   -21.146 1.00 27.63  ? 14  ILE B C   1 
ATOM   1029 O  O   . ILE B 1 14  ? -16.814 0.222   -20.497 1.00 28.09  ? 14  ILE B O   1 
ATOM   1030 C  CB  . ILE B 1 14  ? -19.560 2.076   -20.320 1.00 26.47  ? 14  ILE B CB  1 
ATOM   1031 C  CG1 . ILE B 1 14  ? -19.654 3.534   -19.906 1.00 24.37  ? 14  ILE B CG1 1 
ATOM   1032 C  CG2 . ILE B 1 14  ? -19.492 1.143   -19.120 1.00 25.63  ? 14  ILE B CG2 1 
ATOM   1033 C  CD1 . ILE B 1 14  ? -20.888 3.872   -19.191 1.00 25.03  ? 14  ILE B CD1 1 
ATOM   1034 N  N   . ALA B 1 15  ? -18.498 -0.411  -21.840 1.00 28.33  ? 15  ALA B N   1 
ATOM   1035 C  CA  . ALA B 1 15  ? -18.106 -1.806  -21.861 1.00 28.78  ? 15  ALA B CA  1 
ATOM   1036 C  C   . ALA B 1 15  ? -16.613 -1.887  -22.174 1.00 28.79  ? 15  ALA B C   1 
ATOM   1037 O  O   . ALA B 1 15  ? -15.902 -2.712  -21.611 1.00 29.01  ? 15  ALA B O   1 
ATOM   1038 C  CB  . ALA B 1 15  ? -18.910 -2.564  -22.906 1.00 29.64  ? 15  ALA B CB  1 
ATOM   1039 N  N   . LEU B 1 16  ? -16.138 -1.018  -23.060 1.00 28.99  ? 16  LEU B N   1 
ATOM   1040 C  CA  . LEU B 1 16  ? -14.736 -1.023  -23.426 1.00 29.49  ? 16  LEU B CA  1 
ATOM   1041 C  C   . LEU B 1 16  ? -13.858 -0.603  -22.243 1.00 30.42  ? 16  LEU B C   1 
ATOM   1042 O  O   . LEU B 1 16  ? -12.982 -1.355  -21.815 1.00 31.14  ? 16  LEU B O   1 
ATOM   1043 C  CB  . LEU B 1 16  ? -14.490 -0.089  -24.612 1.00 27.82  ? 16  LEU B CB  1 
ATOM   1044 C  CG  . LEU B 1 16  ? -14.879 -0.633  -25.983 1.00 25.69  ? 16  LEU B CG  1 
ATOM   1045 C  CD1 . LEU B 1 16  ? -14.833 0.496   -26.997 1.00 24.45  ? 16  LEU B CD1 1 
ATOM   1046 C  CD2 . LEU B 1 16  ? -13.945 -1.772  -26.389 1.00 22.76  ? 16  LEU B CD2 1 
ATOM   1047 N  N   . LEU B 1 17  ? -14.104 0.594   -21.715 1.00 31.11  ? 17  LEU B N   1 
ATOM   1048 C  CA  . LEU B 1 17  ? -13.348 1.144   -20.575 1.00 32.14  ? 17  LEU B CA  1 
ATOM   1049 C  C   . LEU B 1 17  ? -13.235 0.171   -19.400 1.00 33.17  ? 17  LEU B C   1 
ATOM   1050 O  O   . LEU B 1 17  ? -12.238 0.142   -18.688 1.00 33.38  ? 17  LEU B O   1 
ATOM   1051 C  CB  . LEU B 1 17  ? -14.017 2.437   -20.099 1.00 32.07  ? 17  LEU B CB  1 
ATOM   1052 C  CG  . LEU B 1 17  ? -14.010 3.570   -21.118 1.00 31.75  ? 17  LEU B CG  1 
ATOM   1053 C  CD1 . LEU B 1 17  ? -15.002 4.634   -20.741 1.00 30.45  ? 17  LEU B CD1 1 
ATOM   1054 C  CD2 . LEU B 1 17  ? -12.597 4.117   -21.219 1.00 32.22  ? 17  LEU B CD2 1 
ATOM   1055 N  N   . SER B 1 18  ? -14.273 -0.620  -19.193 1.00 33.15  ? 18  SER B N   1 
ATOM   1056 C  CA  . SER B 1 18  ? -14.249 -1.576  -18.106 1.00 33.96  ? 18  SER B CA  1 
ATOM   1057 C  C   . SER B 1 18  ? -13.170 -2.584  -18.426 1.00 33.61  ? 18  SER B C   1 
ATOM   1058 O  O   . SER B 1 18  ? -12.351 -2.919  -17.584 1.00 33.59  ? 18  SER B O   1 
ATOM   1059 C  CB  . SER B 1 18  ? -15.594 -2.288  -17.994 1.00 35.85  ? 18  SER B CB  1 
ATOM   1060 O  OG  . SER B 1 18  ? -15.744 -3.235  -19.032 1.00 38.85  ? 18  SER B OG  1 
ATOM   1061 N  N   . GLN B 1 19  ? -13.195 -3.066  -19.660 1.00 34.12  ? 19  GLN B N   1 
ATOM   1062 C  CA  . GLN B 1 19  ? -12.224 -4.029  -20.134 1.00 35.12  ? 19  GLN B CA  1 
ATOM   1063 C  C   . GLN B 1 19  ? -10.857 -3.375  -20.161 1.00 34.87  ? 19  GLN B C   1 
ATOM   1064 O  O   . GLN B 1 19  ? -9.834  -4.049  -20.047 1.00 35.23  ? 19  GLN B O   1 
ATOM   1065 C  CB  . GLN B 1 19  ? -12.621 -4.531  -21.528 1.00 36.46  ? 19  GLN B CB  1 
ATOM   1066 C  CG  . GLN B 1 19  ? -11.586 -5.406  -22.231 1.00 38.31  ? 19  GLN B CG  1 
ATOM   1067 C  CD  . GLN B 1 19  ? -11.199 -6.636  -21.432 1.00 39.23  ? 19  GLN B CD  1 
ATOM   1068 O  OE1 . GLN B 1 19  ? -12.059 -7.415  -20.997 1.00 39.13  ? 19  GLN B OE1 1 
ATOM   1069 N  NE2 . GLN B 1 19  ? -9.891  -6.826  -21.242 1.00 39.73  ? 19  GLN B NE2 1 
ATOM   1070 N  N   . SER B 1 20  ? -10.840 -2.058  -20.322 1.00 34.98  ? 20  SER B N   1 
ATOM   1071 C  CA  . SER B 1 20  ? -9.591  -1.311  -20.331 1.00 35.37  ? 20  SER B CA  1 
ATOM   1072 C  C   . SER B 1 20  ? -8.837  -1.416  -19.011 1.00 36.85  ? 20  SER B C   1 
ATOM   1073 O  O   . SER B 1 20  ? -7.673  -1.802  -19.022 1.00 37.93  ? 20  SER B O   1 
ATOM   1074 C  CB  . SER B 1 20  ? -9.847  0.162   -20.623 1.00 35.48  ? 20  SER B CB  1 
ATOM   1075 O  OG  . SER B 1 20  ? -8.710  0.936   -20.267 1.00 35.82  ? 20  SER B OG  1 
ATOM   1076 N  N   . LEU B 1 21  ? -9.507  -1.088  -17.895 1.00 37.14  ? 21  LEU B N   1 
ATOM   1077 C  CA  . LEU B 1 21  ? -8.908  -1.118  -16.563 1.00 36.87  ? 21  LEU B CA  1 
ATOM   1078 C  C   . LEU B 1 21  ? -8.597  -2.528  -16.104 1.00 37.80  ? 21  LEU B C   1 
ATOM   1079 O  O   . LEU B 1 21  ? -7.684  -2.723  -15.304 1.00 38.42  ? 21  LEU B O   1 
ATOM   1080 C  CB  . LEU B 1 21  ? -9.826  -0.509  -15.516 1.00 36.31  ? 21  LEU B CB  1 
ATOM   1081 C  CG  . LEU B 1 21  ? -10.396 0.868   -15.784 1.00 37.54  ? 21  LEU B CG  1 
ATOM   1082 C  CD1 . LEU B 1 21  ? -10.961 1.390   -14.474 1.00 35.76  ? 21  LEU B CD1 1 
ATOM   1083 C  CD2 . LEU B 1 21  ? -9.340  1.824   -16.323 1.00 38.32  ? 21  LEU B CD2 1 
ATOM   1084 N  N   . LEU B 1 22  ? -9.372  -3.504  -16.574 1.00 39.13  ? 22  LEU B N   1 
ATOM   1085 C  CA  . LEU B 1 22  ? -9.149  -4.885  -16.185 1.00 41.53  ? 22  LEU B CA  1 
ATOM   1086 C  C   . LEU B 1 22  ? -7.715  -5.177  -16.554 1.00 43.74  ? 22  LEU B C   1 
ATOM   1087 O  O   . LEU B 1 22  ? -7.035  -5.946  -15.881 1.00 44.60  ? 22  LEU B O   1 
ATOM   1088 C  CB  . LEU B 1 22  ? -10.051 -5.842  -16.951 1.00 41.89  ? 22  LEU B CB  1 
ATOM   1089 C  CG  . LEU B 1 22  ? -10.552 -7.045  -16.142 1.00 42.88  ? 22  LEU B CG  1 
ATOM   1090 C  CD1 . LEU B 1 22  ? -10.941 -8.158  -17.107 1.00 43.59  ? 22  LEU B CD1 1 
ATOM   1091 C  CD2 . LEU B 1 22  ? -9.487  -7.534  -15.164 1.00 42.36  ? 22  LEU B CD2 1 
ATOM   1092 N  N   . GLU B 1 23  ? -7.267  -4.555  -17.641 1.00 46.44  ? 23  GLU B N   1 
ATOM   1093 C  CA  . GLU B 1 23  ? -5.909  -4.720  -18.138 1.00 49.08  ? 23  GLU B CA  1 
ATOM   1094 C  C   . GLU B 1 23  ? -4.933  -3.886  -17.319 1.00 50.33  ? 23  GLU B C   1 
ATOM   1095 O  O   . GLU B 1 23  ? -3.914  -4.396  -16.881 1.00 51.71  ? 23  GLU B O   1 
ATOM   1096 C  CB  . GLU B 1 23  ? -5.859  -4.331  -19.611 1.00 50.73  ? 23  GLU B CB  1 
ATOM   1097 C  CG  . GLU B 1 23  ? -6.914  -5.042  -20.435 1.00 52.95  ? 23  GLU B CG  1 
ATOM   1098 C  CD  . GLU B 1 23  ? -6.606  -5.071  -21.917 1.00 53.32  ? 23  GLU B CD  1 
ATOM   1099 O  OE1 . GLU B 1 23  ? -5.963  -4.124  -22.429 1.00 55.14  ? 23  GLU B OE1 1 
ATOM   1100 O  OE2 . GLU B 1 23  ? -7.034  -6.040  -22.581 1.00 51.01  ? 23  GLU B OE2 1 
ATOM   1101 N  N   . LEU B 1 24  ? -5.232  -2.607  -17.119 1.00 51.72  ? 24  LEU B N   1 
ATOM   1102 C  CA  . LEU B 1 24  ? -4.381  -1.734  -16.309 1.00 53.87  ? 24  LEU B CA  1 
ATOM   1103 C  C   . LEU B 1 24  ? -3.994  -2.404  -14.977 1.00 55.98  ? 24  LEU B C   1 
ATOM   1104 O  O   . LEU B 1 24  ? -3.117  -1.918  -14.253 1.00 57.20  ? 24  LEU B O   1 
ATOM   1105 C  CB  . LEU B 1 24  ? -5.130  -0.446  -16.006 1.00 53.94  ? 24  LEU B CB  1 
ATOM   1106 C  CG  . LEU B 1 24  ? -5.014  0.679   -17.021 1.00 54.37  ? 24  LEU B CG  1 
ATOM   1107 C  CD1 . LEU B 1 24  ? -6.148  1.667   -16.843 1.00 55.31  ? 24  LEU B CD1 1 
ATOM   1108 C  CD2 . LEU B 1 24  ? -3.679  1.353   -16.839 1.00 54.87  ? 24  LEU B CD2 1 
ATOM   1109 N  N   . ALA B 1 25  ? -4.659  -3.512  -14.661 1.00 56.39  ? 25  ALA B N   1 
ATOM   1110 C  CA  . ALA B 1 25  ? -4.395  -4.251  -13.440 1.00 56.61  ? 25  ALA B CA  1 
ATOM   1111 C  C   . ALA B 1 25  ? -3.847  -5.640  -13.758 1.00 58.02  ? 25  ALA B C   1 
ATOM   1112 O  O   . ALA B 1 25  ? -2.950  -6.139  -13.078 1.00 59.05  ? 25  ALA B O   1 
ATOM   1113 C  CB  . ALA B 1 25  ? -5.665  -4.368  -12.623 1.00 57.40  ? 25  ALA B CB  1 
ATOM   1114 N  N   . GLN B 1 26  ? -4.397  -6.279  -14.784 1.00 59.55  ? 26  GLN B N   1 
ATOM   1115 C  CA  . GLN B 1 26  ? -3.928  -7.600  -15.178 1.00 60.89  ? 26  GLN B CA  1 
ATOM   1116 C  C   . GLN B 1 26  ? -2.450  -7.507  -15.513 1.00 61.89  ? 26  GLN B C   1 
ATOM   1117 O  O   . GLN B 1 26  ? -1.685  -8.449  -15.293 1.00 62.39  ? 26  GLN B O   1 
ATOM   1118 C  CB  . GLN B 1 26  ? -4.683  -8.094  -16.406 1.00 60.78  ? 26  GLN B CB  1 
ATOM   1119 C  CG  . GLN B 1 26  ? -6.096  -8.532  -16.130 1.00 61.46  ? 26  GLN B CG  1 
ATOM   1120 C  CD  . GLN B 1 26  ? -6.738  -9.195  -17.330 1.00 62.39  ? 26  GLN B CD  1 
ATOM   1121 O  OE1 . GLN B 1 26  ? -6.636  -8.707  -18.457 1.00 62.36  ? 26  GLN B OE1 1 
ATOM   1122 N  NE2 . GLN B 1 26  ? -7.420  -10.309 -17.091 1.00 62.97  ? 26  GLN B NE2 1 
ATOM   1123 N  N   . ARG B 1 27  ? -2.053  -6.359  -16.050 1.00 62.76  ? 27  ARG B N   1 
ATOM   1124 C  CA  . ARG B 1 27  ? -0.667  -6.143  -16.421 1.00 63.79  ? 27  ARG B CA  1 
ATOM   1125 C  C   . ARG B 1 27  ? 0.126   -5.588  -15.245 1.00 63.90  ? 27  ARG B C   1 
ATOM   1126 O  O   . ARG B 1 27  ? 1.264   -6.002  -15.012 1.00 64.93  ? 27  ARG B O   1 
ATOM   1127 C  CB  . ARG B 1 27  ? -0.579  -5.198  -17.620 1.00 64.31  ? 27  ARG B CB  1 
ATOM   1128 C  CG  . ARG B 1 27  ? -1.358  -5.673  -18.830 1.00 63.21  ? 27  ARG B CG  1 
ATOM   1129 C  CD  . ARG B 1 27  ? -0.888  -4.948  -20.058 1.00 63.49  ? 27  ARG B CD  1 
ATOM   1130 N  NE  . ARG B 1 27  ? -0.842  -3.503  -19.854 1.00 64.21  ? 27  ARG B NE  1 
ATOM   1131 C  CZ  . ARG B 1 27  ? -1.790  -2.658  -20.246 1.00 65.35  ? 27  ARG B CZ  1 
ATOM   1132 N  NH1 . ARG B 1 27  ? -2.872  -3.111  -20.872 1.00 65.36  ? 27  ARG B NH1 1 
ATOM   1133 N  NH2 . ARG B 1 27  ? -1.654  -1.356  -20.018 1.00 65.03  ? 27  ARG B NH2 1 
ATOM   1134 N  N   . GLY B 1 28  ? -0.460  -4.649  -14.508 1.00 62.58  ? 28  GLY B N   1 
ATOM   1135 C  CA  . GLY B 1 28  ? 0.241   -4.117  -13.361 1.00 61.48  ? 28  GLY B CA  1 
ATOM   1136 C  C   . GLY B 1 28  ? 0.211   -2.617  -13.207 1.00 61.47  ? 28  GLY B C   1 
ATOM   1137 O  O   . GLY B 1 28  ? 0.699   -2.099  -12.208 1.00 61.72  ? 28  GLY B O   1 
ATOM   1138 N  N   . GLU B 1 29  ? -0.357  -1.902  -14.167 1.00 61.60  ? 29  GLU B N   1 
ATOM   1139 C  CA  . GLU B 1 29  ? -0.384  -0.447  -14.044 1.00 63.18  ? 29  GLU B CA  1 
ATOM   1140 C  C   . GLU B 1 29  ? -1.427  0.118   -13.090 1.00 63.05  ? 29  GLU B C   1 
ATOM   1141 O  O   . GLU B 1 29  ? -2.527  0.469   -13.513 1.00 62.95  ? 29  GLU B O   1 
ATOM   1142 C  CB  . GLU B 1 29  ? -0.571  0.220   -15.415 1.00 64.67  ? 29  GLU B CB  1 
ATOM   1143 C  CG  . GLU B 1 29  ? 0.695   0.315   -16.242 1.00 65.92  ? 29  GLU B CG  1 
ATOM   1144 C  CD  . GLU B 1 29  ? 1.120   -1.024  -16.798 1.00 67.31  ? 29  GLU B CD  1 
ATOM   1145 O  OE1 . GLU B 1 29  ? 2.336   -1.204  -17.006 1.00 68.16  ? 29  GLU B OE1 1 
ATOM   1146 O  OE2 . GLU B 1 29  ? 0.243   -1.889  -17.036 1.00 66.41  ? 29  GLU B OE2 1 
ATOM   1147 N  N   . TRP B 1 30  ? -1.091  0.232   -11.809 1.00 62.84  ? 30  TRP B N   1 
ATOM   1148 C  CA  . TRP B 1 30  ? -2.045  0.790   -10.861 1.00 63.54  ? 30  TRP B CA  1 
ATOM   1149 C  C   . TRP B 1 30  ? -1.958  2.310   -10.871 1.00 64.91  ? 30  TRP B C   1 
ATOM   1150 O  O   . TRP B 1 30  ? -2.983  2.990   -10.769 1.00 64.97  ? 30  TRP B O   1 
ATOM   1151 C  CB  . TRP B 1 30  ? -1.793  0.280   -9.445  1.00 61.96  ? 30  TRP B CB  1 
ATOM   1152 C  CG  . TRP B 1 30  ? -1.447  -1.157  -9.369  1.00 60.63  ? 30  TRP B CG  1 
ATOM   1153 C  CD1 . TRP B 1 30  ? -0.195  -1.683  -9.327  1.00 61.10  ? 30  TRP B CD1 1 
ATOM   1154 C  CD2 . TRP B 1 30  ? -2.345  -2.264  -9.323  1.00 59.71  ? 30  TRP B CD2 1 
ATOM   1155 N  NE1 . TRP B 1 30  ? -0.252  -3.051  -9.266  1.00 60.95  ? 30  TRP B NE1 1 
ATOM   1156 C  CE2 . TRP B 1 30  ? -1.580  -3.442  -9.277  1.00 59.66  ? 30  TRP B CE2 1 
ATOM   1157 C  CE3 . TRP B 1 30  ? -3.748  -2.388  -9.354  1.00 58.61  ? 30  TRP B CE3 1 
ATOM   1158 C  CZ2 . TRP B 1 30  ? -2.126  -4.719  -9.214  1.00 58.98  ? 30  TRP B CZ2 1 
ATOM   1159 C  CZ3 . TRP B 1 30  ? -4.306  -3.664  -9.295  1.00 58.79  ? 30  TRP B CZ3 1 
ATOM   1160 C  CH2 . TRP B 1 30  ? -3.494  -4.810  -9.242  1.00 58.49  ? 30  TRP B CH2 1 
ATOM   1161 N  N   . ASP B 1 31  ? -0.742  2.843   -10.990 1.00 66.99  ? 31  ASP B N   1 
ATOM   1162 C  CA  . ASP B 1 31  ? -0.546  4.293   -11.021 1.00 68.10  ? 31  ASP B CA  1 
ATOM   1163 C  C   . ASP B 1 31  ? -1.513  4.878   -12.055 1.00 67.44  ? 31  ASP B C   1 
ATOM   1164 O  O   . ASP B 1 31  ? -2.161  5.901   -11.814 1.00 65.97  ? 31  ASP B O   1 
ATOM   1165 C  CB  . ASP B 1 31  ? 0.904   4.632   -11.408 1.00 69.90  ? 31  ASP B CB  1 
ATOM   1166 C  CG  . ASP B 1 31  ? 1.924   4.115   -10.393 1.00 71.53  ? 31  ASP B CG  1 
ATOM   1167 O  OD1 . ASP B 1 31  ? 1.849   4.522   -9.212  1.00 72.74  ? 31  ASP B OD1 1 
ATOM   1168 O  OD2 . ASP B 1 31  ? 2.797   3.295   -10.763 1.00 71.64  ? 31  ASP B OD2 1 
ATOM   1169 N  N   . LEU B 1 32  ? -1.606  4.195   -13.194 1.00 67.29  ? 32  LEU B N   1 
ATOM   1170 C  CA  . LEU B 1 32  ? -2.486  4.601   -14.278 1.00 67.93  ? 32  LEU B CA  1 
ATOM   1171 C  C   . LEU B 1 32  ? -3.942  4.350   -13.869 1.00 67.84  ? 32  LEU B C   1 
ATOM   1172 O  O   . LEU B 1 32  ? -4.714  5.292   -13.630 1.00 69.12  ? 32  LEU B O   1 
ATOM   1173 C  CB  . LEU B 1 32  ? -2.184  3.796   -15.544 1.00 67.44  ? 32  LEU B CB  1 
ATOM   1174 C  CG  . LEU B 1 32  ? -1.082  4.293   -16.470 1.00 67.63  ? 32  LEU B CG  1 
ATOM   1175 C  CD1 . LEU B 1 32  ? -0.697  3.194   -17.451 1.00 66.46  ? 32  LEU B CD1 1 
ATOM   1176 C  CD2 . LEU B 1 32  ? -1.550  5.548   -17.213 1.00 67.20  ? 32  LEU B CD2 1 
ATOM   1177 N  N   . LEU B 1 33  ? -4.296  3.069   -13.771 1.00 65.73  ? 33  LEU B N   1 
ATOM   1178 C  CA  . LEU B 1 33  ? -5.638  2.646   -13.393 1.00 63.32  ? 33  LEU B CA  1 
ATOM   1179 C  C   . LEU B 1 33  ? -6.321  3.593   -12.413 1.00 62.31  ? 33  LEU B C   1 
ATOM   1180 O  O   . LEU B 1 33  ? -7.492  3.914   -12.571 1.00 61.71  ? 33  LEU B O   1 
ATOM   1181 C  CB  . LEU B 1 33  ? -5.581  1.263   -12.774 1.00 63.02  ? 33  LEU B CB  1 
ATOM   1182 C  CG  . LEU B 1 33  ? -6.864  0.845   -12.053 1.00 62.65  ? 33  LEU B CG  1 
ATOM   1183 C  CD1 . LEU B 1 33  ? -8.033  0.855   -13.026 1.00 63.85  ? 33  LEU B CD1 1 
ATOM   1184 C  CD2 . LEU B 1 33  ? -6.674  -0.531  -11.459 1.00 62.10  ? 33  LEU B CD2 1 
ATOM   1185 N  N   . LEU B 1 34  ? -5.596  4.012   -11.382 1.00 61.53  ? 34  LEU B N   1 
ATOM   1186 C  CA  . LEU B 1 34  ? -6.140  4.926   -10.381 1.00 61.97  ? 34  LEU B CA  1 
ATOM   1187 C  C   . LEU B 1 34  ? -6.648  6.220   -10.978 1.00 62.45  ? 34  LEU B C   1 
ATOM   1188 O  O   . LEU B 1 34  ? -7.641  6.779   -10.506 1.00 61.85  ? 34  LEU B O   1 
ATOM   1189 C  CB  . LEU B 1 34  ? -5.086  5.218   -9.304  1.00 61.76  ? 34  LEU B CB  1 
ATOM   1190 C  CG  . LEU B 1 34  ? -5.173  4.382   -8.016  1.00 61.04  ? 34  LEU B CG  1 
ATOM   1191 C  CD1 . LEU B 1 34  ? -3.786  4.207   -7.457  1.00 61.15  ? 34  LEU B CD1 1 
ATOM   1192 C  CD2 . LEU B 1 34  ? -6.104  5.041   -7.003  1.00 59.93  ? 34  LEU B CD2 1 
ATOM   1193 N  N   . GLN B 1 35  ? -5.960  6.698   -12.012 1.00 63.81  ? 35  GLN B N   1 
ATOM   1194 C  CA  . GLN B 1 35  ? -6.339  7.943   -12.695 1.00 65.99  ? 35  GLN B CA  1 
ATOM   1195 C  C   . GLN B 1 35  ? -7.572  7.751   -13.566 1.00 65.70  ? 35  GLN B C   1 
ATOM   1196 O  O   . GLN B 1 35  ? -8.521  8.538   -13.509 1.00 66.33  ? 35  GLN B O   1 
ATOM   1197 C  CB  . GLN B 1 35  ? -5.195  8.433   -13.591 1.00 69.29  ? 35  GLN B CB  1 
ATOM   1198 C  CG  . GLN B 1 35  ? -3.876  8.790   -12.898 1.00 73.55  ? 35  GLN B CG  1 
ATOM   1199 C  CD  . GLN B 1 35  ? -3.000  9.697   -13.773 1.00 75.19  ? 35  GLN B CD  1 
ATOM   1200 O  OE1 . GLN B 1 35  ? -3.210  10.918  -13.835 1.00 75.93  ? 35  GLN B OE1 1 
ATOM   1201 N  NE2 . GLN B 1 35  ? -2.034  9.100   -14.469 1.00 75.15  ? 35  GLN B NE2 1 
ATOM   1202 N  N   . GLN B 1 36  ? -7.542  6.697   -14.374 1.00 64.25  ? 36  GLN B N   1 
ATOM   1203 C  CA  . GLN B 1 36  ? -8.639  6.384   -15.280 1.00 62.44  ? 36  GLN B CA  1 
ATOM   1204 C  C   . GLN B 1 36  ? -9.919  5.883   -14.612 1.00 60.39  ? 36  GLN B C   1 
ATOM   1205 O  O   . GLN B 1 36  ? -10.926 5.752   -15.271 1.00 60.12  ? 36  GLN B O   1 
ATOM   1206 C  CB  . GLN B 1 36  ? -8.198  5.340   -16.301 1.00 63.17  ? 36  GLN B CB  1 
ATOM   1207 C  CG  . GLN B 1 36  ? -7.282  5.857   -17.393 1.00 63.18  ? 36  GLN B CG  1 
ATOM   1208 C  CD  . GLN B 1 36  ? -6.899  4.750   -18.353 1.00 63.62  ? 36  GLN B CD  1 
ATOM   1209 O  OE1 . GLN B 1 36  ? -7.767  4.086   -18.930 1.00 61.90  ? 36  GLN B OE1 1 
ATOM   1210 N  NE2 . GLN B 1 36  ? -5.598  4.529   -18.518 1.00 64.24  ? 36  GLN B NE2 1 
ATOM   1211 N  N   . GLU B 1 37  ? -9.899  5.598   -13.323 1.00 58.72  ? 37  GLU B N   1 
ATOM   1212 C  CA  . GLU B 1 37  ? -11.117 5.131   -12.713 1.00 57.89  ? 37  GLU B CA  1 
ATOM   1213 C  C   . GLU B 1 37  ? -12.056 6.318   -12.524 1.00 57.00  ? 37  GLU B C   1 
ATOM   1214 O  O   . GLU B 1 37  ? -13.246 6.240   -12.834 1.00 58.08  ? 37  GLU B O   1 
ATOM   1215 C  CB  . GLU B 1 37  ? -10.823 4.398   -11.384 1.00 58.37  ? 37  GLU B CB  1 
ATOM   1216 C  CG  . GLU B 1 37  ? -11.315 5.039   -10.091 1.00 59.04  ? 37  GLU B CG  1 
ATOM   1217 C  CD  . GLU B 1 37  ? -12.749 4.691   -9.762  1.00 59.10  ? 37  GLU B CD  1 
ATOM   1218 O  OE1 . GLU B 1 37  ? -12.989 3.985   -8.761  1.00 60.94  ? 37  GLU B OE1 1 
ATOM   1219 O  OE2 . GLU B 1 37  ? -13.645 5.124   -10.505 1.00 60.20  ? 37  GLU B OE2 1 
ATOM   1220 N  N   . VAL B 1 38  ? -11.516 7.435   -12.051 1.00 54.59  ? 38  VAL B N   1 
ATOM   1221 C  CA  . VAL B 1 38  ? -12.311 8.640   -11.812 1.00 52.96  ? 38  VAL B CA  1 
ATOM   1222 C  C   . VAL B 1 38  ? -13.177 8.972   -13.005 1.00 52.84  ? 38  VAL B C   1 
ATOM   1223 O  O   . VAL B 1 38  ? -14.329 9.407   -12.853 1.00 52.04  ? 38  VAL B O   1 
ATOM   1224 C  CB  . VAL B 1 38  ? -11.428 9.850   -11.565 1.00 52.30  ? 38  VAL B CB  1 
ATOM   1225 C  CG1 . VAL B 1 38  ? -12.106 10.773  -10.559 1.00 52.21  ? 38  VAL B CG1 1 
ATOM   1226 C  CG2 . VAL B 1 38  ? -10.071 9.412   -11.113 1.00 52.75  ? 38  VAL B CG2 1 
ATOM   1227 N  N   . SER B 1 39  ? -12.602 8.746   -14.185 1.00 52.69  ? 39  SER B N   1 
ATOM   1228 C  CA  . SER B 1 39  ? -13.253 9.012   -15.465 1.00 52.15  ? 39  SER B CA  1 
ATOM   1229 C  C   . SER B 1 39  ? -14.298 7.940   -15.736 1.00 51.95  ? 39  SER B C   1 
ATOM   1230 O  O   . SER B 1 39  ? -15.477 8.232   -15.887 1.00 53.07  ? 39  SER B O   1 
ATOM   1231 C  CB  . SER B 1 39  ? -12.206 8.998   -16.570 1.00 52.46  ? 39  SER B CB  1 
ATOM   1232 O  OG  . SER B 1 39  ? -10.990 9.556   -16.097 1.00 53.06  ? 39  SER B OG  1 
ATOM   1233 N  N   . TYR B 1 40  ? -13.846 6.694   -15.802 1.00 51.62  ? 40  TYR B N   1 
ATOM   1234 C  CA  . TYR B 1 40  ? -14.722 5.559   -16.034 1.00 50.53  ? 40  TYR B CA  1 
ATOM   1235 C  C   . TYR B 1 40  ? -15.959 5.717   -15.169 1.00 50.38  ? 40  TYR B C   1 
ATOM   1236 O  O   . TYR B 1 40  ? -17.056 5.374   -15.585 1.00 50.58  ? 40  TYR B O   1 
ATOM   1237 C  CB  . TYR B 1 40  ? -13.975 4.265   -15.687 1.00 50.00  ? 40  TYR B CB  1 
ATOM   1238 C  CG  . TYR B 1 40  ? -14.799 2.995   -15.668 1.00 48.59  ? 40  TYR B CG  1 
ATOM   1239 C  CD1 . TYR B 1 40  ? -15.450 2.532   -16.808 1.00 47.90  ? 40  TYR B CD1 1 
ATOM   1240 C  CD2 . TYR B 1 40  ? -14.882 2.228   -14.513 1.00 48.55  ? 40  TYR B CD2 1 
ATOM   1241 C  CE1 . TYR B 1 40  ? -16.161 1.332   -16.790 1.00 48.10  ? 40  TYR B CE1 1 
ATOM   1242 C  CE2 . TYR B 1 40  ? -15.587 1.034   -14.483 1.00 49.19  ? 40  TYR B CE2 1 
ATOM   1243 C  CZ  . TYR B 1 40  ? -16.222 0.589   -15.619 1.00 48.85  ? 40  TYR B CZ  1 
ATOM   1244 O  OH  . TYR B 1 40  ? -16.907 -0.604  -15.562 1.00 48.03  ? 40  TYR B OH  1 
ATOM   1245 N  N   . LEU B 1 41  ? -15.792 6.252   -13.966 1.00 50.78  ? 41  LEU B N   1 
ATOM   1246 C  CA  . LEU B 1 41  ? -16.944 6.434   -13.100 1.00 52.43  ? 41  LEU B CA  1 
ATOM   1247 C  C   . LEU B 1 41  ? -17.767 7.599   -13.627 1.00 53.12  ? 41  LEU B C   1 
ATOM   1248 O  O   . LEU B 1 41  ? -18.964 7.464   -13.862 1.00 52.45  ? 41  LEU B O   1 
ATOM   1249 C  CB  . LEU B 1 41  ? -16.517 6.706   -11.653 1.00 52.41  ? 41  LEU B CB  1 
ATOM   1250 C  CG  . LEU B 1 41  ? -17.439 6.077   -10.595 1.00 52.64  ? 41  LEU B CG  1 
ATOM   1251 C  CD1 . LEU B 1 41  ? -16.966 6.473   -9.205  1.00 53.59  ? 41  LEU B CD1 1 
ATOM   1252 C  CD2 . LEU B 1 41  ? -18.890 6.514   -10.819 1.00 52.38  ? 41  LEU B CD2 1 
ATOM   1253 N  N   . GLN B 1 42  ? -17.117 8.744   -13.808 1.00 54.77  ? 42  GLN B N   1 
ATOM   1254 C  CA  . GLN B 1 42  ? -17.794 9.931   -14.324 1.00 56.67  ? 42  GLN B CA  1 
ATOM   1255 C  C   . GLN B 1 42  ? -18.490 9.611   -15.644 1.00 55.76  ? 42  GLN B C   1 
ATOM   1256 O  O   . GLN B 1 42  ? -19.462 10.267  -16.012 1.00 55.83  ? 42  GLN B O   1 
ATOM   1257 C  CB  . GLN B 1 42  ? -16.789 11.070  -14.543 1.00 59.59  ? 42  GLN B CB  1 
ATOM   1258 C  CG  . GLN B 1 42  ? -16.432 11.872  -13.283 1.00 65.00  ? 42  GLN B CG  1 
ATOM   1259 C  CD  . GLN B 1 42  ? -17.416 13.016  -12.984 1.00 67.42  ? 42  GLN B CD  1 
ATOM   1260 O  OE1 . GLN B 1 42  ? -17.003 14.171  -12.821 1.00 69.26  ? 42  GLN B OE1 1 
ATOM   1261 N  NE2 . GLN B 1 42  ? -18.711 12.696  -12.902 1.00 66.06  ? 42  GLN B NE2 1 
ATOM   1262 N  N   . SER B 1 43  ? -17.986 8.597   -16.346 1.00 54.86  ? 43  SER B N   1 
ATOM   1263 C  CA  . SER B 1 43  ? -18.541 8.181   -17.632 1.00 53.49  ? 43  SER B CA  1 
ATOM   1264 C  C   . SER B 1 43  ? -19.816 7.376   -17.434 1.00 53.27  ? 43  SER B C   1 
ATOM   1265 O  O   . SER B 1 43  ? -20.844 7.665   -18.035 1.00 52.57  ? 43  SER B O   1 
ATOM   1266 C  CB  . SER B 1 43  ? -17.523 7.341   -18.404 1.00 53.02  ? 43  SER B CB  1 
ATOM   1267 O  OG  . SER B 1 43  ? -16.321 8.056   -18.618 1.00 53.42  ? 43  SER B OG  1 
ATOM   1268 N  N   . ILE B 1 44  ? -19.746 6.357   -16.589 1.00 54.08  ? 44  ILE B N   1 
ATOM   1269 C  CA  . ILE B 1 44  ? -20.914 5.544   -16.325 1.00 54.92  ? 44  ILE B CA  1 
ATOM   1270 C  C   . ILE B 1 44  ? -22.011 6.487   -15.867 1.00 57.57  ? 44  ILE B C   1 
ATOM   1271 O  O   . ILE B 1 44  ? -23.148 6.369   -16.289 1.00 58.75  ? 44  ILE B O   1 
ATOM   1272 C  CB  . ILE B 1 44  ? -20.646 4.516   -15.224 1.00 53.27  ? 44  ILE B CB  1 
ATOM   1273 C  CG1 . ILE B 1 44  ? -19.392 3.704   -15.559 1.00 53.15  ? 44  ILE B CG1 1 
ATOM   1274 C  CG2 . ILE B 1 44  ? -21.852 3.604   -15.074 1.00 52.46  ? 44  ILE B CG2 1 
ATOM   1275 C  CD1 . ILE B 1 44  ? -18.893 2.793   -14.438 1.00 51.47  ? 44  ILE B CD1 1 
ATOM   1276 N  N   . GLU B 1 45  ? -21.655 7.443   -15.016 1.00 61.32  ? 45  GLU B N   1 
ATOM   1277 C  CA  . GLU B 1 45  ? -22.613 8.419   -14.489 1.00 64.62  ? 45  GLU B CA  1 
ATOM   1278 C  C   . GLU B 1 45  ? -23.308 9.272   -15.543 1.00 65.29  ? 45  GLU B C   1 
ATOM   1279 O  O   . GLU B 1 45  ? -24.515 9.461   -15.494 1.00 65.76  ? 45  GLU B O   1 
ATOM   1280 C  CB  . GLU B 1 45  ? -21.920 9.336   -13.481 1.00 66.95  ? 45  GLU B CB  1 
ATOM   1281 C  CG  . GLU B 1 45  ? -22.187 8.990   -12.030 1.00 71.55  ? 45  GLU B CG  1 
ATOM   1282 C  CD  . GLU B 1 45  ? -21.251 9.724   -11.086 1.00 74.78  ? 45  GLU B CD  1 
ATOM   1283 O  OE1 . GLU B 1 45  ? -21.009 10.934  -11.309 1.00 76.04  ? 45  GLU B OE1 1 
ATOM   1284 O  OE2 . GLU B 1 45  ? -20.763 9.095   -10.120 1.00 76.35  ? 45  GLU B OE2 1 
ATOM   1285 N  N   . THR B 1 46  ? -22.544 9.799   -16.489 1.00 66.00  ? 46  THR B N   1 
ATOM   1286 C  CA  . THR B 1 46  ? -23.118 10.632  -17.540 1.00 67.05  ? 46  THR B CA  1 
ATOM   1287 C  C   . THR B 1 46  ? -24.131 9.854   -18.379 1.00 68.66  ? 46  THR B C   1 
ATOM   1288 O  O   . THR B 1 46  ? -25.262 10.307  -18.568 1.00 69.60  ? 46  THR B O   1 
ATOM   1289 C  CB  . THR B 1 46  ? -22.026 11.180  -18.484 1.00 66.27  ? 46  THR B CB  1 
ATOM   1290 O  OG1 . THR B 1 46  ? -21.201 12.124  -17.791 1.00 65.18  ? 46  THR B OG1 1 
ATOM   1291 C  CG2 . THR B 1 46  ? -22.659 11.854  -19.673 1.00 66.81  ? 46  THR B CG2 1 
ATOM   1292 N  N   . VAL B 1 47  ? -23.716 8.692   -18.879 1.00 70.01  ? 47  VAL B N   1 
ATOM   1293 C  CA  . VAL B 1 47  ? -24.574 7.853   -19.704 1.00 71.39  ? 47  VAL B CA  1 
ATOM   1294 C  C   . VAL B 1 47  ? -25.847 7.414   -18.994 1.00 72.68  ? 47  VAL B C   1 
ATOM   1295 O  O   . VAL B 1 47  ? -26.760 6.881   -19.612 1.00 72.28  ? 47  VAL B O   1 
ATOM   1296 C  CB  . VAL B 1 47  ? -23.783 6.607   -20.211 1.00 70.84  ? 47  VAL B CB  1 
ATOM   1297 C  CG1 . VAL B 1 47  ? -24.669 5.370   -20.269 1.00 70.99  ? 47  VAL B CG1 1 
ATOM   1298 C  CG2 . VAL B 1 47  ? -23.227 6.894   -21.592 1.00 70.59  ? 47  VAL B CG2 1 
HETATM 1299 N  N   . MSE B 1 48  ? -25.922 7.648   -17.695 1.00 75.43  ? 48  MSE B N   1 
HETATM 1300 C  CA  . MSE B 1 48  ? -27.109 7.247   -16.953 1.00 79.16  ? 48  MSE B CA  1 
HETATM 1301 C  C   . MSE B 1 48  ? -28.158 8.339   -16.857 1.00 80.25  ? 48  MSE B C   1 
HETATM 1302 O  O   . MSE B 1 48  ? -29.349 8.048   -16.719 1.00 80.70  ? 48  MSE B O   1 
HETATM 1303 C  CB  . MSE B 1 48  ? -26.743 6.805   -15.544 1.00 81.74  ? 48  MSE B CB  1 
HETATM 1304 C  CG  . MSE B 1 48  ? -25.732 5.697   -15.488 1.00 84.90  ? 48  MSE B CG  1 
HETATM 1305 SE SE  . MSE B 1 48  ? -26.156 4.489   -14.064 1.00 90.41  ? 48  MSE B SE  1 
HETATM 1306 C  CE  . MSE B 1 48  ? -25.397 5.455   -12.551 1.00 89.44  ? 48  MSE B CE  1 
ATOM   1307 N  N   . GLU B 1 49  ? -27.717 9.593   -16.904 1.00 81.26  ? 49  GLU B N   1 
ATOM   1308 C  CA  . GLU B 1 49  ? -28.647 10.709  -16.831 1.00 82.05  ? 49  GLU B CA  1 
ATOM   1309 C  C   . GLU B 1 49  ? -29.008 11.148  -18.237 1.00 81.61  ? 49  GLU B C   1 
ATOM   1310 O  O   . GLU B 1 49  ? -29.539 12.240  -18.459 1.00 81.46  ? 49  GLU B O   1 
ATOM   1311 C  CB  . GLU B 1 49  ? -28.051 11.863  -16.022 1.00 83.16  ? 49  GLU B CB  1 
ATOM   1312 C  CG  . GLU B 1 49  ? -26.658 12.295  -16.432 1.00 85.52  ? 49  GLU B CG  1 
ATOM   1313 C  CD  . GLU B 1 49  ? -26.133 13.427  -15.564 1.00 87.38  ? 49  GLU B CD  1 
ATOM   1314 O  OE1 . GLU B 1 49  ? -26.087 13.246  -14.323 1.00 88.01  ? 49  GLU B OE1 1 
ATOM   1315 O  OE2 . GLU B 1 49  ? -25.776 14.495  -16.120 1.00 87.61  ? 49  GLU B OE2 1 
ATOM   1316 N  N   . LYS B 1 50  ? -28.711 10.272  -19.190 1.00 81.25  ? 50  LYS B N   1 
ATOM   1317 C  CA  . LYS B 1 50  ? -29.024 10.525  -20.588 1.00 81.26  ? 50  LYS B CA  1 
ATOM   1318 C  C   . LYS B 1 50  ? -30.494 10.152  -20.722 1.00 81.01  ? 50  LYS B C   1 
ATOM   1319 O  O   . LYS B 1 50  ? -31.079 9.612   -19.788 1.00 80.46  ? 50  LYS B O   1 
ATOM   1320 C  CB  . LYS B 1 50  ? -28.184 9.619   -21.488 1.00 82.04  ? 50  LYS B CB  1 
ATOM   1321 C  CG  . LYS B 1 50  ? -27.554 10.308  -22.678 1.00 82.54  ? 50  LYS B CG  1 
ATOM   1322 C  CD  . LYS B 1 50  ? -26.372 11.132  -22.227 1.00 84.11  ? 50  LYS B CD  1 
ATOM   1323 C  CE  . LYS B 1 50  ? -25.691 11.796  -23.400 1.00 86.03  ? 50  LYS B CE  1 
ATOM   1324 N  NZ  . LYS B 1 50  ? -24.553 12.657  -22.967 1.00 86.76  ? 50  LYS B NZ  1 
ATOM   1325 N  N   . GLN B 1 51  ? -31.088 10.441  -21.874 1.00 80.98  ? 51  GLN B N   1 
ATOM   1326 C  CA  . GLN B 1 51  ? -32.487 10.105  -22.096 1.00 80.58  ? 51  GLN B CA  1 
ATOM   1327 C  C   . GLN B 1 51  ? -32.546 8.882   -22.999 1.00 79.96  ? 51  GLN B C   1 
ATOM   1328 O  O   . GLN B 1 51  ? -32.074 8.932   -24.133 1.00 79.54  ? 51  GLN B O   1 
ATOM   1329 C  CB  . GLN B 1 51  ? -33.232 11.272  -22.758 1.00 81.38  ? 51  GLN B CB  1 
ATOM   1330 C  CG  . GLN B 1 51  ? -34.755 11.180  -22.647 1.00 82.36  ? 51  GLN B CG  1 
ATOM   1331 C  CD  . GLN B 1 51  ? -35.247 11.167  -21.198 1.00 83.60  ? 51  GLN B CD  1 
ATOM   1332 O  OE1 . GLN B 1 51  ? -35.041 12.123  -20.446 1.00 83.93  ? 51  GLN B OE1 1 
ATOM   1333 N  NE2 . GLN B 1 51  ? -35.899 10.077  -20.806 1.00 83.51  ? 51  GLN B NE2 1 
ATOM   1334 N  N   . THR B 1 52  ? -33.100 7.785   -22.484 1.00 79.41  ? 52  THR B N   1 
ATOM   1335 C  CA  . THR B 1 52  ? -33.227 6.559   -23.261 1.00 79.39  ? 52  THR B CA  1 
ATOM   1336 C  C   . THR B 1 52  ? -34.163 6.853   -24.430 1.00 79.09  ? 52  THR B C   1 
ATOM   1337 O  O   . THR B 1 52  ? -35.276 7.327   -24.231 1.00 79.38  ? 52  THR B O   1 
ATOM   1338 C  CB  . THR B 1 52  ? -33.810 5.407   -22.417 1.00 79.67  ? 52  THR B CB  1 
ATOM   1339 O  OG1 . THR B 1 52  ? -32.876 5.034   -21.394 1.00 78.92  ? 52  THR B OG1 1 
ATOM   1340 C  CG2 . THR B 1 52  ? -34.076 4.194   -23.293 1.00 80.41  ? 52  THR B CG2 1 
ATOM   1341 N  N   . PRO B 1 53  ? -33.727 6.563   -25.667 1.00 79.11  ? 53  PRO B N   1 
ATOM   1342 C  CA  . PRO B 1 53  ? -34.540 6.813   -26.864 1.00 79.17  ? 53  PRO B CA  1 
ATOM   1343 C  C   . PRO B 1 53  ? -35.977 6.291   -26.818 1.00 79.33  ? 53  PRO B C   1 
ATOM   1344 O  O   . PRO B 1 53  ? -36.310 5.419   -26.010 1.00 79.17  ? 53  PRO B O   1 
ATOM   1345 C  CB  . PRO B 1 53  ? -33.717 6.168   -27.969 1.00 79.49  ? 53  PRO B CB  1 
ATOM   1346 C  CG  . PRO B 1 53  ? -33.038 5.036   -27.250 1.00 79.12  ? 53  PRO B CG  1 
ATOM   1347 C  CD  . PRO B 1 53  ? -32.572 5.712   -26.000 1.00 78.80  ? 53  PRO B CD  1 
ATOM   1348 N  N   . PRO B 1 54  ? -36.850 6.818   -27.694 1.00 79.04  ? 54  PRO B N   1 
ATOM   1349 C  CA  . PRO B 1 54  ? -38.242 6.364   -27.693 1.00 78.07  ? 54  PRO B CA  1 
ATOM   1350 C  C   . PRO B 1 54  ? -38.439 4.944   -28.238 1.00 76.96  ? 54  PRO B C   1 
ATOM   1351 O  O   . PRO B 1 54  ? -38.909 4.052   -27.518 1.00 76.83  ? 54  PRO B O   1 
ATOM   1352 C  CB  . PRO B 1 54  ? -38.937 7.414   -28.553 1.00 78.18  ? 54  PRO B CB  1 
ATOM   1353 C  CG  . PRO B 1 54  ? -37.890 7.727   -29.585 1.00 78.27  ? 54  PRO B CG  1 
ATOM   1354 C  CD  . PRO B 1 54  ? -36.630 7.843   -28.735 1.00 78.87  ? 54  PRO B CD  1 
ATOM   1355 N  N   . GLY B 1 55  ? -38.055 4.741   -29.501 1.00 74.85  ? 55  GLY B N   1 
ATOM   1356 C  CA  . GLY B 1 55  ? -38.235 3.452   -30.160 1.00 71.95  ? 55  GLY B CA  1 
ATOM   1357 C  C   . GLY B 1 55  ? -37.437 2.231   -29.731 1.00 69.04  ? 55  GLY B C   1 
ATOM   1358 O  O   . GLY B 1 55  ? -37.105 1.387   -30.563 1.00 69.08  ? 55  GLY B O   1 
ATOM   1359 N  N   . ILE B 1 56  ? -37.123 2.112   -28.446 1.00 65.39  ? 56  ILE B N   1 
ATOM   1360 C  CA  . ILE B 1 56  ? -36.355 0.959   -27.987 1.00 60.48  ? 56  ILE B CA  1 
ATOM   1361 C  C   . ILE B 1 56  ? -37.136 -0.347  -28.119 1.00 58.30  ? 56  ILE B C   1 
ATOM   1362 O  O   . ILE B 1 56  ? -38.259 -0.457  -27.639 1.00 57.94  ? 56  ILE B O   1 
ATOM   1363 C  CB  . ILE B 1 56  ? -35.920 1.104   -26.534 1.00 59.27  ? 56  ILE B CB  1 
ATOM   1364 C  CG1 . ILE B 1 56  ? -35.086 -0.105  -26.162 1.00 58.22  ? 56  ILE B CG1 1 
ATOM   1365 C  CG2 . ILE B 1 56  ? -37.136 1.197   -25.655 1.00 59.17  ? 56  ILE B CG2 1 
ATOM   1366 C  CD1 . ILE B 1 56  ? -34.387 0.037   -24.873 1.00 59.18  ? 56  ILE B CD1 1 
ATOM   1367 N  N   . THR B 1 57  ? -36.506 -1.324  -28.765 1.00 56.02  ? 57  THR B N   1 
ATOM   1368 C  CA  . THR B 1 57  ? -37.071 -2.634  -28.997 1.00 52.12  ? 57  THR B CA  1 
ATOM   1369 C  C   . THR B 1 57  ? -36.378 -3.616  -28.069 1.00 51.82  ? 57  THR B C   1 
ATOM   1370 O  O   . THR B 1 57  ? -35.262 -3.372  -27.613 1.00 51.37  ? 57  THR B O   1 
ATOM   1371 C  CB  . THR B 1 57  ? -36.868 -3.066  -30.464 1.00 50.03  ? 57  THR B CB  1 
ATOM   1372 O  OG1 . THR B 1 57  ? -36.251 -4.359  -30.526 1.00 49.62  ? 57  THR B OG1 1 
ATOM   1373 C  CG2 . THR B 1 57  ? -35.971 -2.089  -31.171 1.00 50.55  ? 57  THR B CG2 1 
ATOM   1374 N  N   . ARG B 1 58  ? -37.055 -4.717  -27.767 1.00 52.52  ? 58  ARG B N   1 
ATOM   1375 C  CA  . ARG B 1 58  ? -36.523 -5.747  -26.873 1.00 53.17  ? 58  ARG B CA  1 
ATOM   1376 C  C   . ARG B 1 58  ? -35.155 -6.243  -27.363 1.00 50.79  ? 58  ARG B C   1 
ATOM   1377 O  O   . ARG B 1 58  ? -34.278 -6.557  -26.564 1.00 50.45  ? 58  ARG B O   1 
ATOM   1378 C  CB  . ARG B 1 58  ? -37.536 -6.909  -26.787 1.00 58.04  ? 58  ARG B CB  1 
ATOM   1379 C  CG  . ARG B 1 58  ? -37.177 -8.046  -25.806 1.00 65.28  ? 58  ARG B CG  1 
ATOM   1380 C  CD  . ARG B 1 58  ? -37.685 -7.795  -24.379 1.00 71.01  ? 58  ARG B CD  1 
ATOM   1381 N  NE  . ARG B 1 58  ? -37.201 -8.791  -23.420 1.00 77.81  ? 58  ARG B NE  1 
ATOM   1382 C  CZ  . ARG B 1 58  ? -37.508 -8.791  -22.121 1.00 82.16  ? 58  ARG B CZ  1 
ATOM   1383 N  NH1 . ARG B 1 58  ? -38.304 -7.843  -21.620 1.00 83.48  ? 58  ARG B NH1 1 
ATOM   1384 N  NH2 . ARG B 1 58  ? -37.020 -9.736  -21.319 1.00 83.90  ? 58  ARG B NH2 1 
ATOM   1385 N  N   . SER B 1 59  ? -34.979 -6.311  -28.677 1.00 49.06  ? 59  SER B N   1 
ATOM   1386 C  CA  . SER B 1 59  ? -33.715 -6.756  -29.256 1.00 47.71  ? 59  SER B CA  1 
ATOM   1387 C  C   . SER B 1 59  ? -32.620 -5.821  -28.769 1.00 46.61  ? 59  SER B C   1 
ATOM   1388 O  O   . SER B 1 59  ? -31.591 -6.257  -28.261 1.00 46.62  ? 59  SER B O   1 
ATOM   1389 C  CB  . SER B 1 59  ? -33.775 -6.691  -30.784 1.00 48.82  ? 59  SER B CB  1 
ATOM   1390 O  OG  . SER B 1 59  ? -34.905 -7.374  -31.295 1.00 50.43  ? 59  SER B OG  1 
ATOM   1391 N  N   . ILE B 1 60  ? -32.857 -4.524  -28.945 1.00 45.00  ? 60  ILE B N   1 
ATOM   1392 C  CA  . ILE B 1 60  ? -31.912 -3.503  -28.526 1.00 43.12  ? 60  ILE B CA  1 
ATOM   1393 C  C   . ILE B 1 60  ? -31.724 -3.573  -27.016 1.00 43.10  ? 60  ILE B C   1 
ATOM   1394 O  O   . ILE B 1 60  ? -30.599 -3.609  -26.535 1.00 41.82  ? 60  ILE B O   1 
ATOM   1395 C  CB  . ILE B 1 60  ? -32.400 -2.094  -28.910 1.00 41.56  ? 60  ILE B CB  1 
ATOM   1396 C  CG1 . ILE B 1 60  ? -32.446 -1.947  -30.431 1.00 40.60  ? 60  ILE B CG1 1 
ATOM   1397 C  CG2 . ILE B 1 60  ? -31.468 -1.058  -28.334 1.00 42.22  ? 60  ILE B CG2 1 
ATOM   1398 C  CD1 . ILE B 1 60  ? -32.874 -0.566  -30.914 1.00 40.81  ? 60  ILE B CD1 1 
ATOM   1399 N  N   . GLN B 1 61  ? -32.827 -3.589  -26.272 1.00 44.46  ? 61  GLN B N   1 
ATOM   1400 C  CA  . GLN B 1 61  ? -32.757 -3.676  -24.818 1.00 44.76  ? 61  GLN B CA  1 
ATOM   1401 C  C   . GLN B 1 61  ? -31.779 -4.793  -24.438 1.00 44.65  ? 61  GLN B C   1 
ATOM   1402 O  O   . GLN B 1 61  ? -30.918 -4.610  -23.578 1.00 45.51  ? 61  GLN B O   1 
ATOM   1403 C  CB  . GLN B 1 61  ? -34.149 -3.950  -24.227 1.00 45.45  ? 61  GLN B CB  1 
ATOM   1404 C  CG  . GLN B 1 61  ? -34.134 -4.268  -22.734 1.00 49.32  ? 61  GLN B CG  1 
ATOM   1405 C  CD  . GLN B 1 61  ? -35.517 -4.495  -22.139 1.00 51.76  ? 61  GLN B CD  1 
ATOM   1406 O  OE1 . GLN B 1 61  ? -36.234 -5.426  -22.523 1.00 53.43  ? 61  GLN B OE1 1 
ATOM   1407 N  NE2 . GLN B 1 61  ? -35.896 -3.643  -21.190 1.00 51.81  ? 61  GLN B NE2 1 
ATOM   1408 N  N   . ASP B 1 62  ? -31.892 -5.939  -25.099 1.00 44.28  ? 62  ASP B N   1 
ATOM   1409 C  CA  . ASP B 1 62  ? -31.008 -7.069  -24.831 1.00 44.97  ? 62  ASP B CA  1 
ATOM   1410 C  C   . ASP B 1 62  ? -29.535 -6.790  -25.116 1.00 44.75  ? 62  ASP B C   1 
ATOM   1411 O  O   . ASP B 1 62  ? -28.662 -7.145  -24.323 1.00 43.90  ? 62  ASP B O   1 
ATOM   1412 C  CB  . ASP B 1 62  ? -31.453 -8.277  -25.645 1.00 46.71  ? 62  ASP B CB  1 
ATOM   1413 C  CG  . ASP B 1 62  ? -32.593 -9.018  -24.996 1.00 48.57  ? 62  ASP B CG  1 
ATOM   1414 O  OD1 . ASP B 1 62  ? -33.207 -8.471  -24.054 1.00 49.91  ? 62  ASP B OD1 1 
ATOM   1415 O  OD2 . ASP B 1 62  ? -32.875 -10.151 -25.431 1.00 50.06  ? 62  ASP B OD2 1 
HETATM 1416 N  N   . MSE B 1 63  ? -29.275 -6.174  -26.265 1.00 44.65  ? 63  MSE B N   1 
HETATM 1417 C  CA  . MSE B 1 63  ? -27.924 -5.817  -26.699 1.00 43.95  ? 63  MSE B CA  1 
HETATM 1418 C  C   . MSE B 1 63  ? -27.231 -5.005  -25.615 1.00 41.39  ? 63  MSE B C   1 
HETATM 1419 O  O   . MSE B 1 63  ? -26.144 -5.352  -25.156 1.00 40.93  ? 63  MSE B O   1 
HETATM 1420 C  CB  . MSE B 1 63  ? -28.010 -4.971  -27.961 1.00 46.96  ? 63  MSE B CB  1 
HETATM 1421 C  CG  . MSE B 1 63  ? -27.173 -5.418  -29.124 1.00 51.69  ? 63  MSE B CG  1 
HETATM 1422 SE SE  . MSE B 1 63  ? -27.651 -4.306  -30.629 1.00 59.30  ? 63  MSE B SE  1 
HETATM 1423 C  CE  . MSE B 1 63  ? -29.045 -5.471  -31.380 1.00 54.68  ? 63  MSE B CE  1 
ATOM   1424 N  N   . VAL B 1 64  ? -27.876 -3.915  -25.219 1.00 38.97  ? 64  VAL B N   1 
ATOM   1425 C  CA  . VAL B 1 64  ? -27.343 -3.032  -24.196 1.00 36.33  ? 64  VAL B CA  1 
ATOM   1426 C  C   . VAL B 1 64  ? -27.148 -3.767  -22.890 1.00 35.19  ? 64  VAL B C   1 
ATOM   1427 O  O   . VAL B 1 64  ? -26.097 -3.649  -22.269 1.00 35.75  ? 64  VAL B O   1 
ATOM   1428 C  CB  . VAL B 1 64  ? -28.259 -1.819  -23.968 1.00 35.30  ? 64  VAL B CB  1 
ATOM   1429 C  CG1 . VAL B 1 64  ? -27.756 -0.994  -22.803 1.00 35.15  ? 64  VAL B CG1 1 
ATOM   1430 C  CG2 . VAL B 1 64  ? -28.291 -0.973  -25.217 1.00 34.05  ? 64  VAL B CG2 1 
ATOM   1431 N  N   . ALA B 1 65  ? -28.146 -4.530  -22.468 1.00 33.47  ? 65  ALA B N   1 
ATOM   1432 C  CA  . ALA B 1 65  ? -28.012 -5.268  -21.221 1.00 34.08  ? 65  ALA B CA  1 
ATOM   1433 C  C   . ALA B 1 65  ? -26.763 -6.147  -21.241 1.00 33.48  ? 65  ALA B C   1 
ATOM   1434 O  O   . ALA B 1 65  ? -26.044 -6.243  -20.252 1.00 33.22  ? 65  ALA B O   1 
ATOM   1435 C  CB  . ALA B 1 65  ? -29.245 -6.124  -20.971 1.00 33.98  ? 65  ALA B CB  1 
ATOM   1436 N  N   . GLY B 1 66  ? -26.504 -6.785  -22.372 1.00 33.26  ? 66  GLY B N   1 
ATOM   1437 C  CA  . GLY B 1 66  ? -25.340 -7.640  -22.468 1.00 32.43  ? 66  GLY B CA  1 
ATOM   1438 C  C   . GLY B 1 66  ? -24.089 -6.835  -22.210 1.00 31.61  ? 66  GLY B C   1 
ATOM   1439 O  O   . GLY B 1 66  ? -23.191 -7.279  -21.496 1.00 32.63  ? 66  GLY B O   1 
ATOM   1440 N  N   . TYR B 1 67  ? -24.018 -5.651  -22.805 1.00 30.45  ? 67  TYR B N   1 
ATOM   1441 C  CA  . TYR B 1 67  ? -22.861 -4.801  -22.593 1.00 29.76  ? 67  TYR B CA  1 
ATOM   1442 C  C   . TYR B 1 67  ? -22.712 -4.532  -21.100 1.00 30.05  ? 67  TYR B C   1 
ATOM   1443 O  O   . TYR B 1 67  ? -21.625 -4.683  -20.550 1.00 29.75  ? 67  TYR B O   1 
ATOM   1444 C  CB  . TYR B 1 67  ? -23.006 -3.488  -23.364 1.00 27.80  ? 67  TYR B CB  1 
ATOM   1445 C  CG  . TYR B 1 67  ? -22.644 -3.640  -24.819 1.00 28.50  ? 67  TYR B CG  1 
ATOM   1446 C  CD1 . TYR B 1 67  ? -23.576 -3.390  -25.826 1.00 29.13  ? 67  TYR B CD1 1 
ATOM   1447 C  CD2 . TYR B 1 67  ? -21.381 -4.082  -25.189 1.00 29.06  ? 67  TYR B CD2 1 
ATOM   1448 C  CE1 . TYR B 1 67  ? -23.257 -3.584  -27.170 1.00 29.34  ? 67  TYR B CE1 1 
ATOM   1449 C  CE2 . TYR B 1 67  ? -21.049 -4.281  -26.527 1.00 30.02  ? 67  TYR B CE2 1 
ATOM   1450 C  CZ  . TYR B 1 67  ? -21.990 -4.034  -27.514 1.00 30.30  ? 67  TYR B CZ  1 
ATOM   1451 O  OH  . TYR B 1 67  ? -21.664 -4.258  -28.838 1.00 31.27  ? 67  TYR B OH  1 
ATOM   1452 N  N   . ILE B 1 68  ? -23.812 -4.161  -20.445 1.00 30.34  ? 68  ILE B N   1 
ATOM   1453 C  CA  . ILE B 1 68  ? -23.778 -3.877  -19.019 1.00 30.43  ? 68  ILE B CA  1 
ATOM   1454 C  C   . ILE B 1 68  ? -23.282 -5.098  -18.273 1.00 31.72  ? 68  ILE B C   1 
ATOM   1455 O  O   . ILE B 1 68  ? -22.507 -4.976  -17.328 1.00 32.00  ? 68  ILE B O   1 
ATOM   1456 C  CB  . ILE B 1 68  ? -25.161 -3.474  -18.474 1.00 29.48  ? 68  ILE B CB  1 
ATOM   1457 C  CG1 . ILE B 1 68  ? -25.680 -2.248  -19.225 1.00 29.80  ? 68  ILE B CG1 1 
ATOM   1458 C  CG2 . ILE B 1 68  ? -25.050 -3.108  -17.011 1.00 28.99  ? 68  ILE B CG2 1 
ATOM   1459 C  CD1 . ILE B 1 68  ? -26.993 -1.699  -18.676 1.00 29.47  ? 68  ILE B CD1 1 
ATOM   1460 N  N   . LYS B 1 69  ? -23.726 -6.275  -18.695 1.00 34.13  ? 69  LYS B N   1 
ATOM   1461 C  CA  . LYS B 1 69  ? -23.288 -7.505  -18.052 1.00 37.89  ? 69  LYS B CA  1 
ATOM   1462 C  C   . LYS B 1 69  ? -21.793 -7.616  -18.251 1.00 39.52  ? 69  LYS B C   1 
ATOM   1463 O  O   . LYS B 1 69  ? -21.045 -7.834  -17.297 1.00 40.88  ? 69  LYS B O   1 
ATOM   1464 C  CB  . LYS B 1 69  ? -23.972 -8.728  -18.659 1.00 40.32  ? 69  LYS B CB  1 
ATOM   1465 C  CG  . LYS B 1 69  ? -25.383 -8.941  -18.143 1.00 44.19  ? 69  LYS B CG  1 
ATOM   1466 C  CD  . LYS B 1 69  ? -26.133 -9.928  -19.016 1.00 47.43  ? 69  LYS B CD  1 
ATOM   1467 C  CE  . LYS B 1 69  ? -27.560 -10.130 -18.539 1.00 48.44  ? 69  LYS B CE  1 
ATOM   1468 N  NZ  . LYS B 1 69  ? -28.288 -11.018 -19.490 1.00 50.46  ? 69  LYS B NZ  1 
ATOM   1469 N  N   . GLN B 1 70  ? -21.352 -7.468  -19.496 1.00 40.53  ? 70  GLN B N   1 
ATOM   1470 C  CA  . GLN B 1 70  ? -19.927 -7.536  -19.796 1.00 41.54  ? 70  GLN B CA  1 
ATOM   1471 C  C   . GLN B 1 70  ? -19.210 -6.639  -18.788 1.00 39.92  ? 70  GLN B C   1 
ATOM   1472 O  O   . GLN B 1 70  ? -18.256 -7.058  -18.137 1.00 39.15  ? 70  GLN B O   1 
ATOM   1473 C  CB  . GLN B 1 70  ? -19.663 -7.065  -21.226 1.00 44.18  ? 70  GLN B CB  1 
ATOM   1474 C  CG  . GLN B 1 70  ? -18.826 -8.045  -22.006 1.00 49.18  ? 70  GLN B CG  1 
ATOM   1475 C  CD  . GLN B 1 70  ? -17.674 -7.378  -22.710 1.00 53.15  ? 70  GLN B CD  1 
ATOM   1476 O  OE1 . GLN B 1 70  ? -17.876 -6.535  -23.592 1.00 54.84  ? 70  GLN B OE1 1 
ATOM   1477 N  NE2 . GLN B 1 70  ? -16.449 -7.740  -22.318 1.00 54.73  ? 70  GLN B NE2 1 
ATOM   1478 N  N   . THR B 1 71  ? -19.714 -5.415  -18.648 1.00 39.32  ? 71  THR B N   1 
ATOM   1479 C  CA  . THR B 1 71  ? -19.179 -4.423  -17.715 1.00 37.57  ? 71  THR B CA  1 
ATOM   1480 C  C   . THR B 1 71  ? -19.141 -4.927  -16.280 1.00 37.68  ? 71  THR B C   1 
ATOM   1481 O  O   . THR B 1 71  ? -18.082 -4.944  -15.649 1.00 38.03  ? 71  THR B O   1 
ATOM   1482 C  CB  . THR B 1 71  ? -20.032 -3.152  -17.687 1.00 35.10  ? 71  THR B CB  1 
ATOM   1483 O  OG1 . THR B 1 71  ? -20.329 -2.732  -19.021 1.00 33.28  ? 71  THR B OG1 1 
ATOM   1484 C  CG2 . THR B 1 71  ? -19.282 -2.049  -17.011 1.00 35.36  ? 71  THR B CG2 1 
ATOM   1485 N  N   . LEU B 1 72  ? -20.306 -5.304  -15.761 1.00 37.07  ? 72  LEU B N   1 
ATOM   1486 C  CA  . LEU B 1 72  ? -20.386 -5.811  -14.405 1.00 37.31  ? 72  LEU B CA  1 
ATOM   1487 C  C   . LEU B 1 72  ? -19.453 -6.992  -14.211 1.00 39.57  ? 72  LEU B C   1 
ATOM   1488 O  O   . LEU B 1 72  ? -18.930 -7.180  -13.115 1.00 40.27  ? 72  LEU B O   1 
ATOM   1489 C  CB  . LEU B 1 72  ? -21.822 -6.204  -14.043 1.00 33.95  ? 72  LEU B CB  1 
ATOM   1490 C  CG  . LEU B 1 72  ? -22.775 -5.087  -13.588 1.00 32.24  ? 72  LEU B CG  1 
ATOM   1491 C  CD1 . LEU B 1 72  ? -24.173 -5.621  -13.405 1.00 30.39  ? 72  LEU B CD1 1 
ATOM   1492 C  CD2 . LEU B 1 72  ? -22.276 -4.494  -12.280 1.00 31.67  ? 72  LEU B CD2 1 
ATOM   1493 N  N   . ASP B 1 73  ? -19.226 -7.779  -15.260 1.00 42.41  ? 73  ASP B N   1 
ATOM   1494 C  CA  . ASP B 1 73  ? -18.329 -8.924  -15.142 1.00 44.79  ? 73  ASP B CA  1 
ATOM   1495 C  C   . ASP B 1 73  ? -16.850 -8.568  -15.024 1.00 45.24  ? 73  ASP B C   1 
ATOM   1496 O  O   . ASP B 1 73  ? -16.103 -9.254  -14.343 1.00 45.60  ? 73  ASP B O   1 
ATOM   1497 C  CB  . ASP B 1 73  ? -18.503 -9.889  -16.317 1.00 46.11  ? 73  ASP B CB  1 
ATOM   1498 C  CG  . ASP B 1 73  ? -19.738 -10.755 -16.194 1.00 47.55  ? 73  ASP B CG  1 
ATOM   1499 O  OD1 . ASP B 1 73  ? -20.103 -11.139 -15.063 1.00 48.19  ? 73  ASP B OD1 1 
ATOM   1500 O  OD2 . ASP B 1 73  ? -20.332 -11.066 -17.243 1.00 49.30  ? 73  ASP B OD2 1 
ATOM   1501 N  N   . ASN B 1 74  ? -16.417 -7.513  -15.707 1.00 46.41  ? 74  ASN B N   1 
ATOM   1502 C  CA  . ASN B 1 74  ? -15.015 -7.099  -15.617 1.00 46.95  ? 74  ASN B CA  1 
ATOM   1503 C  C   . ASN B 1 74  ? -14.894 -6.405  -14.273 1.00 46.81  ? 74  ASN B C   1 
ATOM   1504 O  O   . ASN B 1 74  ? -13.863 -6.473  -13.598 1.00 47.48  ? 74  ASN B O   1 
ATOM   1505 C  CB  . ASN B 1 74  ? -14.631 -6.117  -16.735 1.00 47.63  ? 74  ASN B CB  1 
ATOM   1506 C  CG  . ASN B 1 74  ? -14.766 -6.728  -18.104 1.00 49.67  ? 74  ASN B CG  1 
ATOM   1507 O  OD1 . ASN B 1 74  ? -14.681 -7.953  -18.259 1.00 52.47  ? 74  ASN B OD1 1 
ATOM   1508 N  ND2 . ASN B 1 74  ? -14.948 -5.895  -19.109 1.00 49.85  ? 74  ASN B ND2 1 
ATOM   1509 N  N   . GLU B 1 75  ? -15.979 -5.749  -13.878 1.00 45.77  ? 75  GLU B N   1 
ATOM   1510 C  CA  . GLU B 1 75  ? -16.007 -5.038  -12.617 1.00 44.62  ? 75  GLU B CA  1 
ATOM   1511 C  C   . GLU B 1 75  ? -15.760 -5.964  -11.435 1.00 44.98  ? 75  GLU B C   1 
ATOM   1512 O  O   . GLU B 1 75  ? -15.262 -5.520  -10.404 1.00 45.05  ? 75  GLU B O   1 
ATOM   1513 C  CB  . GLU B 1 75  ? -17.339 -4.317  -12.449 1.00 43.10  ? 75  GLU B CB  1 
ATOM   1514 C  CG  . GLU B 1 75  ? -17.415 -3.527  -11.159 1.00 41.51  ? 75  GLU B CG  1 
ATOM   1515 C  CD  . GLU B 1 75  ? -16.116 -2.830  -10.854 1.00 41.36  ? 75  GLU B CD  1 
ATOM   1516 O  OE1 . GLU B 1 75  ? -15.535 -2.234  -11.801 1.00 41.20  ? 75  GLU B OE1 1 
ATOM   1517 O  OE2 . GLU B 1 75  ? -15.685 -2.884  -9.676  1.00 39.02  ? 75  GLU B OE2 1 
ATOM   1518 N  N   . GLN B 1 76  ? -16.109 -7.243  -11.585 1.00 45.49  ? 76  GLN B N   1 
ATOM   1519 C  CA  . GLN B 1 76  ? -15.904 -8.221  -10.523 1.00 46.43  ? 76  GLN B CA  1 
ATOM   1520 C  C   . GLN B 1 76  ? -14.515 -8.824  -10.591 1.00 44.23  ? 76  GLN B C   1 
ATOM   1521 O  O   . GLN B 1 76  ? -13.963 -9.276  -9.583  1.00 43.76  ? 76  GLN B O   1 
ATOM   1522 C  CB  . GLN B 1 76  ? -16.927 -9.347  -10.600 1.00 50.48  ? 76  GLN B CB  1 
ATOM   1523 C  CG  . GLN B 1 76  ? -16.683 -10.418 -9.542  1.00 57.64  ? 76  GLN B CG  1 
ATOM   1524 C  CD  . GLN B 1 76  ? -17.397 -11.724 -9.849  1.00 62.27  ? 76  GLN B CD  1 
ATOM   1525 O  OE1 . GLN B 1 76  ? -17.233 -12.729 -9.135  1.00 63.29  ? 76  GLN B OE1 1 
ATOM   1526 N  NE2 . GLN B 1 76  ? -18.197 -11.721 -10.920 1.00 64.17  ? 76  GLN B NE2 1 
ATOM   1527 N  N   . LEU B 1 77  ? -13.959 -8.870  -11.790 1.00 42.22  ? 77  LEU B N   1 
ATOM   1528 C  CA  . LEU B 1 77  ? -12.615 -9.397  -11.941 1.00 40.74  ? 77  LEU B CA  1 
ATOM   1529 C  C   . LEU B 1 77  ? -11.695 -8.351  -11.341 1.00 39.84  ? 77  LEU B C   1 
ATOM   1530 O  O   . LEU B 1 77  ? -10.834 -8.672  -10.540 1.00 40.36  ? 77  LEU B O   1 
ATOM   1531 C  CB  . LEU B 1 77  ? -12.274 -9.624  -13.418 1.00 39.59  ? 77  LEU B CB  1 
ATOM   1532 C  CG  . LEU B 1 77  ? -12.900 -10.805 -14.168 1.00 37.67  ? 77  LEU B CG  1 
ATOM   1533 C  CD1 . LEU B 1 77  ? -12.289 -10.850 -15.538 1.00 38.69  ? 77  LEU B CD1 1 
ATOM   1534 C  CD2 . LEU B 1 77  ? -12.646 -12.117 -13.453 1.00 37.10  ? 77  LEU B CD2 1 
ATOM   1535 N  N   . LEU B 1 78  ? -11.905 -7.096  -11.713 1.00 39.35  ? 78  LEU B N   1 
ATOM   1536 C  CA  . LEU B 1 78  ? -11.090 -6.010  -11.189 1.00 39.19  ? 78  LEU B CA  1 
ATOM   1537 C  C   . LEU B 1 78  ? -11.056 -6.087  -9.662  1.00 38.22  ? 78  LEU B C   1 
ATOM   1538 O  O   . LEU B 1 78  ? -10.002 -6.297  -9.058  1.00 36.11  ? 78  LEU B O   1 
ATOM   1539 C  CB  . LEU B 1 78  ? -11.658 -4.655  -11.663 1.00 38.97  ? 78  LEU B CB  1 
ATOM   1540 C  CG  . LEU B 1 78  ? -11.107 -3.320  -11.135 1.00 38.29  ? 78  LEU B CG  1 
ATOM   1541 C  CD1 . LEU B 1 78  ? -9.581  -3.322  -11.141 1.00 37.62  ? 78  LEU B CD1 1 
ATOM   1542 C  CD2 . LEU B 1 78  ? -11.633 -2.182  -11.990 1.00 37.52  ? 78  LEU B CD2 1 
ATOM   1543 N  N   . LYS B 1 79  ? -12.227 -5.936  -9.054  1.00 38.55  ? 79  LYS B N   1 
ATOM   1544 C  CA  . LYS B 1 79  ? -12.383 -5.980  -7.602  1.00 38.20  ? 79  LYS B CA  1 
ATOM   1545 C  C   . LYS B 1 79  ? -11.615 -7.146  -6.995  1.00 37.81  ? 79  LYS B C   1 
ATOM   1546 O  O   . LYS B 1 79  ? -11.101 -7.046  -5.895  1.00 37.47  ? 79  LYS B O   1 
ATOM   1547 C  CB  . LYS B 1 79  ? -13.871 -6.087  -7.266  1.00 38.02  ? 79  LYS B CB  1 
ATOM   1548 C  CG  . LYS B 1 79  ? -14.258 -5.769  -5.843  1.00 38.47  ? 79  LYS B CG  1 
ATOM   1549 C  CD  . LYS B 1 79  ? -15.687 -5.261  -5.822  1.00 39.68  ? 79  LYS B CD  1 
ATOM   1550 C  CE  . LYS B 1 79  ? -16.267 -5.239  -4.424  1.00 41.49  ? 79  LYS B CE  1 
ATOM   1551 N  NZ  . LYS B 1 79  ? -16.409 -6.641  -3.924  1.00 44.67  ? 79  LYS B NZ  1 
ATOM   1552 N  N   . GLY B 1 80  ? -11.537 -8.253  -7.717  1.00 38.78  ? 80  GLY B N   1 
ATOM   1553 C  CA  . GLY B 1 80  ? -10.808 -9.399  -7.210  1.00 40.37  ? 80  GLY B CA  1 
ATOM   1554 C  C   . GLY B 1 80  ? -9.317  -9.114  -7.200  1.00 41.91  ? 80  GLY B C   1 
ATOM   1555 O  O   . GLY B 1 80  ? -8.667  -9.210  -6.163  1.00 43.18  ? 80  GLY B O   1 
ATOM   1556 N  N   . LEU B 1 81  ? -8.768  -8.759  -8.357  1.00 42.58  ? 81  LEU B N   1 
ATOM   1557 C  CA  . LEU B 1 81  ? -7.349  -8.458  -8.467  1.00 42.36  ? 81  LEU B CA  1 
ATOM   1558 C  C   . LEU B 1 81  ? -6.951  -7.350  -7.516  1.00 42.82  ? 81  LEU B C   1 
ATOM   1559 O  O   . LEU B 1 81  ? -5.848  -7.361  -6.993  1.00 43.64  ? 81  LEU B O   1 
ATOM   1560 C  CB  . LEU B 1 81  ? -7.015  -8.053  -9.895  1.00 43.01  ? 81  LEU B CB  1 
ATOM   1561 C  CG  . LEU B 1 81  ? -7.113  -9.197  -10.902 1.00 43.20  ? 81  LEU B CG  1 
ATOM   1562 C  CD1 . LEU B 1 81  ? -7.591  -8.642  -12.221 1.00 44.29  ? 81  LEU B CD1 1 
ATOM   1563 C  CD2 . LEU B 1 81  ? -5.771  -9.902  -11.046 1.00 44.65  ? 81  LEU B CD2 1 
ATOM   1564 N  N   . LEU B 1 82  ? -7.842  -6.386  -7.304  1.00 43.66  ? 82  LEU B N   1 
ATOM   1565 C  CA  . LEU B 1 82  ? -7.571  -5.272  -6.395  1.00 44.05  ? 82  LEU B CA  1 
ATOM   1566 C  C   . LEU B 1 82  ? -7.442  -5.739  -4.959  1.00 44.97  ? 82  LEU B C   1 
ATOM   1567 O  O   . LEU B 1 82  ? -6.518  -5.339  -4.248  1.00 45.72  ? 82  LEU B O   1 
ATOM   1568 C  CB  . LEU B 1 82  ? -8.683  -4.220  -6.474  1.00 43.04  ? 82  LEU B CB  1 
ATOM   1569 C  CG  . LEU B 1 82  ? -8.643  -3.288  -7.682  1.00 42.27  ? 82  LEU B CG  1 
ATOM   1570 C  CD1 . LEU B 1 82  ? -9.892  -2.456  -7.739  1.00 42.09  ? 82  LEU B CD1 1 
ATOM   1571 C  CD2 . LEU B 1 82  ? -7.433  -2.406  -7.570  1.00 42.11  ? 82  LEU B CD2 1 
ATOM   1572 N  N   . GLN B 1 83  ? -8.379  -6.579  -4.536  1.00 45.89  ? 83  GLN B N   1 
ATOM   1573 C  CA  . GLN B 1 83  ? -8.385  -7.105  -3.176  1.00 46.39  ? 83  GLN B CA  1 
ATOM   1574 C  C   . GLN B 1 83  ? -7.164  -7.978  -2.998  1.00 46.05  ? 83  GLN B C   1 
ATOM   1575 O  O   . GLN B 1 83  ? -6.701  -8.183  -1.888  1.00 46.62  ? 83  GLN B O   1 
ATOM   1576 C  CB  . GLN B 1 83  ? -9.652  -7.929  -2.934  1.00 46.90  ? 83  GLN B CB  1 
ATOM   1577 C  CG  . GLN B 1 83  ? -9.770  -8.496  -1.538  1.00 48.60  ? 83  GLN B CG  1 
ATOM   1578 C  CD  . GLN B 1 83  ? -9.763  -7.414  -0.469  1.00 50.85  ? 83  GLN B CD  1 
ATOM   1579 O  OE1 . GLN B 1 83  ? -10.600 -6.500  -0.478  1.00 50.29  ? 83  GLN B OE1 1 
ATOM   1580 N  NE2 . GLN B 1 83  ? -8.816  -7.514  0.465   1.00 51.71  ? 83  GLN B NE2 1 
ATOM   1581 N  N   . GLN B 1 84  ? -6.639  -8.472  -4.109  1.00 46.27  ? 84  GLN B N   1 
ATOM   1582 C  CA  . GLN B 1 84  ? -5.489  -9.341  -4.078  1.00 47.87  ? 84  GLN B CA  1 
ATOM   1583 C  C   . GLN B 1 84  ? -4.228  -8.530  -3.854  1.00 47.95  ? 84  GLN B C   1 
ATOM   1584 O  O   . GLN B 1 84  ? -3.340  -8.938  -3.104  1.00 48.96  ? 84  GLN B O   1 
ATOM   1585 C  CB  . GLN B 1 84  ? -5.388  -10.102 -5.393  1.00 50.29  ? 84  GLN B CB  1 
ATOM   1586 C  CG  . GLN B 1 84  ? -4.877  -11.514 -5.275  1.00 54.25  ? 84  GLN B CG  1 
ATOM   1587 C  CD  . GLN B 1 84  ? -4.652  -12.142 -6.643  1.00 57.42  ? 84  GLN B CD  1 
ATOM   1588 O  OE1 . GLN B 1 84  ? -4.988  -13.312 -6.873  1.00 58.98  ? 84  GLN B OE1 1 
ATOM   1589 N  NE2 . GLN B 1 84  ? -4.076  -11.364 -7.560  1.00 57.85  ? 84  GLN B NE2 1 
ATOM   1590 N  N   . ARG B 1 85  ? -4.142  -7.385  -4.526  1.00 47.99  ? 85  ARG B N   1 
ATOM   1591 C  CA  . ARG B 1 85  ? -2.983  -6.507  -4.397  1.00 47.40  ? 85  ARG B CA  1 
ATOM   1592 C  C   . ARG B 1 85  ? -3.042  -5.805  -3.062  1.00 46.34  ? 85  ARG B C   1 
ATOM   1593 O  O   . ARG B 1 85  ? -2.027  -5.474  -2.478  1.00 46.38  ? 85  ARG B O   1 
ATOM   1594 C  CB  . ARG B 1 85  ? -2.951  -5.487  -5.533  1.00 48.00  ? 85  ARG B CB  1 
ATOM   1595 C  CG  . ARG B 1 85  ? -1.580  -4.803  -5.702  1.00 49.50  ? 85  ARG B CG  1 
ATOM   1596 C  CD  . ARG B 1 85  ? -0.461  -5.848  -5.791  1.00 50.53  ? 85  ARG B CD  1 
ATOM   1597 N  NE  . ARG B 1 85  ? 0.808   -5.291  -6.239  1.00 50.92  ? 85  ARG B NE  1 
ATOM   1598 C  CZ  . ARG B 1 85  ? 1.990   -5.869  -6.043  1.00 51.68  ? 85  ARG B CZ  1 
ATOM   1599 N  NH1 . ARG B 1 85  ? 2.076   -7.022  -5.398  1.00 50.98  ? 85  ARG B NH1 1 
ATOM   1600 N  NH2 . ARG B 1 85  ? 3.091   -5.303  -6.509  1.00 52.56  ? 85  ARG B NH2 1 
ATOM   1601 N  N   . LEU B 1 86  ? -4.249  -5.578  -2.583  1.00 45.83  ? 86  LEU B N   1 
ATOM   1602 C  CA  . LEU B 1 86  ? -4.422  -4.956  -1.289  1.00 45.96  ? 86  LEU B CA  1 
ATOM   1603 C  C   . LEU B 1 86  ? -3.903  -5.958  -0.266  1.00 46.23  ? 86  LEU B C   1 
ATOM   1604 O  O   . LEU B 1 86  ? -3.278  -5.591  0.720   1.00 46.58  ? 86  LEU B O   1 
ATOM   1605 C  CB  . LEU B 1 86  ? -5.901  -4.671  -1.052  1.00 46.27  ? 86  LEU B CB  1 
ATOM   1606 C  CG  . LEU B 1 86  ? -6.315  -4.131  0.312   1.00 47.36  ? 86  LEU B CG  1 
ATOM   1607 C  CD1 . LEU B 1 86  ? -5.422  -2.969  0.738   1.00 47.64  ? 86  LEU B CD1 1 
ATOM   1608 C  CD2 . LEU B 1 86  ? -7.761  -3.690  0.218   1.00 47.86  ? 86  LEU B CD2 1 
ATOM   1609 N  N   . ASP B 1 87  ? -4.160  -7.235  -0.527  1.00 47.45  ? 87  ASP B N   1 
ATOM   1610 C  CA  . ASP B 1 87  ? -3.734  -8.303  0.361   1.00 47.55  ? 87  ASP B CA  1 
ATOM   1611 C  C   . ASP B 1 87  ? -2.231  -8.399  0.521   1.00 48.37  ? 87  ASP B C   1 
ATOM   1612 O  O   . ASP B 1 87  ? -1.731  -8.200  1.618   1.00 50.08  ? 87  ASP B O   1 
ATOM   1613 C  CB  . ASP B 1 87  ? -4.273  -9.666  -0.099  1.00 46.95  ? 87  ASP B CB  1 
ATOM   1614 C  CG  . ASP B 1 87  ? -5.709  -9.916  0.350   1.00 46.42  ? 87  ASP B CG  1 
ATOM   1615 O  OD1 . ASP B 1 87  ? -6.180  -9.195  1.260   1.00 44.50  ? 87  ASP B OD1 1 
ATOM   1616 O  OD2 . ASP B 1 87  ? -6.361  -10.844 -0.199  1.00 45.34  ? 87  ASP B OD2 1 
ATOM   1617 N  N   . GLU B 1 88  ? -1.497  -8.687  -0.548  1.00 48.54  ? 88  GLU B N   1 
ATOM   1618 C  CA  . GLU B 1 88  ? -0.052  -8.824  -0.407  1.00 49.62  ? 88  GLU B CA  1 
ATOM   1619 C  C   . GLU B 1 88  ? 0.666   -7.579  0.093   1.00 50.28  ? 88  GLU B C   1 
ATOM   1620 O  O   . GLU B 1 88  ? 1.737   -7.676  0.696   1.00 51.10  ? 88  GLU B O   1 
ATOM   1621 C  CB  . GLU B 1 88  ? 0.575   -9.320  -1.713  1.00 49.59  ? 88  GLU B CB  1 
ATOM   1622 C  CG  . GLU B 1 88  ? 0.369   -8.444  -2.923  1.00 50.50  ? 88  GLU B CG  1 
ATOM   1623 C  CD  . GLU B 1 88  ? 0.880   -9.105  -4.195  1.00 52.08  ? 88  GLU B CD  1 
ATOM   1624 O  OE1 . GLU B 1 88  ? 2.025   -9.615  -4.206  1.00 52.39  ? 88  GLU B OE1 1 
ATOM   1625 O  OE2 . GLU B 1 88  ? 0.137   -9.110  -5.196  1.00 53.55  ? 88  GLU B OE2 1 
ATOM   1626 N  N   . LEU B 1 89  ? 0.086   -6.410  -0.134  1.00 50.56  ? 89  LEU B N   1 
ATOM   1627 C  CA  . LEU B 1 89  ? 0.718   -5.192  0.344   1.00 51.90  ? 89  LEU B CA  1 
ATOM   1628 C  C   . LEU B 1 89  ? 0.485   -5.087  1.838   1.00 53.17  ? 89  LEU B C   1 
ATOM   1629 O  O   . LEU B 1 89  ? 1.416   -4.831  2.589   1.00 54.64  ? 89  LEU B O   1 
ATOM   1630 C  CB  . LEU B 1 89  ? 0.147   -3.968  -0.371  1.00 53.03  ? 89  LEU B CB  1 
ATOM   1631 C  CG  . LEU B 1 89  ? 1.035   -3.284  -1.423  1.00 52.93  ? 89  LEU B CG  1 
ATOM   1632 C  CD1 . LEU B 1 89  ? 1.773   -4.314  -2.281  1.00 52.30  ? 89  LEU B CD1 1 
ATOM   1633 C  CD2 . LEU B 1 89  ? 0.157   -2.375  -2.277  1.00 52.73  ? 89  LEU B CD2 1 
ATOM   1634 N  N   . SER B 1 90  ? -0.757  -5.284  2.270   1.00 54.43  ? 90  SER B N   1 
ATOM   1635 C  CA  . SER B 1 90  ? -1.074  -5.242  3.694   1.00 56.77  ? 90  SER B CA  1 
ATOM   1636 C  C   . SER B 1 90  ? -0.280  -6.321  4.436   1.00 58.62  ? 90  SER B C   1 
ATOM   1637 O  O   . SER B 1 90  ? -0.180  -6.310  5.664   1.00 58.83  ? 90  SER B O   1 
ATOM   1638 C  CB  . SER B 1 90  ? -2.568  -5.480  3.922   1.00 56.59  ? 90  SER B CB  1 
ATOM   1639 O  OG  . SER B 1 90  ? -3.295  -4.268  3.938   1.00 58.61  ? 90  SER B OG  1 
ATOM   1640 N  N   . SER B 1 91  ? 0.280   -7.255  3.679   1.00 60.71  ? 91  SER B N   1 
ATOM   1641 C  CA  . SER B 1 91  ? 1.055   -8.332  4.258   1.00 63.23  ? 91  SER B CA  1 
ATOM   1642 C  C   . SER B 1 91  ? 2.451   -7.852  4.639   1.00 64.74  ? 91  SER B C   1 
ATOM   1643 O  O   . SER B 1 91  ? 3.080   -8.410  5.541   1.00 65.68  ? 91  SER B O   1 
ATOM   1644 C  CB  . SER B 1 91  ? 1.158   -9.488  3.267   1.00 64.36  ? 91  SER B CB  1 
ATOM   1645 O  OG  . SER B 1 91  ? 1.837   -10.589 3.848   1.00 68.32  ? 91  SER B OG  1 
ATOM   1646 N  N   . LEU B 1 92  ? 2.931   -6.817  3.953   1.00 66.30  ? 92  LEU B N   1 
ATOM   1647 C  CA  . LEU B 1 92  ? 4.259   -6.270  4.216   1.00 68.00  ? 92  LEU B CA  1 
ATOM   1648 C  C   . LEU B 1 92  ? 4.359   -5.463  5.498   1.00 69.52  ? 92  LEU B C   1 
ATOM   1649 O  O   . LEU B 1 92  ? 5.295   -5.656  6.271   1.00 70.55  ? 92  LEU B O   1 
ATOM   1650 C  CB  . LEU B 1 92  ? 4.733   -5.419  3.037   1.00 67.88  ? 92  LEU B CB  1 
ATOM   1651 C  CG  . LEU B 1 92  ? 5.628   -6.149  2.029   1.00 68.69  ? 92  LEU B CG  1 
ATOM   1652 C  CD1 . LEU B 1 92  ? 5.029   -7.517  1.704   1.00 69.42  ? 92  LEU B CD1 1 
ATOM   1653 C  CD2 . LEU B 1 92  ? 5.796   -5.300  0.777   1.00 67.83  ? 92  LEU B CD2 1 
ATOM   1654 N  N   . ILE B 1 93  ? 3.411   -4.563  5.729   1.00 70.68  ? 93  ILE B N   1 
ATOM   1655 C  CA  . ILE B 1 93  ? 3.429   -3.758  6.939   1.00 72.70  ? 93  ILE B CA  1 
ATOM   1656 C  C   . ILE B 1 93  ? 3.463   -4.597  8.212   1.00 75.18  ? 93  ILE B C   1 
ATOM   1657 O  O   . ILE B 1 93  ? 4.226   -4.312  9.135   1.00 75.17  ? 93  ILE B O   1 
ATOM   1658 C  CB  . ILE B 1 93  ? 2.198   -2.854  7.009   1.00 72.23  ? 93  ILE B CB  1 
ATOM   1659 C  CG1 . ILE B 1 93  ? 2.337   -1.729  5.991   1.00 72.40  ? 93  ILE B CG1 1 
ATOM   1660 C  CG2 . ILE B 1 93  ? 2.018   -2.323  8.433   1.00 72.21  ? 93  ILE B CG2 1 
ATOM   1661 C  CD1 . ILE B 1 93  ? 1.058   -0.992  5.715   1.00 73.08  ? 93  ILE B CD1 1 
ATOM   1662 N  N   . GLY B 1 94  ? 2.631   -5.635  8.245   1.00 77.92  ? 94  GLY B N   1 
ATOM   1663 C  CA  . GLY B 1 94  ? 2.528   -6.499  9.411   1.00 81.31  ? 94  GLY B CA  1 
ATOM   1664 C  C   . GLY B 1 94  ? 3.763   -7.238  9.898   1.00 83.54  ? 94  GLY B C   1 
ATOM   1665 O  O   . GLY B 1 94  ? 4.148   -7.110  11.065  1.00 83.46  ? 94  GLY B O   1 
ATOM   1666 N  N   . GLN B 1 95  ? 4.370   -8.028  9.020   1.00 86.00  ? 95  GLN B N   1 
ATOM   1667 C  CA  . GLN B 1 95  ? 5.555   -8.783  9.382   1.00 89.38  ? 95  GLN B CA  1 
ATOM   1668 C  C   . GLN B 1 95  ? 6.603   -7.895  10.042  1.00 90.84  ? 95  GLN B C   1 
ATOM   1669 O  O   . GLN B 1 95  ? 7.294   -8.322  10.976  1.00 91.08  ? 95  GLN B O   1 
ATOM   1670 C  CB  . GLN B 1 95  ? 6.179   -9.436  8.137   1.00 90.53  ? 95  GLN B CB  1 
ATOM   1671 C  CG  . GLN B 1 95  ? 5.483   -10.701 7.658   1.00 91.62  ? 95  GLN B CG  1 
ATOM   1672 C  CD  . GLN B 1 95  ? 5.633   -11.857 8.635   1.00 92.67  ? 95  GLN B CD  1 
ATOM   1673 O  OE1 . GLN B 1 95  ? 6.163   -11.694 9.737   1.00 93.14  ? 95  GLN B OE1 1 
ATOM   1674 N  NE2 . GLN B 1 95  ? 5.162   -13.033 8.233   1.00 92.51  ? 95  GLN B NE2 1 
ATOM   1675 N  N   . SER B 1 96  ? 6.694   -6.653  9.563   1.00 92.29  ? 96  SER B N   1 
ATOM   1676 C  CA  . SER B 1 96  ? 7.706   -5.710  10.035  1.00 92.96  ? 96  SER B CA  1 
ATOM   1677 C  C   . SER B 1 96  ? 7.425   -4.713  11.161  1.00 93.82  ? 96  SER B C   1 
ATOM   1678 O  O   . SER B 1 96  ? 7.801   -3.527  11.049  1.00 93.55  ? 96  SER B O   1 
ATOM   1679 C  CB  . SER B 1 96  ? 8.282   -4.944  8.842   1.00 92.25  ? 96  SER B CB  1 
ATOM   1680 O  OG  . SER B 1 96  ? 9.562   -4.419  9.147   1.00 90.42  ? 96  SER B OG  1 
ATOM   1681 N  N   . THR B 1 97  ? 6.790   -5.184  12.237  1.00 94.53  ? 97  THR B N   1 
ATOM   1682 C  CA  . THR B 1 97  ? 6.578   -4.333  13.391  1.00 95.13  ? 97  THR B CA  1 
ATOM   1683 C  C   . THR B 1 97  ? 7.872   -4.526  14.202  1.00 95.30  ? 97  THR B C   1 
ATOM   1684 O  O   . THR B 1 97  ? 7.871   -4.828  15.399  1.00 95.50  ? 97  THR B O   1 
ATOM   1685 C  CB  . THR B 1 97  ? 5.283   -4.749  14.167  1.00 95.36  ? 97  THR B CB  1 
ATOM   1686 O  OG1 . THR B 1 97  ? 4.152   -4.140  13.529  1.00 94.91  ? 97  THR B OG1 1 
ATOM   1687 C  CG2 . THR B 1 97  ? 5.317   -4.296  15.629  1.00 95.02  ? 97  THR B CG2 1 
ATOM   1688 N  N   . ARG B 1 98  ? 8.988   -4.405  13.481  1.00 94.77  ? 98  ARG B N   1 
ATOM   1689 C  CA  . ARG B 1 98  ? 10.317  -4.505  14.070  1.00 93.22  ? 98  ARG B CA  1 
ATOM   1690 C  C   . ARG B 1 98  ? 10.529  -3.127  14.679  1.00 92.21  ? 98  ARG B C   1 
ATOM   1691 O  O   . ARG B 1 98  ? 11.543  -2.872  15.319  1.00 92.29  ? 98  ARG B O   1 
ATOM   1692 C  CB  . ARG B 1 98  ? 11.428  -4.773  13.014  1.00 93.26  ? 98  ARG B CB  1 
ATOM   1693 C  CG  . ARG B 1 98  ? 11.414  -6.124  12.278  1.00 93.29  ? 98  ARG B CG  1 
ATOM   1694 C  CD  . ARG B 1 98  ? 10.740  -7.283  13.034  1.00 93.95  ? 98  ARG B CD  1 
ATOM   1695 N  NE  . ARG B 1 98  ? 10.287  -8.286  12.065  1.00 94.79  ? 98  ARG B NE  1 
ATOM   1696 C  CZ  . ARG B 1 98  ? 9.793   -9.491  12.347  1.00 94.84  ? 98  ARG B CZ  1 
ATOM   1697 N  NH1 . ARG B 1 98  ? 9.668   -9.904  13.602  1.00 94.48  ? 98  ARG B NH1 1 
ATOM   1698 N  NH2 . ARG B 1 98  ? 9.417   -10.289 11.350  1.00 94.49  ? 98  ARG B NH2 1 
ATOM   1699 N  N   . GLN B 1 99  ? 9.554   -2.246  14.457  1.00 91.25  ? 99  GLN B N   1 
ATOM   1700 C  CA  . GLN B 1 99  ? 9.574   -0.871  14.968  1.00 91.27  ? 99  GLN B CA  1 
ATOM   1701 C  C   . GLN B 1 99  ? 9.794   -0.964  16.477  1.00 90.46  ? 99  GLN B C   1 
ATOM   1702 O  O   . GLN B 1 99  ? 10.435  -0.109  17.086  1.00 90.50  ? 99  GLN B O   1 
ATOM   1703 C  CB  . GLN B 1 99  ? 8.226   -0.190  14.668  1.00 92.59  ? 99  GLN B CB  1 
ATOM   1704 C  CG  . GLN B 1 99  ? 8.278   1.306   14.269  1.00 94.44  ? 99  GLN B CG  1 
ATOM   1705 C  CD  . GLN B 1 99  ? 8.791   2.217   15.374  1.00 94.90  ? 99  GLN B CD  1 
ATOM   1706 O  OE1 . GLN B 1 99  ? 8.585   1.953   16.560  1.00 95.72  ? 99  GLN B OE1 1 
ATOM   1707 N  NE2 . GLN B 1 99  ? 9.443   3.308   14.985  1.00 94.29  ? 99  GLN B NE2 1 
ATOM   1708 N  N   . LYS B 1 100 ? 9.266   -2.031  17.067  1.00 88.91  ? 100 LYS B N   1 
ATOM   1709 C  CA  . LYS B 1 100 ? 9.428   -2.238  18.488  1.00 86.98  ? 100 LYS B CA  1 
ATOM   1710 C  C   . LYS B 1 100 ? 10.771  -2.934  18.704  1.00 84.82  ? 100 LYS B C   1 
ATOM   1711 O  O   . LYS B 1 100 ? 11.569  -2.520  19.557  1.00 84.94  ? 100 LYS B O   1 
ATOM   1712 C  CB  . LYS B 1 100 ? 8.257   -3.061  19.051  1.00 87.17  ? 100 LYS B CB  1 
ATOM   1713 C  CG  . LYS B 1 100 ? 7.552   -2.357  20.209  1.00 87.49  ? 100 LYS B CG  1 
ATOM   1714 C  CD  . LYS B 1 100 ? 7.485   -0.840  20.004  1.00 87.39  ? 100 LYS B CD  1 
ATOM   1715 C  CE  . LYS B 1 100 ? 7.660   -0.110  21.310  1.00 87.88  ? 100 LYS B CE  1 
ATOM   1716 N  NZ  . LYS B 1 100 ? 7.870   1.331   21.102  1.00 89.58  ? 100 LYS B NZ  1 
ATOM   1717 N  N   . SER B 1 101 ? 11.033  -3.967  17.901  1.00 81.77  ? 101 SER B N   1 
ATOM   1718 C  CA  . SER B 1 101 ? 12.298  -4.689  17.986  1.00 77.69  ? 101 SER B CA  1 
ATOM   1719 C  C   . SER B 1 101 ? 13.392  -3.647  17.832  1.00 74.48  ? 101 SER B C   1 
ATOM   1720 O  O   . SER B 1 101 ? 14.366  -3.632  18.591  1.00 74.77  ? 101 SER B O   1 
ATOM   1721 C  CB  . SER B 1 101 ? 12.421  -5.765  16.883  1.00 77.58  ? 101 SER B CB  1 
ATOM   1722 O  OG  . SER B 1 101 ? 11.891  -7.022  17.286  1.00 78.47  ? 101 SER B OG  1 
ATOM   1723 N  N   . LEU B 1 102 ? 13.207  -2.748  16.871  1.00 70.03  ? 102 LEU B N   1 
ATOM   1724 C  CA  . LEU B 1 102 ? 14.172  -1.689  16.623  1.00 65.80  ? 102 LEU B CA  1 
ATOM   1725 C  C   . LEU B 1 102 ? 14.080  -0.593  17.656  1.00 64.73  ? 102 LEU B C   1 
ATOM   1726 O  O   . LEU B 1 102 ? 15.099  -0.141  18.149  1.00 65.62  ? 102 LEU B O   1 
ATOM   1727 C  CB  . LEU B 1 102 ? 13.950  -1.088  15.248  1.00 62.79  ? 102 LEU B CB  1 
ATOM   1728 C  CG  . LEU B 1 102 ? 15.006  -1.403  14.214  1.00 60.52  ? 102 LEU B CG  1 
ATOM   1729 C  CD1 . LEU B 1 102 ? 14.902  -2.861  13.899  1.00 60.89  ? 102 LEU B CD1 1 
ATOM   1730 C  CD2 . LEU B 1 102 ? 14.805  -0.555  12.978  1.00 59.35  ? 102 LEU B CD2 1 
ATOM   1731 N  N   . ASN B 1 103 ? 12.871  -0.168  17.998  1.00 63.15  ? 103 ASN B N   1 
ATOM   1732 C  CA  . ASN B 1 103 ? 12.791  0.884   18.976  1.00 62.51  ? 103 ASN B CA  1 
ATOM   1733 C  C   . ASN B 1 103 ? 13.377  0.336   20.275  1.00 60.76  ? 103 ASN B C   1 
ATOM   1734 O  O   . ASN B 1 103 ? 13.894  1.091   21.100  1.00 60.20  ? 103 ASN B O   1 
ATOM   1735 C  CB  . ASN B 1 103 ? 11.353  1.394   19.178  1.00 63.54  ? 103 ASN B CB  1 
ATOM   1736 C  CG  . ASN B 1 103 ? 11.221  2.882   18.860  1.00 64.71  ? 103 ASN B CG  1 
ATOM   1737 O  OD1 . ASN B 1 103 ? 11.971  3.714   19.389  1.00 65.43  ? 103 ASN B OD1 1 
ATOM   1738 N  ND2 . ASN B 1 103 ? 10.273  3.221   17.984  1.00 64.12  ? 103 ASN B ND2 1 
ATOM   1739 N  N   . ASN B 1 104 ? 13.299  -0.979  20.452  1.00 59.38  ? 104 ASN B N   1 
ATOM   1740 C  CA  . ASN B 1 104 ? 13.859  -1.622  21.638  1.00 58.81  ? 104 ASN B CA  1 
ATOM   1741 C  C   . ASN B 1 104 ? 15.370  -1.672  21.503  1.00 56.93  ? 104 ASN B C   1 
ATOM   1742 O  O   . ASN B 1 104 ? 16.114  -1.356  22.441  1.00 57.78  ? 104 ASN B O   1 
ATOM   1743 C  CB  . ASN B 1 104 ? 13.340  -3.039  21.774  1.00 60.45  ? 104 ASN B CB  1 
ATOM   1744 C  CG  . ASN B 1 104 ? 12.131  -3.120  22.665  1.00 62.73  ? 104 ASN B CG  1 
ATOM   1745 O  OD1 . ASN B 1 104 ? 11.952  -2.300  23.569  1.00 65.03  ? 104 ASN B OD1 1 
ATOM   1746 N  ND2 . ASN B 1 104 ? 11.311  -4.127  22.446  1.00 63.07  ? 104 ASN B ND2 1 
ATOM   1747 N  N   . ALA B 1 105 ? 15.819  -2.060  20.314  1.00 53.47  ? 105 ALA B N   1 
ATOM   1748 C  CA  . ALA B 1 105 ? 17.240  -2.153  20.032  1.00 49.08  ? 105 ALA B CA  1 
ATOM   1749 C  C   . ALA B 1 105 ? 17.891  -0.784  20.131  1.00 46.72  ? 105 ALA B C   1 
ATOM   1750 O  O   . ALA B 1 105 ? 19.072  -0.678  20.418  1.00 48.17  ? 105 ALA B O   1 
ATOM   1751 C  CB  . ALA B 1 105 ? 17.459  -2.737  18.649  1.00 48.38  ? 105 ALA B CB  1 
ATOM   1752 N  N   . TYR B 1 106 ? 17.120  0.266   19.888  1.00 43.47  ? 106 TYR B N   1 
ATOM   1753 C  CA  . TYR B 1 106 ? 17.658  1.613   19.954  1.00 41.08  ? 106 TYR B CA  1 
ATOM   1754 C  C   . TYR B 1 106 ? 17.653  2.116   21.381  1.00 40.38  ? 106 TYR B C   1 
ATOM   1755 O  O   . TYR B 1 106 ? 18.662  2.603   21.886  1.00 39.20  ? 106 TYR B O   1 
ATOM   1756 C  CB  . TYR B 1 106 ? 16.840  2.558   19.068  1.00 40.30  ? 106 TYR B CB  1 
ATOM   1757 C  CG  . TYR B 1 106 ? 17.233  4.020   19.186  1.00 40.05  ? 106 TYR B CG  1 
ATOM   1758 C  CD1 . TYR B 1 106 ? 16.825  4.801   20.279  1.00 39.87  ? 106 TYR B CD1 1 
ATOM   1759 C  CD2 . TYR B 1 106 ? 18.028  4.621   18.218  1.00 39.76  ? 106 TYR B CD2 1 
ATOM   1760 C  CE1 . TYR B 1 106 ? 17.205  6.139   20.397  1.00 39.39  ? 106 TYR B CE1 1 
ATOM   1761 C  CE2 . TYR B 1 106 ? 18.413  5.955   18.331  1.00 40.68  ? 106 TYR B CE2 1 
ATOM   1762 C  CZ  . TYR B 1 106 ? 18.000  6.707   19.418  1.00 40.36  ? 106 TYR B CZ  1 
ATOM   1763 O  OH  . TYR B 1 106 ? 18.393  8.023   19.509  1.00 41.02  ? 106 TYR B OH  1 
ATOM   1764 N  N   . GLY B 1 107 ? 16.501  1.998   22.028  1.00 40.95  ? 107 GLY B N   1 
ATOM   1765 C  CA  . GLY B 1 107 ? 16.361  2.458   23.395  1.00 42.13  ? 107 GLY B CA  1 
ATOM   1766 C  C   . GLY B 1 107 ? 17.375  1.835   24.324  1.00 42.51  ? 107 GLY B C   1 
ATOM   1767 O  O   . GLY B 1 107 ? 17.988  2.543   25.124  1.00 43.43  ? 107 GLY B O   1 
ATOM   1768 N  N   . ARG B 1 108 ? 17.544  0.517   24.221  1.00 42.49  ? 108 ARG B N   1 
ATOM   1769 C  CA  . ARG B 1 108 ? 18.501  -0.208  25.045  1.00 42.43  ? 108 ARG B CA  1 
ATOM   1770 C  C   . ARG B 1 108 ? 19.872  0.422   24.894  1.00 42.19  ? 108 ARG B C   1 
ATOM   1771 O  O   . ARG B 1 108 ? 20.428  0.955   25.854  1.00 43.13  ? 108 ARG B O   1 
ATOM   1772 C  CB  . ARG B 1 108 ? 18.578  -1.671  24.623  1.00 43.55  ? 108 ARG B CB  1 
ATOM   1773 C  CG  . ARG B 1 108 ? 17.325  -2.475  24.904  1.00 46.16  ? 108 ARG B CG  1 
ATOM   1774 C  CD  . ARG B 1 108 ? 17.512  -3.911  24.472  1.00 48.81  ? 108 ARG B CD  1 
ATOM   1775 N  NE  . ARG B 1 108 ? 16.262  -4.667  24.430  1.00 51.71  ? 108 ARG B NE  1 
ATOM   1776 C  CZ  . ARG B 1 108 ? 16.110  -5.802  23.750  1.00 52.93  ? 108 ARG B CZ  1 
ATOM   1777 N  NH1 . ARG B 1 108 ? 17.128  -6.309  23.056  1.00 51.68  ? 108 ARG B NH1 1 
ATOM   1778 N  NH2 . ARG B 1 108 ? 14.940  -6.429  23.762  1.00 53.64  ? 108 ARG B NH2 1 
ATOM   1779 N  N   . LEU B 1 109 ? 20.409  0.371   23.680  1.00 41.03  ? 109 LEU B N   1 
ATOM   1780 C  CA  . LEU B 1 109 ? 21.718  0.941   23.404  1.00 39.92  ? 109 LEU B CA  1 
ATOM   1781 C  C   . LEU B 1 109 ? 21.767  2.388   23.838  1.00 38.73  ? 109 LEU B C   1 
ATOM   1782 O  O   . LEU B 1 109 ? 22.749  2.846   24.396  1.00 38.74  ? 109 LEU B O   1 
ATOM   1783 C  CB  . LEU B 1 109 ? 22.044  0.870   21.911  1.00 40.73  ? 109 LEU B CB  1 
ATOM   1784 C  CG  . LEU B 1 109 ? 23.457  1.372   21.591  1.00 41.54  ? 109 LEU B CG  1 
ATOM   1785 C  CD1 . LEU B 1 109 ? 24.448  0.274   21.938  1.00 41.49  ? 109 LEU B CD1 1 
ATOM   1786 C  CD2 . LEU B 1 109 ? 23.582  1.762   20.125  1.00 40.87  ? 109 LEU B CD2 1 
ATOM   1787 N  N   . SER B 1 110 ? 20.699  3.116   23.576  1.00 38.78  ? 110 SER B N   1 
ATOM   1788 C  CA  . SER B 1 110 ? 20.663  4.514   23.940  1.00 41.47  ? 110 SER B CA  1 
ATOM   1789 C  C   . SER B 1 110 ? 20.826  4.778   25.437  1.00 42.21  ? 110 SER B C   1 
ATOM   1790 O  O   . SER B 1 110 ? 21.375  5.808   25.829  1.00 42.06  ? 110 SER B O   1 
ATOM   1791 C  CB  . SER B 1 110 ? 19.366  5.136   23.434  1.00 43.55  ? 110 SER B CB  1 
ATOM   1792 O  OG  . SER B 1 110 ? 19.352  5.152   22.015  1.00 45.07  ? 110 SER B OG  1 
ATOM   1793 N  N   . GLY B 1 111 ? 20.379  3.844   26.270  1.00 43.36  ? 111 GLY B N   1 
ATOM   1794 C  CA  . GLY B 1 111 ? 20.478  4.040   27.710  1.00 45.09  ? 111 GLY B CA  1 
ATOM   1795 C  C   . GLY B 1 111 ? 21.491  3.237   28.511  1.00 45.78  ? 111 GLY B C   1 
ATOM   1796 O  O   . GLY B 1 111 ? 21.156  2.689   29.559  1.00 47.01  ? 111 GLY B O   1 
HETATM 1797 N  N   . MSE B 1 112 ? 22.729  3.167   28.040  1.00 45.55  ? 112 MSE B N   1 
HETATM 1798 C  CA  . MSE B 1 112 ? 23.762  2.442   28.756  1.00 45.35  ? 112 MSE B CA  1 
HETATM 1799 C  C   . MSE B 1 112 ? 24.414  3.394   29.760  1.00 44.19  ? 112 MSE B C   1 
HETATM 1800 O  O   . MSE B 1 112 ? 24.570  4.567   29.477  1.00 44.50  ? 112 MSE B O   1 
HETATM 1801 C  CB  . MSE B 1 112 ? 24.780  1.887   27.760  1.00 48.22  ? 112 MSE B CB  1 
HETATM 1802 C  CG  . MSE B 1 112 ? 24.224  0.738   26.925  1.00 52.14  ? 112 MSE B CG  1 
HETATM 1803 SE SE  . MSE B 1 112 ? 25.550  -0.233  25.914  1.00 59.98  ? 112 MSE B SE  1 
HETATM 1804 C  CE  . MSE B 1 112 ? 26.819  -0.592  27.392  1.00 58.06  ? 112 MSE B CE  1 
ATOM   1805 N  N   . LEU B 1 113 ? 24.774  2.888   30.934  1.00 43.81  ? 113 LEU B N   1 
ATOM   1806 C  CA  . LEU B 1 113 ? 25.370  3.703   31.989  1.00 43.83  ? 113 LEU B CA  1 
ATOM   1807 C  C   . LEU B 1 113 ? 26.815  3.364   32.318  1.00 45.15  ? 113 LEU B C   1 
ATOM   1808 O  O   . LEU B 1 113 ? 27.502  4.124   32.992  1.00 46.30  ? 113 LEU B O   1 
ATOM   1809 C  CB  . LEU B 1 113 ? 24.562  3.560   33.273  1.00 41.64  ? 113 LEU B CB  1 
ATOM   1810 C  CG  . LEU B 1 113 ? 23.073  3.837   33.180  1.00 40.12  ? 113 LEU B CG  1 
ATOM   1811 C  CD1 . LEU B 1 113 ? 22.366  3.028   34.264  1.00 40.08  ? 113 LEU B CD1 1 
ATOM   1812 C  CD2 . LEU B 1 113 ? 22.814  5.323   33.313  1.00 39.64  ? 113 LEU B CD2 1 
ATOM   1813 N  N   . LEU B 1 114 ? 27.288  2.214   31.872  1.00 46.64  ? 114 LEU B N   1 
ATOM   1814 C  CA  . LEU B 1 114 ? 28.659  1.847   32.176  1.00 47.78  ? 114 LEU B CA  1 
ATOM   1815 C  C   . LEU B 1 114 ? 29.596  2.116   30.992  1.00 49.97  ? 114 LEU B C   1 
ATOM   1816 O  O   . LEU B 1 114 ? 30.811  1.983   31.121  1.00 51.10  ? 114 LEU B O   1 
ATOM   1817 C  CB  . LEU B 1 114 ? 28.693  0.379   32.599  1.00 46.13  ? 114 LEU B CB  1 
ATOM   1818 C  CG  . LEU B 1 114 ? 27.756  0.149   33.790  1.00 45.24  ? 114 LEU B CG  1 
ATOM   1819 C  CD1 . LEU B 1 114 ? 27.631  -1.328  34.158  1.00 44.03  ? 114 LEU B CD1 1 
ATOM   1820 C  CD2 . LEU B 1 114 ? 28.287  0.950   34.953  1.00 45.36  ? 114 LEU B CD2 1 
ATOM   1821 N  N   . VAL B 1 115 ? 29.022  2.535   29.863  1.00 51.58  ? 115 VAL B N   1 
ATOM   1822 C  CA  . VAL B 1 115 ? 29.798  2.829   28.666  1.00 52.63  ? 115 VAL B CA  1 
ATOM   1823 C  C   . VAL B 1 115 ? 30.955  3.763   28.892  1.00 52.83  ? 115 VAL B C   1 
ATOM   1824 O  O   . VAL B 1 115 ? 30.756  4.939   29.188  1.00 52.76  ? 115 VAL B O   1 
ATOM   1825 C  CB  . VAL B 1 115 ? 28.970  3.508   27.574  1.00 53.98  ? 115 VAL B CB  1 
ATOM   1826 C  CG1 . VAL B 1 115 ? 28.757  2.543   26.441  1.00 55.24  ? 115 VAL B CG1 1 
ATOM   1827 C  CG2 . VAL B 1 115 ? 27.649  3.995   28.159  1.00 57.55  ? 115 VAL B CG2 1 
ATOM   1828 N  N   . PRO B 1 116 ? 32.187  3.265   28.724  1.00 53.18  ? 116 PRO B N   1 
ATOM   1829 C  CA  . PRO B 1 116 ? 33.375  4.099   28.908  1.00 53.23  ? 116 PRO B CA  1 
ATOM   1830 C  C   . PRO B 1 116 ? 33.439  5.124   27.769  1.00 54.02  ? 116 PRO B C   1 
ATOM   1831 O  O   . PRO B 1 116 ? 32.436  5.408   27.116  1.00 54.34  ? 116 PRO B O   1 
ATOM   1832 C  CB  . PRO B 1 116 ? 34.500  3.074   28.857  1.00 52.81  ? 116 PRO B CB  1 
ATOM   1833 C  CG  . PRO B 1 116 ? 33.978  2.062   27.884  1.00 52.21  ? 116 PRO B CG  1 
ATOM   1834 C  CD  . PRO B 1 116 ? 32.560  1.889   28.352  1.00 52.48  ? 116 PRO B CD  1 
ATOM   1835 N  N   . ASP B 1 117 ? 34.604  5.706   27.544  1.00 54.77  ? 117 ASP B N   1 
ATOM   1836 C  CA  . ASP B 1 117 ? 34.718  6.649   26.452  1.00 57.68  ? 117 ASP B CA  1 
ATOM   1837 C  C   . ASP B 1 117 ? 36.087  6.704   25.818  1.00 59.57  ? 117 ASP B C   1 
ATOM   1838 O  O   . ASP B 1 117 ? 36.218  7.141   24.670  1.00 60.28  ? 117 ASP B O   1 
ATOM   1839 C  CB  . ASP B 1 117 ? 34.251  8.095   26.795  1.00 58.53  ? 117 ASP B CB  1 
ATOM   1840 C  CG  . ASP B 1 117 ? 34.309  8.411   28.265  1.00 58.43  ? 117 ASP B CG  1 
ATOM   1841 O  OD1 . ASP B 1 117 ? 35.167  7.816   28.972  1.00 61.08  ? 117 ASP B OD1 1 
ATOM   1842 O  OD2 . ASP B 1 117 ? 33.519  9.272   28.730  1.00 56.83  ? 117 ASP B OD2 1 
ATOM   1843 N  N   . ALA B 1 118 ? 37.126  6.301   26.528  1.00 61.31  ? 118 ALA B N   1 
ATOM   1844 C  CA  . ALA B 1 118 ? 38.444  6.296   25.875  1.00 63.56  ? 118 ALA B CA  1 
ATOM   1845 C  C   . ALA B 1 118 ? 38.904  4.825   25.791  1.00 64.63  ? 118 ALA B C   1 
ATOM   1846 O  O   . ALA B 1 118 ? 38.061  3.926   26.124  1.00 64.35  ? 118 ALA B O   1 
ATOM   1847 C  CB  . ALA B 1 118 ? 39.476  7.170   26.666  1.00 63.63  ? 118 ALA B CB  1 
# 
